data_8HCS
# 
_entry.id   8HCS 
# 
_audit_conform.dict_name       mmcif_pdbx.dic 
_audit_conform.dict_version    5.398 
_audit_conform.dict_location   http://mmcif.pdb.org/dictionaries/ascii/mmcif_pdbx.dic 
# 
loop_
_database_2.database_id 
_database_2.database_code 
_database_2.pdbx_database_accession 
_database_2.pdbx_DOI 
PDB   8HCS         pdb_00008hcs 10.2210/pdb8hcs/pdb 
WWPDB D_1300033327 ?            ?                   
# 
loop_
_pdbx_audit_revision_history.ordinal 
_pdbx_audit_revision_history.data_content_type 
_pdbx_audit_revision_history.major_revision 
_pdbx_audit_revision_history.minor_revision 
_pdbx_audit_revision_history.revision_date 
1 'Structure model' 1 0 2024-05-15 
2 'Structure model' 1 1 2024-08-07 
3 'Structure model' 1 2 2024-09-04 
4 'Structure model' 1 3 2024-11-06 
# 
_pdbx_audit_revision_details.ordinal             1 
_pdbx_audit_revision_details.revision_ordinal    1 
_pdbx_audit_revision_details.data_content_type   'Structure model' 
_pdbx_audit_revision_details.provider            repository 
_pdbx_audit_revision_details.type                'Initial release' 
_pdbx_audit_revision_details.description         ? 
_pdbx_audit_revision_details.details             ? 
# 
loop_
_pdbx_audit_revision_group.ordinal 
_pdbx_audit_revision_group.revision_ordinal 
_pdbx_audit_revision_group.data_content_type 
_pdbx_audit_revision_group.group 
1 2 'Structure model' 'Database references' 
2 3 'Structure model' 'Database references' 
3 4 'Structure model' 'Structure summary'   
# 
loop_
_pdbx_audit_revision_category.ordinal 
_pdbx_audit_revision_category.revision_ordinal 
_pdbx_audit_revision_category.data_content_type 
_pdbx_audit_revision_category.category 
1 2 'Structure model' citation                  
2 2 'Structure model' citation_author           
3 3 'Structure model' citation                  
4 4 'Structure model' pdbx_entry_details        
5 4 'Structure model' pdbx_modification_feature 
# 
loop_
_pdbx_audit_revision_item.ordinal 
_pdbx_audit_revision_item.revision_ordinal 
_pdbx_audit_revision_item.data_content_type 
_pdbx_audit_revision_item.item 
1  2 'Structure model' '_citation.country'                 
2  2 'Structure model' '_citation.journal_abbrev'          
3  2 'Structure model' '_citation.journal_id_CSD'          
4  2 'Structure model' '_citation.journal_id_ISSN'         
5  2 'Structure model' '_citation.pdbx_database_id_DOI'    
6  2 'Structure model' '_citation.pdbx_database_id_PubMed' 
7  2 'Structure model' '_citation.title'                   
8  2 'Structure model' '_citation.year'                    
9  3 'Structure model' '_citation.journal_volume'          
10 3 'Structure model' '_citation.page_first'              
11 3 'Structure model' '_citation.page_last'               
# 
_pdbx_database_status.status_code                     REL 
_pdbx_database_status.status_code_sf                  REL 
_pdbx_database_status.status_code_mr                  ? 
_pdbx_database_status.entry_id                        8HCS 
_pdbx_database_status.recvd_initial_deposition_date   2022-11-03 
_pdbx_database_status.SG_entry                        N 
_pdbx_database_status.deposit_site                    PDBJ 
_pdbx_database_status.process_site                    RCSB 
_pdbx_database_status.status_code_cs                  ? 
_pdbx_database_status.status_code_nmr_data            ? 
_pdbx_database_status.methods_development_category    ? 
_pdbx_database_status.pdb_format_compatible           Y 
# 
_pdbx_contact_author.id                 2 
_pdbx_contact_author.email              ouyangsy@fjnu.edu.cn 
_pdbx_contact_author.name_first         Ouyang 
_pdbx_contact_author.name_last          Songying 
_pdbx_contact_author.name_mi            ? 
_pdbx_contact_author.role               'principal investigator/group leader' 
_pdbx_contact_author.identifier_ORCID   0000-0002-1120-1524 
# 
loop_
_audit_author.name 
_audit_author.pdbx_ordinal 
_audit_author.identifier_ORCID 
'Wang, Z.X.'   1 ? 
'Zhang, Y.A.'  2 ? 
'Ouyang, S.Y.' 3 ? 
# 
_citation.abstract                  ? 
_citation.abstract_id_CAS           ? 
_citation.book_id_ISBN              ? 
_citation.book_publisher            ? 
_citation.book_publisher_city       ? 
_citation.book_title                ? 
_citation.coordinate_linkage        ? 
_citation.country                   US 
_citation.database_id_Medline       ? 
_citation.details                   ? 
_citation.id                        primary 
_citation.journal_abbrev            'J Immunol.' 
_citation.journal_id_ASTM           ? 
_citation.journal_id_CSD            ? 
_citation.journal_id_ISSN           1550-6606 
_citation.journal_full              ? 
_citation.journal_issue             ? 
_citation.journal_volume            213 
_citation.language                  ? 
_citation.page_first                743 
_citation.page_last                 752 
_citation.title                     
'Crystal Structures of DNA-bound Fish IRF10 and IRF11 Reveal the Determinants of IFN Regulation.' 
_citation.year                      2024 
_citation.database_id_CSD           ? 
_citation.pdbx_database_id_DOI      10.4049/jimmunol.2300414 
_citation.pdbx_database_id_PubMed   39058321 
_citation.pdbx_database_id_patent   ? 
_citation.unpublished_flag          ? 
# 
loop_
_citation_author.citation_id 
_citation_author.name 
_citation_author.ordinal 
_citation_author.identifier_ORCID 
primary 'Wang, Z.X.'  1 ?                   
primary 'Liu, B.'     2 0009-0008-6332-9125 
primary 'Xie, H.'     3 ?                   
primary 'Liu, X.'     4 ?                   
primary 'Li, X.'      5 ?                   
primary 'Shi, F.'     6 ?                   
primary 'Ouyang, S.'  7 0000-0002-1120-1524 
primary 'Zhang, Y.A.' 8 0000-0002-9956-3879 
# 
loop_
_entity.id 
_entity.type 
_entity.src_method 
_entity.pdbx_description 
_entity.formula_weight 
_entity.pdbx_number_of_molecules 
_entity.pdbx_ec 
_entity.pdbx_mutation 
_entity.pdbx_fragment 
_entity.details 
1 polymer man 'Interferon regulatory factor' 13272.211 1 ? ? ? ? 
2 water   nat water                          18.015    1 ? ? ? ? 
# 
_entity_poly.entity_id                      1 
_entity_poly.type                           'polypeptide(L)' 
_entity_poly.nstd_linkage                   no 
_entity_poly.nstd_monomer                   no 
_entity_poly.pdbx_seq_one_letter_code       
;MHQGRLRLRPWLEEQIQSGRYPGVQWLDQSARVFQIPWKHAARHGWNIDKDATLFRNWAIHTGRYKPGIDKPDPKTWKAN
FRCALNSLTDVKELQDRSIKKGHNAFRVYALL
;
_entity_poly.pdbx_seq_one_letter_code_can   
;MHQGRLRLRPWLEEQIQSGRYPGVQWLDQSARVFQIPWKHAARHGWNIDKDATLFRNWAIHTGRYKPGIDKPDPKTWKAN
FRCALNSLTDVKELQDRSIKKGHNAFRVYALL
;
_entity_poly.pdbx_strand_id                 A 
_entity_poly.pdbx_target_identifier         ? 
# 
_pdbx_entity_nonpoly.entity_id   2 
_pdbx_entity_nonpoly.name        water 
_pdbx_entity_nonpoly.comp_id     HOH 
# 
loop_
_entity_poly_seq.entity_id 
_entity_poly_seq.num 
_entity_poly_seq.mon_id 
_entity_poly_seq.hetero 
1 1   MET n 
1 2   HIS n 
1 3   GLN n 
1 4   GLY n 
1 5   ARG n 
1 6   LEU n 
1 7   ARG n 
1 8   LEU n 
1 9   ARG n 
1 10  PRO n 
1 11  TRP n 
1 12  LEU n 
1 13  GLU n 
1 14  GLU n 
1 15  GLN n 
1 16  ILE n 
1 17  GLN n 
1 18  SER n 
1 19  GLY n 
1 20  ARG n 
1 21  TYR n 
1 22  PRO n 
1 23  GLY n 
1 24  VAL n 
1 25  GLN n 
1 26  TRP n 
1 27  LEU n 
1 28  ASP n 
1 29  GLN n 
1 30  SER n 
1 31  ALA n 
1 32  ARG n 
1 33  VAL n 
1 34  PHE n 
1 35  GLN n 
1 36  ILE n 
1 37  PRO n 
1 38  TRP n 
1 39  LYS n 
1 40  HIS n 
1 41  ALA n 
1 42  ALA n 
1 43  ARG n 
1 44  HIS n 
1 45  GLY n 
1 46  TRP n 
1 47  ASN n 
1 48  ILE n 
1 49  ASP n 
1 50  LYS n 
1 51  ASP n 
1 52  ALA n 
1 53  THR n 
1 54  LEU n 
1 55  PHE n 
1 56  ARG n 
1 57  ASN n 
1 58  TRP n 
1 59  ALA n 
1 60  ILE n 
1 61  HIS n 
1 62  THR n 
1 63  GLY n 
1 64  ARG n 
1 65  TYR n 
1 66  LYS n 
1 67  PRO n 
1 68  GLY n 
1 69  ILE n 
1 70  ASP n 
1 71  LYS n 
1 72  PRO n 
1 73  ASP n 
1 74  PRO n 
1 75  LYS n 
1 76  THR n 
1 77  TRP n 
1 78  LYS n 
1 79  ALA n 
1 80  ASN n 
1 81  PHE n 
1 82  ARG n 
1 83  CYS n 
1 84  ALA n 
1 85  LEU n 
1 86  ASN n 
1 87  SER n 
1 88  LEU n 
1 89  THR n 
1 90  ASP n 
1 91  VAL n 
1 92  LYS n 
1 93  GLU n 
1 94  LEU n 
1 95  GLN n 
1 96  ASP n 
1 97  ARG n 
1 98  SER n 
1 99  ILE n 
1 100 LYS n 
1 101 LYS n 
1 102 GLY n 
1 103 HIS n 
1 104 ASN n 
1 105 ALA n 
1 106 PHE n 
1 107 ARG n 
1 108 VAL n 
1 109 TYR n 
1 110 ALA n 
1 111 LEU n 
1 112 LEU n 
# 
_entity_src_gen.entity_id                          1 
_entity_src_gen.pdbx_src_id                        1 
_entity_src_gen.pdbx_alt_source_flag               sample 
_entity_src_gen.pdbx_seq_type                      'Biological sequence' 
_entity_src_gen.pdbx_beg_seq_num                   1 
_entity_src_gen.pdbx_end_seq_num                   112 
_entity_src_gen.gene_src_common_name               zebrafish 
_entity_src_gen.gene_src_genus                     ? 
_entity_src_gen.pdbx_gene_src_gene                 'IRF11, irf1, zgc:136945, irf1a' 
_entity_src_gen.gene_src_species                   ? 
_entity_src_gen.gene_src_strain                    ? 
_entity_src_gen.gene_src_tissue                    ? 
_entity_src_gen.gene_src_tissue_fraction           ? 
_entity_src_gen.gene_src_details                   ? 
_entity_src_gen.pdbx_gene_src_fragment             ? 
_entity_src_gen.pdbx_gene_src_scientific_name      'Danio rerio' 
_entity_src_gen.pdbx_gene_src_ncbi_taxonomy_id     7955 
_entity_src_gen.pdbx_gene_src_variant              ? 
_entity_src_gen.pdbx_gene_src_cell_line            ? 
_entity_src_gen.pdbx_gene_src_atcc                 ? 
_entity_src_gen.pdbx_gene_src_organ                ? 
_entity_src_gen.pdbx_gene_src_organelle            ? 
_entity_src_gen.pdbx_gene_src_cell                 ? 
_entity_src_gen.pdbx_gene_src_cellular_location    ? 
_entity_src_gen.host_org_common_name               ? 
_entity_src_gen.pdbx_host_org_scientific_name      'Escherichia coli' 
_entity_src_gen.pdbx_host_org_ncbi_taxonomy_id     562 
_entity_src_gen.host_org_genus                     ? 
_entity_src_gen.pdbx_host_org_gene                 ? 
_entity_src_gen.pdbx_host_org_organ                ? 
_entity_src_gen.host_org_species                   ? 
_entity_src_gen.pdbx_host_org_tissue               ? 
_entity_src_gen.pdbx_host_org_tissue_fraction      ? 
_entity_src_gen.pdbx_host_org_strain               ? 
_entity_src_gen.pdbx_host_org_variant              ? 
_entity_src_gen.pdbx_host_org_cell_line            ? 
_entity_src_gen.pdbx_host_org_atcc                 ? 
_entity_src_gen.pdbx_host_org_culture_collection   ? 
_entity_src_gen.pdbx_host_org_cell                 ? 
_entity_src_gen.pdbx_host_org_organelle            ? 
_entity_src_gen.pdbx_host_org_cellular_location    ? 
_entity_src_gen.pdbx_host_org_vector_type          ? 
_entity_src_gen.pdbx_host_org_vector               ? 
_entity_src_gen.host_org_details                   ? 
_entity_src_gen.expression_system_id               ? 
_entity_src_gen.plasmid_name                       ? 
_entity_src_gen.plasmid_details                    ? 
_entity_src_gen.pdbx_description                   ? 
# 
loop_
_chem_comp.id 
_chem_comp.type 
_chem_comp.mon_nstd_flag 
_chem_comp.name 
_chem_comp.pdbx_synonyms 
_chem_comp.formula 
_chem_comp.formula_weight 
ALA 'L-peptide linking' y ALANINE         ? 'C3 H7 N O2'     89.093  
ARG 'L-peptide linking' y ARGININE        ? 'C6 H15 N4 O2 1' 175.209 
ASN 'L-peptide linking' y ASPARAGINE      ? 'C4 H8 N2 O3'    132.118 
ASP 'L-peptide linking' y 'ASPARTIC ACID' ? 'C4 H7 N O4'     133.103 
CYS 'L-peptide linking' y CYSTEINE        ? 'C3 H7 N O2 S'   121.158 
GLN 'L-peptide linking' y GLUTAMINE       ? 'C5 H10 N2 O3'   146.144 
GLU 'L-peptide linking' y 'GLUTAMIC ACID' ? 'C5 H9 N O4'     147.129 
GLY 'peptide linking'   y GLYCINE         ? 'C2 H5 N O2'     75.067  
HIS 'L-peptide linking' y HISTIDINE       ? 'C6 H10 N3 O2 1' 156.162 
HOH non-polymer         . WATER           ? 'H2 O'           18.015  
ILE 'L-peptide linking' y ISOLEUCINE      ? 'C6 H13 N O2'    131.173 
LEU 'L-peptide linking' y LEUCINE         ? 'C6 H13 N O2'    131.173 
LYS 'L-peptide linking' y LYSINE          ? 'C6 H15 N2 O2 1' 147.195 
MET 'L-peptide linking' y METHIONINE      ? 'C5 H11 N O2 S'  149.211 
PHE 'L-peptide linking' y PHENYLALANINE   ? 'C9 H11 N O2'    165.189 
PRO 'L-peptide linking' y PROLINE         ? 'C5 H9 N O2'     115.130 
SER 'L-peptide linking' y SERINE          ? 'C3 H7 N O3'     105.093 
THR 'L-peptide linking' y THREONINE       ? 'C4 H9 N O3'     119.119 
TRP 'L-peptide linking' y TRYPTOPHAN      ? 'C11 H12 N2 O2'  204.225 
TYR 'L-peptide linking' y TYROSINE        ? 'C9 H11 N O3'    181.189 
VAL 'L-peptide linking' y VALINE          ? 'C5 H11 N O2'    117.146 
# 
loop_
_pdbx_poly_seq_scheme.asym_id 
_pdbx_poly_seq_scheme.entity_id 
_pdbx_poly_seq_scheme.seq_id 
_pdbx_poly_seq_scheme.mon_id 
_pdbx_poly_seq_scheme.ndb_seq_num 
_pdbx_poly_seq_scheme.pdb_seq_num 
_pdbx_poly_seq_scheme.auth_seq_num 
_pdbx_poly_seq_scheme.pdb_mon_id 
_pdbx_poly_seq_scheme.auth_mon_id 
_pdbx_poly_seq_scheme.pdb_strand_id 
_pdbx_poly_seq_scheme.pdb_ins_code 
_pdbx_poly_seq_scheme.hetero 
A 1 1   MET 1   -5  ?   ?   ?   A . n 
A 1 2   HIS 2   -4  ?   ?   ?   A . n 
A 1 3   GLN 3   -3  ?   ?   ?   A . n 
A 1 4   GLY 4   -2  ?   ?   ?   A . n 
A 1 5   ARG 5   -1  ?   ?   ?   A . n 
A 1 6   LEU 6   0   ?   ?   ?   A . n 
A 1 7   ARG 7   1   1   ARG ARG A . n 
A 1 8   LEU 8   2   2   LEU LEU A . n 
A 1 9   ARG 9   3   3   ARG ARG A . n 
A 1 10  PRO 10  4   4   PRO PRO A . n 
A 1 11  TRP 11  5   5   TRP TRP A . n 
A 1 12  LEU 12  6   6   LEU LEU A . n 
A 1 13  GLU 13  7   7   GLU GLU A . n 
A 1 14  GLU 14  8   8   GLU GLU A . n 
A 1 15  GLN 15  9   9   GLN GLN A . n 
A 1 16  ILE 16  10  10  ILE ILE A . n 
A 1 17  GLN 17  11  11  GLN GLN A . n 
A 1 18  SER 18  12  12  SER SER A . n 
A 1 19  GLY 19  13  13  GLY GLY A . n 
A 1 20  ARG 20  14  14  ARG ARG A . n 
A 1 21  TYR 21  15  15  TYR TYR A . n 
A 1 22  PRO 22  16  16  PRO PRO A . n 
A 1 23  GLY 23  17  17  GLY GLY A . n 
A 1 24  VAL 24  18  18  VAL VAL A . n 
A 1 25  GLN 25  19  19  GLN GLN A . n 
A 1 26  TRP 26  20  20  TRP TRP A . n 
A 1 27  LEU 27  21  21  LEU LEU A . n 
A 1 28  ASP 28  22  22  ASP ASP A . n 
A 1 29  GLN 29  23  23  GLN GLN A . n 
A 1 30  SER 30  24  24  SER SER A . n 
A 1 31  ALA 31  25  25  ALA ALA A . n 
A 1 32  ARG 32  26  26  ARG ARG A . n 
A 1 33  VAL 33  27  27  VAL VAL A . n 
A 1 34  PHE 34  28  28  PHE PHE A . n 
A 1 35  GLN 35  29  29  GLN GLN A . n 
A 1 36  ILE 36  30  30  ILE ILE A . n 
A 1 37  PRO 37  31  31  PRO PRO A . n 
A 1 38  TRP 38  32  32  TRP TRP A . n 
A 1 39  LYS 39  33  33  LYS LYS A . n 
A 1 40  HIS 40  34  ?   ?   ?   A . n 
A 1 41  ALA 41  35  ?   ?   ?   A . n 
A 1 42  ALA 42  36  ?   ?   ?   A . n 
A 1 43  ARG 43  37  ?   ?   ?   A . n 
A 1 44  HIS 44  38  ?   ?   ?   A . n 
A 1 45  GLY 45  39  ?   ?   ?   A . n 
A 1 46  TRP 46  40  ?   ?   ?   A . n 
A 1 47  ASN 47  41  41  ASN ASN A . n 
A 1 48  ILE 48  42  42  ILE ILE A . n 
A 1 49  ASP 49  43  43  ASP ASP A . n 
A 1 50  LYS 50  44  44  LYS LYS A . n 
A 1 51  ASP 51  45  45  ASP ASP A . n 
A 1 52  ALA 52  46  46  ALA ALA A . n 
A 1 53  THR 53  47  47  THR THR A . n 
A 1 54  LEU 54  48  48  LEU LEU A . n 
A 1 55  PHE 55  49  49  PHE PHE A . n 
A 1 56  ARG 56  50  50  ARG ARG A . n 
A 1 57  ASN 57  51  51  ASN ASN A . n 
A 1 58  TRP 58  52  52  TRP TRP A . n 
A 1 59  ALA 59  53  53  ALA ALA A . n 
A 1 60  ILE 60  54  54  ILE ILE A . n 
A 1 61  HIS 61  55  55  HIS HIS A . n 
A 1 62  THR 62  56  56  THR THR A . n 
A 1 63  GLY 63  57  57  GLY GLY A . n 
A 1 64  ARG 64  58  58  ARG ARG A . n 
A 1 65  TYR 65  59  59  TYR TYR A . n 
A 1 66  LYS 66  60  60  LYS LYS A . n 
A 1 67  PRO 67  61  61  PRO PRO A . n 
A 1 68  GLY 68  62  62  GLY GLY A . n 
A 1 69  ILE 69  63  63  ILE ILE A . n 
A 1 70  ASP 70  64  64  ASP ASP A . n 
A 1 71  LYS 71  65  65  LYS LYS A . n 
A 1 72  PRO 72  66  66  PRO PRO A . n 
A 1 73  ASP 73  67  67  ASP ASP A . n 
A 1 74  PRO 74  68  68  PRO PRO A . n 
A 1 75  LYS 75  69  69  LYS LYS A . n 
A 1 76  THR 76  70  70  THR THR A . n 
A 1 77  TRP 77  71  71  TRP TRP A . n 
A 1 78  LYS 78  72  72  LYS LYS A . n 
A 1 79  ALA 79  73  73  ALA ALA A . n 
A 1 80  ASN 80  74  74  ASN ASN A . n 
A 1 81  PHE 81  75  75  PHE PHE A . n 
A 1 82  ARG 82  76  76  ARG ARG A . n 
A 1 83  CYS 83  77  77  CYS CYS A . n 
A 1 84  ALA 84  78  78  ALA ALA A . n 
A 1 85  LEU 85  79  79  LEU LEU A . n 
A 1 86  ASN 86  80  80  ASN ASN A . n 
A 1 87  SER 87  81  81  SER SER A . n 
A 1 88  LEU 88  82  82  LEU LEU A . n 
A 1 89  THR 89  83  83  THR THR A . n 
A 1 90  ASP 90  84  84  ASP ASP A . n 
A 1 91  VAL 91  85  85  VAL VAL A . n 
A 1 92  LYS 92  86  86  LYS LYS A . n 
A 1 93  GLU 93  87  87  GLU GLU A . n 
A 1 94  LEU 94  88  88  LEU LEU A . n 
A 1 95  GLN 95  89  89  GLN GLN A . n 
A 1 96  ASP 96  90  90  ASP ASP A . n 
A 1 97  ARG 97  91  ?   ?   ?   A . n 
A 1 98  SER 98  92  ?   ?   ?   A . n 
A 1 99  ILE 99  93  ?   ?   ?   A . n 
A 1 100 LYS 100 94  ?   ?   ?   A . n 
A 1 101 LYS 101 95  ?   ?   ?   A . n 
A 1 102 GLY 102 96  ?   ?   ?   A . n 
A 1 103 HIS 103 97  ?   ?   ?   A . n 
A 1 104 ASN 104 98  ?   ?   ?   A . n 
A 1 105 ALA 105 99  99  ALA ALA A . n 
A 1 106 PHE 106 100 100 PHE PHE A . n 
A 1 107 ARG 107 101 101 ARG ARG A . n 
A 1 108 VAL 108 102 102 VAL VAL A . n 
A 1 109 TYR 109 103 103 TYR TYR A . n 
A 1 110 ALA 110 104 104 ALA ALA A . n 
A 1 111 LEU 111 105 105 LEU LEU A . n 
A 1 112 LEU 112 106 106 LEU LEU A . n 
# 
_pdbx_nonpoly_scheme.asym_id         B 
_pdbx_nonpoly_scheme.entity_id       2 
_pdbx_nonpoly_scheme.mon_id          HOH 
_pdbx_nonpoly_scheme.ndb_seq_num     1 
_pdbx_nonpoly_scheme.pdb_seq_num     201 
_pdbx_nonpoly_scheme.auth_seq_num    1 
_pdbx_nonpoly_scheme.pdb_mon_id      HOH 
_pdbx_nonpoly_scheme.auth_mon_id     HOH 
_pdbx_nonpoly_scheme.pdb_strand_id   A 
_pdbx_nonpoly_scheme.pdb_ins_code    . 
# 
loop_
_software.citation_id 
_software.classification 
_software.compiler_name 
_software.compiler_version 
_software.contact_author 
_software.contact_author_email 
_software.date 
_software.description 
_software.dependencies 
_software.hardware 
_software.language 
_software.location 
_software.mods 
_software.name 
_software.os 
_software.os_version 
_software.type 
_software.version 
_software.pdbx_ordinal 
? refinement       ? ? ? ? ? ? ? ? ? ? ? PHENIX   ? ? ? 1.19.2_4158 1 
? 'data reduction' ? ? ? ? ? ? ? ? ? ? ? HKL-2000 ? ? ? .           2 
? phasing          ? ? ? ? ? ? ? ? ? ? ? PHENIX   ? ? ? 1.19.2_4158 3 
? 'data scaling'   ? ? ? ? ? ? ? ? ? ? ? HKL-2000 ? ? ? .           4 
# 
_cell.angle_alpha                  90.000 
_cell.angle_alpha_esd              ? 
_cell.angle_beta                   90.000 
_cell.angle_beta_esd               ? 
_cell.angle_gamma                  90.000 
_cell.angle_gamma_esd              ? 
_cell.entry_id                     8HCS 
_cell.details                      ? 
_cell.formula_units_Z              ? 
_cell.length_a                     101.324 
_cell.length_a_esd                 ? 
_cell.length_b                     101.324 
_cell.length_b_esd                 ? 
_cell.length_c                     101.324 
_cell.length_c_esd                 ? 
_cell.volume                       1040248.214 
_cell.volume_esd                   ? 
_cell.Z_PDB                        24 
_cell.reciprocal_angle_alpha       ? 
_cell.reciprocal_angle_beta        ? 
_cell.reciprocal_angle_gamma       ? 
_cell.reciprocal_angle_alpha_esd   ? 
_cell.reciprocal_angle_beta_esd    ? 
_cell.reciprocal_angle_gamma_esd   ? 
_cell.reciprocal_length_a          ? 
_cell.reciprocal_length_b          ? 
_cell.reciprocal_length_c          ? 
_cell.reciprocal_length_a_esd      ? 
_cell.reciprocal_length_b_esd      ? 
_cell.reciprocal_length_c_esd      ? 
_cell.pdbx_unique_axis             ? 
_cell.pdbx_esd_method              ? 
# 
_symmetry.entry_id                         8HCS 
_symmetry.cell_setting                     ? 
_symmetry.Int_Tables_number                212 
_symmetry.space_group_name_Hall            'P 4acd 2ab 3' 
_symmetry.space_group_name_H-M             'P 43 3 2' 
_symmetry.pdbx_full_space_group_name_H-M   ? 
# 
_exptl.absorpt_coefficient_mu     ? 
_exptl.absorpt_correction_T_max   ? 
_exptl.absorpt_correction_T_min   ? 
_exptl.absorpt_correction_type    ? 
_exptl.absorpt_process_details    ? 
_exptl.entry_id                   8HCS 
_exptl.crystals_number            1 
_exptl.details                    ? 
_exptl.method                     'X-RAY DIFFRACTION' 
_exptl.method_details             ? 
# 
_exptl_crystal.colour                       ? 
_exptl_crystal.density_diffrn               ? 
_exptl_crystal.density_Matthews             3.45 
_exptl_crystal.density_method               ? 
_exptl_crystal.density_percent_sol          64.3 
_exptl_crystal.description                  ? 
_exptl_crystal.F_000                        ? 
_exptl_crystal.id                           1 
_exptl_crystal.preparation                  ? 
_exptl_crystal.size_max                     ? 
_exptl_crystal.size_mid                     ? 
_exptl_crystal.size_min                     ? 
_exptl_crystal.size_rad                     ? 
_exptl_crystal.colour_lustre                ? 
_exptl_crystal.colour_modifier              ? 
_exptl_crystal.colour_primary               ? 
_exptl_crystal.density_meas                 ? 
_exptl_crystal.density_meas_esd             ? 
_exptl_crystal.density_meas_gt              ? 
_exptl_crystal.density_meas_lt              ? 
_exptl_crystal.density_meas_temp            ? 
_exptl_crystal.density_meas_temp_esd        ? 
_exptl_crystal.density_meas_temp_gt         ? 
_exptl_crystal.density_meas_temp_lt         ? 
_exptl_crystal.pdbx_crystal_image_url       ? 
_exptl_crystal.pdbx_crystal_image_format    ? 
_exptl_crystal.pdbx_mosaicity               ? 
_exptl_crystal.pdbx_mosaicity_esd           ? 
_exptl_crystal.pdbx_mosaic_method           ? 
_exptl_crystal.pdbx_mosaic_block_size       ? 
_exptl_crystal.pdbx_mosaic_block_size_esd   ? 
# 
_exptl_crystal_grow.apparatus       ? 
_exptl_crystal_grow.atmosphere      ? 
_exptl_crystal_grow.crystal_id      1 
_exptl_crystal_grow.details         ? 
_exptl_crystal_grow.method          'VAPOR DIFFUSION, SITTING DROP' 
_exptl_crystal_grow.method_ref      ? 
_exptl_crystal_grow.pH              ? 
_exptl_crystal_grow.pressure        ? 
_exptl_crystal_grow.pressure_esd    ? 
_exptl_crystal_grow.seeding         ? 
_exptl_crystal_grow.seeding_ref     ? 
_exptl_crystal_grow.temp_details    ? 
_exptl_crystal_grow.temp_esd        ? 
_exptl_crystal_grow.time            ? 
_exptl_crystal_grow.pdbx_details    '1.26 M sodium phosphate monobasic, 0.14 M potassium phosphate dibasic, pH 5.6' 
_exptl_crystal_grow.pdbx_pH_range   ? 
_exptl_crystal_grow.temp            289.15 
# 
_diffrn.ambient_environment              ? 
_diffrn.ambient_temp                     298.15 
_diffrn.ambient_temp_details             ? 
_diffrn.ambient_temp_esd                 ? 
_diffrn.crystal_id                       1 
_diffrn.crystal_support                  ? 
_diffrn.crystal_treatment                ? 
_diffrn.details                          ? 
_diffrn.id                               1 
_diffrn.ambient_pressure                 ? 
_diffrn.ambient_pressure_esd             ? 
_diffrn.ambient_pressure_gt              ? 
_diffrn.ambient_pressure_lt              ? 
_diffrn.ambient_temp_gt                  ? 
_diffrn.ambient_temp_lt                  ? 
_diffrn.pdbx_serial_crystal_experiment   N 
# 
_diffrn_detector.details                      ? 
_diffrn_detector.detector                     CCD 
_diffrn_detector.diffrn_id                    1 
_diffrn_detector.type                         'ADSC QUANTUM 315r' 
_diffrn_detector.area_resol_mean              ? 
_diffrn_detector.dtime                        ? 
_diffrn_detector.pdbx_frames_total            ? 
_diffrn_detector.pdbx_collection_time_total   ? 
_diffrn_detector.pdbx_collection_date         2020-10-26 
_diffrn_detector.pdbx_frequency               ? 
_diffrn_detector.id                           ? 
_diffrn_detector.number_of_axes               ? 
# 
_diffrn_radiation.collimation                      ? 
_diffrn_radiation.diffrn_id                        1 
_diffrn_radiation.filter_edge                      ? 
_diffrn_radiation.inhomogeneity                    ? 
_diffrn_radiation.monochromator                    ? 
_diffrn_radiation.polarisn_norm                    ? 
_diffrn_radiation.polarisn_ratio                   ? 
_diffrn_radiation.probe                            ? 
_diffrn_radiation.type                             ? 
_diffrn_radiation.xray_symbol                      ? 
_diffrn_radiation.wavelength_id                    1 
_diffrn_radiation.pdbx_monochromatic_or_laue_m_l   M 
_diffrn_radiation.pdbx_wavelength_list             ? 
_diffrn_radiation.pdbx_wavelength                  ? 
_diffrn_radiation.pdbx_diffrn_protocol             MAD 
_diffrn_radiation.pdbx_analyzer                    ? 
_diffrn_radiation.pdbx_scattering_type             x-ray 
# 
_diffrn_radiation_wavelength.id           1 
_diffrn_radiation_wavelength.wavelength   0.9791 
_diffrn_radiation_wavelength.wt           1.0 
# 
_diffrn_source.current                     ? 
_diffrn_source.details                     ? 
_diffrn_source.diffrn_id                   1 
_diffrn_source.power                       ? 
_diffrn_source.size                        ? 
_diffrn_source.source                      SYNCHROTRON 
_diffrn_source.target                      ? 
_diffrn_source.type                        'SSRF BEAMLINE BL17U1' 
_diffrn_source.voltage                     ? 
_diffrn_source.take-off_angle              ? 
_diffrn_source.pdbx_wavelength_list        0.9791 
_diffrn_source.pdbx_wavelength             ? 
_diffrn_source.pdbx_synchrotron_beamline   BL17U1 
_diffrn_source.pdbx_synchrotron_site       SSRF 
# 
_reflns.B_iso_Wilson_estimate                          95.93 
_reflns.entry_id                                       8HCS 
_reflns.data_reduction_details                         ? 
_reflns.data_reduction_method                          ? 
_reflns.d_resolution_high                              2.55 
_reflns.d_resolution_low                               24.57 
_reflns.details                                        ? 
_reflns.limit_h_max                                    ? 
_reflns.limit_h_min                                    ? 
_reflns.limit_k_max                                    ? 
_reflns.limit_k_min                                    ? 
_reflns.limit_l_max                                    ? 
_reflns.limit_l_min                                    ? 
_reflns.number_all                                     ? 
_reflns.number_obs                                     8495 
_reflns.observed_criterion                             ? 
_reflns.observed_criterion_F_max                       ? 
_reflns.observed_criterion_F_min                       ? 
_reflns.observed_criterion_I_max                       ? 
_reflns.observed_criterion_I_min                       ? 
_reflns.observed_criterion_sigma_F                     ? 
_reflns.observed_criterion_sigma_I                     ? 
_reflns.percent_possible_obs                           90.15 
_reflns.R_free_details                                 ? 
_reflns.Rmerge_F_all                                   ? 
_reflns.Rmerge_F_obs                                   ? 
_reflns.Friedel_coverage                               ? 
_reflns.number_gt                                      ? 
_reflns.threshold_expression                           ? 
_reflns.pdbx_redundancy                                2.0 
_reflns.pdbx_netI_over_av_sigmaI                       ? 
_reflns.pdbx_netI_over_sigmaI                          36.40 
_reflns.pdbx_res_netI_over_av_sigmaI_2                 ? 
_reflns.pdbx_res_netI_over_sigmaI_2                    ? 
_reflns.pdbx_chi_squared                               ? 
_reflns.pdbx_scaling_rejects                           ? 
_reflns.pdbx_d_res_high_opt                            ? 
_reflns.pdbx_d_res_low_opt                             ? 
_reflns.pdbx_d_res_opt_method                          ? 
_reflns.phase_calculation_details                      ? 
_reflns.pdbx_Rrim_I_all                                ? 
_reflns.pdbx_Rpim_I_all                                ? 
_reflns.pdbx_d_opt                                     ? 
_reflns.pdbx_number_measured_all                       ? 
_reflns.pdbx_diffrn_id                                 1 
_reflns.pdbx_ordinal                                   1 
_reflns.pdbx_CC_half                                   1 
_reflns.pdbx_CC_star                                   ? 
_reflns.pdbx_R_split                                   ? 
_reflns.pdbx_Rmerge_I_obs                              ? 
_reflns.pdbx_Rmerge_I_all                              ? 
_reflns.pdbx_Rsym_value                                ? 
_reflns.pdbx_CC_split_method                           ? 
_reflns.pdbx_aniso_diffraction_limit_axis_1_ortho[1]   ? 
_reflns.pdbx_aniso_diffraction_limit_axis_1_ortho[2]   ? 
_reflns.pdbx_aniso_diffraction_limit_axis_1_ortho[3]   ? 
_reflns.pdbx_aniso_diffraction_limit_axis_2_ortho[1]   ? 
_reflns.pdbx_aniso_diffraction_limit_axis_2_ortho[2]   ? 
_reflns.pdbx_aniso_diffraction_limit_axis_2_ortho[3]   ? 
_reflns.pdbx_aniso_diffraction_limit_axis_3_ortho[1]   ? 
_reflns.pdbx_aniso_diffraction_limit_axis_3_ortho[2]   ? 
_reflns.pdbx_aniso_diffraction_limit_axis_3_ortho[3]   ? 
_reflns.pdbx_aniso_diffraction_limit_1                 ? 
_reflns.pdbx_aniso_diffraction_limit_2                 ? 
_reflns.pdbx_aniso_diffraction_limit_3                 ? 
_reflns.pdbx_aniso_B_tensor_eigenvector_1_ortho[1]     ? 
_reflns.pdbx_aniso_B_tensor_eigenvector_1_ortho[2]     ? 
_reflns.pdbx_aniso_B_tensor_eigenvector_1_ortho[3]     ? 
_reflns.pdbx_aniso_B_tensor_eigenvector_2_ortho[1]     ? 
_reflns.pdbx_aniso_B_tensor_eigenvector_2_ortho[2]     ? 
_reflns.pdbx_aniso_B_tensor_eigenvector_2_ortho[3]     ? 
_reflns.pdbx_aniso_B_tensor_eigenvector_3_ortho[1]     ? 
_reflns.pdbx_aniso_B_tensor_eigenvector_3_ortho[2]     ? 
_reflns.pdbx_aniso_B_tensor_eigenvector_3_ortho[3]     ? 
_reflns.pdbx_aniso_B_tensor_eigenvalue_1               ? 
_reflns.pdbx_aniso_B_tensor_eigenvalue_2               ? 
_reflns.pdbx_aniso_B_tensor_eigenvalue_3               ? 
_reflns.pdbx_orthogonalization_convention              ? 
_reflns.pdbx_percent_possible_ellipsoidal              ? 
_reflns.pdbx_percent_possible_spherical                ? 
_reflns.pdbx_percent_possible_ellipsoidal_anomalous    ? 
_reflns.pdbx_percent_possible_spherical_anomalous      ? 
_reflns.pdbx_redundancy_anomalous                      ? 
_reflns.pdbx_CC_half_anomalous                         ? 
_reflns.pdbx_absDiff_over_sigma_anomalous              ? 
_reflns.pdbx_percent_possible_anomalous                ? 
_reflns.pdbx_observed_signal_threshold                 ? 
_reflns.pdbx_signal_type                               ? 
_reflns.pdbx_signal_details                            ? 
_reflns.pdbx_signal_software_id                        ? 
# 
_reflns_shell.d_res_high                                    2.55 
_reflns_shell.d_res_low                                     2.65 
_reflns_shell.meanI_over_sigI_all                           ? 
_reflns_shell.meanI_over_sigI_obs                           ? 
_reflns_shell.number_measured_all                           ? 
_reflns_shell.number_measured_obs                           ? 
_reflns_shell.number_possible                               ? 
_reflns_shell.number_unique_all                             ? 
_reflns_shell.number_unique_obs                             303 
_reflns_shell.percent_possible_obs                          ? 
_reflns_shell.Rmerge_F_all                                  ? 
_reflns_shell.Rmerge_F_obs                                  ? 
_reflns_shell.meanI_over_sigI_gt                            ? 
_reflns_shell.meanI_over_uI_all                             ? 
_reflns_shell.meanI_over_uI_gt                              ? 
_reflns_shell.number_measured_gt                            ? 
_reflns_shell.number_unique_gt                              ? 
_reflns_shell.percent_possible_gt                           ? 
_reflns_shell.Rmerge_F_gt                                   ? 
_reflns_shell.Rmerge_I_gt                                   ? 
_reflns_shell.pdbx_redundancy                               ? 
_reflns_shell.pdbx_chi_squared                              ? 
_reflns_shell.pdbx_netI_over_sigmaI_all                     ? 
_reflns_shell.pdbx_netI_over_sigmaI_obs                     ? 
_reflns_shell.pdbx_Rrim_I_all                               ? 
_reflns_shell.pdbx_Rpim_I_all                               ? 
_reflns_shell.pdbx_rejects                                  ? 
_reflns_shell.pdbx_ordinal                                  1 
_reflns_shell.pdbx_diffrn_id                                1 
_reflns_shell.pdbx_CC_half                                  0.747 
_reflns_shell.pdbx_CC_star                                  ? 
_reflns_shell.pdbx_R_split                                  ? 
_reflns_shell.percent_possible_all                          ? 
_reflns_shell.Rmerge_I_all                                  ? 
_reflns_shell.Rmerge_I_obs                                  ? 
_reflns_shell.pdbx_Rsym_value                               ? 
_reflns_shell.pdbx_percent_possible_ellipsoidal             ? 
_reflns_shell.pdbx_percent_possible_spherical               ? 
_reflns_shell.pdbx_percent_possible_ellipsoidal_anomalous   ? 
_reflns_shell.pdbx_percent_possible_spherical_anomalous     ? 
_reflns_shell.pdbx_redundancy_anomalous                     ? 
_reflns_shell.pdbx_CC_half_anomalous                        ? 
_reflns_shell.pdbx_absDiff_over_sigma_anomalous             ? 
_reflns_shell.pdbx_percent_possible_anomalous               ? 
# 
_refine.aniso_B[1][1]                            ? 
_refine.aniso_B[1][2]                            ? 
_refine.aniso_B[1][3]                            ? 
_refine.aniso_B[2][2]                            ? 
_refine.aniso_B[2][3]                            ? 
_refine.aniso_B[3][3]                            ? 
_refine.B_iso_max                                ? 
_refine.B_iso_mean                               91.35 
_refine.B_iso_min                                ? 
_refine.correlation_coeff_Fo_to_Fc               ? 
_refine.correlation_coeff_Fo_to_Fc_free          ? 
_refine.details                                  ? 
_refine.diff_density_max                         ? 
_refine.diff_density_max_esd                     ? 
_refine.diff_density_min                         ? 
_refine.diff_density_min_esd                     ? 
_refine.diff_density_rms                         ? 
_refine.diff_density_rms_esd                     ? 
_refine.entry_id                                 8HCS 
_refine.pdbx_refine_id                           'X-RAY DIFFRACTION' 
_refine.ls_abs_structure_details                 ? 
_refine.ls_abs_structure_Flack                   ? 
_refine.ls_abs_structure_Flack_esd               ? 
_refine.ls_abs_structure_Rogers                  ? 
_refine.ls_abs_structure_Rogers_esd              ? 
_refine.ls_d_res_high                            2.75 
_refine.ls_d_res_low                             24.57 
_refine.ls_extinction_coef                       ? 
_refine.ls_extinction_coef_esd                   ? 
_refine.ls_extinction_expression                 ? 
_refine.ls_extinction_method                     ? 
_refine.ls_goodness_of_fit_all                   ? 
_refine.ls_goodness_of_fit_all_esd               ? 
_refine.ls_goodness_of_fit_obs                   ? 
_refine.ls_goodness_of_fit_obs_esd               ? 
_refine.ls_hydrogen_treatment                    ? 
_refine.ls_matrix_type                           ? 
_refine.ls_number_constraints                    ? 
_refine.ls_number_parameters                     ? 
_refine.ls_number_reflns_all                     ? 
_refine.ls_number_reflns_obs                     8481 
_refine.ls_number_reflns_R_free                  849 
_refine.ls_number_reflns_R_work                  7632 
_refine.ls_number_restraints                     ? 
_refine.ls_percent_reflns_obs                    97.04 
_refine.ls_percent_reflns_R_free                 10.01 
_refine.ls_R_factor_all                          ? 
_refine.ls_R_factor_obs                          0.2370 
_refine.ls_R_factor_R_free                       0.2741 
_refine.ls_R_factor_R_free_error                 ? 
_refine.ls_R_factor_R_free_error_details         ? 
_refine.ls_R_factor_R_work                       0.2325 
_refine.ls_R_Fsqd_factor_obs                     ? 
_refine.ls_R_I_factor_obs                        ? 
_refine.ls_redundancy_reflns_all                 ? 
_refine.ls_redundancy_reflns_obs                 ? 
_refine.ls_restrained_S_all                      ? 
_refine.ls_restrained_S_obs                      ? 
_refine.ls_shift_over_esd_max                    ? 
_refine.ls_shift_over_esd_mean                   ? 
_refine.ls_structure_factor_coef                 ? 
_refine.ls_weighting_details                     ? 
_refine.ls_weighting_scheme                      ? 
_refine.ls_wR_factor_all                         ? 
_refine.ls_wR_factor_obs                         ? 
_refine.ls_wR_factor_R_free                      ? 
_refine.ls_wR_factor_R_work                      ? 
_refine.occupancy_max                            ? 
_refine.occupancy_min                            ? 
_refine.solvent_model_details                    'FLAT BULK SOLVENT MODEL' 
_refine.solvent_model_param_bsol                 ? 
_refine.solvent_model_param_ksol                 ? 
_refine.pdbx_R_complete                          ? 
_refine.ls_R_factor_gt                           ? 
_refine.ls_goodness_of_fit_gt                    ? 
_refine.ls_goodness_of_fit_ref                   ? 
_refine.ls_shift_over_su_max                     ? 
_refine.ls_shift_over_su_max_lt                  ? 
_refine.ls_shift_over_su_mean                    ? 
_refine.ls_shift_over_su_mean_lt                 ? 
_refine.pdbx_ls_sigma_I                          ? 
_refine.pdbx_ls_sigma_F                          1.35 
_refine.pdbx_ls_sigma_Fsqd                       ? 
_refine.pdbx_data_cutoff_high_absF               ? 
_refine.pdbx_data_cutoff_high_rms_absF           ? 
_refine.pdbx_data_cutoff_low_absF                ? 
_refine.pdbx_isotropic_thermal_model             ? 
_refine.pdbx_ls_cross_valid_method               'FREE R-VALUE' 
_refine.pdbx_method_to_determine_struct          'MOLECULAR REPLACEMENT' 
_refine.pdbx_starting_model                      2IRF 
_refine.pdbx_stereochemistry_target_values       'GeoStd + Monomer Library + CDL v1.2' 
_refine.pdbx_R_Free_selection_details            ? 
_refine.pdbx_stereochem_target_val_spec_case     ? 
_refine.pdbx_overall_ESU_R                       ? 
_refine.pdbx_overall_ESU_R_Free                  ? 
_refine.pdbx_solvent_vdw_probe_radii             1.1100 
_refine.pdbx_solvent_ion_probe_radii             ? 
_refine.pdbx_solvent_shrinkage_radii             0.9000 
_refine.pdbx_real_space_R                        ? 
_refine.pdbx_density_correlation                 ? 
_refine.pdbx_pd_number_of_powder_patterns        ? 
_refine.pdbx_pd_number_of_points                 ? 
_refine.pdbx_pd_meas_number_of_points            ? 
_refine.pdbx_pd_proc_ls_prof_R_factor            ? 
_refine.pdbx_pd_proc_ls_prof_wR_factor           ? 
_refine.pdbx_pd_Marquardt_correlation_coeff      ? 
_refine.pdbx_pd_Fsqrd_R_factor                   ? 
_refine.pdbx_pd_ls_matrix_band_width             ? 
_refine.pdbx_overall_phase_error                 38.6283 
_refine.pdbx_overall_SU_R_free_Cruickshank_DPI   ? 
_refine.pdbx_overall_SU_R_free_Blow_DPI          ? 
_refine.pdbx_overall_SU_R_Blow_DPI               ? 
_refine.pdbx_TLS_residual_ADP_flag               ? 
_refine.pdbx_diffrn_id                           1 
_refine.overall_SU_B                             ? 
_refine.overall_SU_ML                            0.5488 
_refine.overall_SU_R_Cruickshank_DPI             ? 
_refine.overall_SU_R_free                        ? 
_refine.overall_FOM_free_R_set                   ? 
_refine.overall_FOM_work_R_set                   ? 
_refine.pdbx_average_fsc_overall                 ? 
_refine.pdbx_average_fsc_work                    ? 
_refine.pdbx_average_fsc_free                    ? 
# 
_refine_hist.pdbx_refine_id                   'X-RAY DIFFRACTION' 
_refine_hist.cycle_id                         LAST 
_refine_hist.details                          ? 
_refine_hist.d_res_high                       2.75 
_refine_hist.d_res_low                        24.57 
_refine_hist.number_atoms_solvent             1 
_refine_hist.number_atoms_total               766 
_refine_hist.number_reflns_all                ? 
_refine_hist.number_reflns_obs                ? 
_refine_hist.number_reflns_R_free             ? 
_refine_hist.number_reflns_R_work             ? 
_refine_hist.R_factor_all                     ? 
_refine_hist.R_factor_obs                     ? 
_refine_hist.R_factor_R_free                  ? 
_refine_hist.R_factor_R_work                  ? 
_refine_hist.pdbx_number_residues_total       ? 
_refine_hist.pdbx_B_iso_mean_ligand           ? 
_refine_hist.pdbx_B_iso_mean_solvent          ? 
_refine_hist.pdbx_number_atoms_protein        765 
_refine_hist.pdbx_number_atoms_nucleic_acid   0 
_refine_hist.pdbx_number_atoms_ligand         0 
_refine_hist.pdbx_number_atoms_lipid          ? 
_refine_hist.pdbx_number_atoms_carb           ? 
_refine_hist.pdbx_pseudo_atom_details         ? 
# 
loop_
_refine_ls_restr.pdbx_refine_id 
_refine_ls_restr.criterion 
_refine_ls_restr.dev_ideal 
_refine_ls_restr.dev_ideal_target 
_refine_ls_restr.number 
_refine_ls_restr.rejects 
_refine_ls_restr.type 
_refine_ls_restr.weight 
_refine_ls_restr.pdbx_restraint_function 
'X-RAY DIFFRACTION' ? 0.0094 ? 786  ? f_bond_d           ? ? 
'X-RAY DIFFRACTION' ? 1.2252 ? 1064 ? f_angle_d          ? ? 
'X-RAY DIFFRACTION' ? 0.0643 ? 109  ? f_chiral_restr     ? ? 
'X-RAY DIFFRACTION' ? 0.0098 ? 135  ? f_plane_restr      ? ? 
'X-RAY DIFFRACTION' ? 6.2914 ? 99   ? f_dihedral_angle_d ? ? 
# 
loop_
_refine_ls_shell.pdbx_refine_id 
_refine_ls_shell.d_res_high 
_refine_ls_shell.d_res_low 
_refine_ls_shell.number_reflns_all 
_refine_ls_shell.number_reflns_obs 
_refine_ls_shell.number_reflns_R_free 
_refine_ls_shell.number_reflns_R_work 
_refine_ls_shell.percent_reflns_obs 
_refine_ls_shell.percent_reflns_R_free 
_refine_ls_shell.R_factor_all 
_refine_ls_shell.R_factor_obs 
_refine_ls_shell.R_factor_R_free_error 
_refine_ls_shell.R_factor_R_work 
_refine_ls_shell.redundancy_reflns_all 
_refine_ls_shell.redundancy_reflns_obs 
_refine_ls_shell.wR_factor_all 
_refine_ls_shell.wR_factor_obs 
_refine_ls_shell.wR_factor_R_free 
_refine_ls_shell.wR_factor_R_work 
_refine_ls_shell.pdbx_R_complete 
_refine_ls_shell.pdbx_total_number_of_bins_used 
_refine_ls_shell.pdbx_phase_error 
_refine_ls_shell.pdbx_fsc_work 
_refine_ls_shell.pdbx_fsc_free 
_refine_ls_shell.R_factor_R_free 
'X-RAY DIFFRACTION' 2.75 2.92 . . 148 1323 100.00 . . . . 0.3612 . . . . . . . . . . . 0.3685 
'X-RAY DIFFRACTION' 2.92 3.15 . . 150 1282 100.00 . . . . 0.3664 . . . . . . . . . . . 0.4941 
'X-RAY DIFFRACTION' 3.15 3.46 . . 130 1219 92.59  . . . . 0.3219 . . . . . . . . . . . 0.3507 
'X-RAY DIFFRACTION' 3.47 3.96 . . 133 1176 89.72  . . . . 0.2505 . . . . . . . . . . . 0.2882 
'X-RAY DIFFRACTION' 3.97 4.99 . . 148 1312 100.00 . . . . 0.2065 . . . . . . . . . . . 0.2209 
# 
_struct.entry_id                     8HCS 
_struct.title                        'zebrafish IRF-11 DBD' 
_struct.pdbx_model_details           ? 
_struct.pdbx_formula_weight          ? 
_struct.pdbx_formula_weight_method   ? 
_struct.pdbx_model_type_details      ? 
_struct.pdbx_CASP_flag               N 
# 
_struct_keywords.entry_id        8HCS 
_struct_keywords.text            'zebrafish, IRF, DBD, DNA BINDING PROTEIN' 
_struct_keywords.pdbx_keywords   'DNA BINDING PROTEIN' 
# 
loop_
_struct_asym.id 
_struct_asym.pdbx_blank_PDB_chainid_flag 
_struct_asym.pdbx_modified 
_struct_asym.entity_id 
_struct_asym.details 
A N N 1 ? 
B N N 2 ? 
# 
_struct_ref.id                         1 
_struct_ref.db_name                    UNP 
_struct_ref.db_code                    Q1RLP9_DANRE 
_struct_ref.pdbx_db_accession          Q1RLP9 
_struct_ref.pdbx_db_isoform            ? 
_struct_ref.entity_id                  1 
_struct_ref.pdbx_seq_one_letter_code   
;MHQGRLRLRPWLEEQIQSGRYPGVQWLDQSARVFQIPWKHAARHGWNIDKDATLFRNWAIHTGRYKPGIDKPDPKTWKAN
FRCALNSLTDVKELQDRSIKKGHNAFRVYALL
;
_struct_ref.pdbx_align_begin           1 
# 
_struct_ref_seq.align_id                      1 
_struct_ref_seq.ref_id                        1 
_struct_ref_seq.pdbx_PDB_id_code              8HCS 
_struct_ref_seq.pdbx_strand_id                A 
_struct_ref_seq.seq_align_beg                 1 
_struct_ref_seq.pdbx_seq_align_beg_ins_code   ? 
_struct_ref_seq.seq_align_end                 112 
_struct_ref_seq.pdbx_seq_align_end_ins_code   ? 
_struct_ref_seq.pdbx_db_accession             Q1RLP9 
_struct_ref_seq.db_align_beg                  1 
_struct_ref_seq.pdbx_db_align_beg_ins_code    ? 
_struct_ref_seq.db_align_end                  112 
_struct_ref_seq.pdbx_db_align_end_ins_code    ? 
_struct_ref_seq.pdbx_auth_seq_align_beg       -5 
_struct_ref_seq.pdbx_auth_seq_align_end       106 
# 
_pdbx_struct_assembly.id                   1 
_pdbx_struct_assembly.details              author_and_software_defined_assembly 
_pdbx_struct_assembly.method_details       PISA 
_pdbx_struct_assembly.oligomeric_details   monomeric 
_pdbx_struct_assembly.oligomeric_count     1 
# 
_pdbx_struct_assembly_gen.assembly_id       1 
_pdbx_struct_assembly_gen.oper_expression   1 
_pdbx_struct_assembly_gen.asym_id_list      A,B 
# 
_pdbx_struct_assembly_auth_evidence.id                     1 
_pdbx_struct_assembly_auth_evidence.assembly_id            1 
_pdbx_struct_assembly_auth_evidence.experimental_support   none 
_pdbx_struct_assembly_auth_evidence.details                ? 
# 
_pdbx_struct_oper_list.id                   1 
_pdbx_struct_oper_list.type                 'identity operation' 
_pdbx_struct_oper_list.name                 1_555 
_pdbx_struct_oper_list.symmetry_operation   x,y,z 
_pdbx_struct_oper_list.matrix[1][1]         1.0000000000 
_pdbx_struct_oper_list.matrix[1][2]         0.0000000000 
_pdbx_struct_oper_list.matrix[1][3]         0.0000000000 
_pdbx_struct_oper_list.vector[1]            0.0000000000 
_pdbx_struct_oper_list.matrix[2][1]         0.0000000000 
_pdbx_struct_oper_list.matrix[2][2]         1.0000000000 
_pdbx_struct_oper_list.matrix[2][3]         0.0000000000 
_pdbx_struct_oper_list.vector[2]            0.0000000000 
_pdbx_struct_oper_list.matrix[3][1]         0.0000000000 
_pdbx_struct_oper_list.matrix[3][2]         0.0000000000 
_pdbx_struct_oper_list.matrix[3][3]         1.0000000000 
_pdbx_struct_oper_list.vector[3]            0.0000000000 
# 
loop_
_struct_conf.conf_type_id 
_struct_conf.id 
_struct_conf.pdbx_PDB_helix_id 
_struct_conf.beg_label_comp_id 
_struct_conf.beg_label_asym_id 
_struct_conf.beg_label_seq_id 
_struct_conf.pdbx_beg_PDB_ins_code 
_struct_conf.end_label_comp_id 
_struct_conf.end_label_asym_id 
_struct_conf.end_label_seq_id 
_struct_conf.pdbx_end_PDB_ins_code 
_struct_conf.beg_auth_comp_id 
_struct_conf.beg_auth_asym_id 
_struct_conf.beg_auth_seq_id 
_struct_conf.end_auth_comp_id 
_struct_conf.end_auth_asym_id 
_struct_conf.end_auth_seq_id 
_struct_conf.pdbx_PDB_helix_class 
_struct_conf.details 
_struct_conf.pdbx_PDB_helix_length 
HELX_P HELX_P1 AA1 ARG A 7  ? GLY A 19 ? ARG A 1  GLY A 13 1 ? 13 
HELX_P HELX_P2 AA2 THR A 53 ? THR A 62 ? THR A 47 THR A 56 1 ? 10 
HELX_P HELX_P3 AA3 ASP A 73 ? LEU A 88 ? ASP A 67 LEU A 82 1 ? 16 
# 
_struct_conf_type.id          HELX_P 
_struct_conf_type.criteria    ? 
_struct_conf_type.reference   ? 
# 
_struct_conn.id                            disulf1 
_struct_conn.conn_type_id                  disulf 
_struct_conn.pdbx_leaving_atom_flag        ? 
_struct_conn.pdbx_PDB_id                   ? 
_struct_conn.ptnr1_label_asym_id           A 
_struct_conn.ptnr1_label_comp_id           CYS 
_struct_conn.ptnr1_label_seq_id            83 
_struct_conn.ptnr1_label_atom_id           SG 
_struct_conn.pdbx_ptnr1_label_alt_id       ? 
_struct_conn.pdbx_ptnr1_PDB_ins_code       ? 
_struct_conn.pdbx_ptnr1_standard_comp_id   ? 
_struct_conn.ptnr1_symmetry                1_555 
_struct_conn.ptnr2_label_asym_id           A 
_struct_conn.ptnr2_label_comp_id           CYS 
_struct_conn.ptnr2_label_seq_id            83 
_struct_conn.ptnr2_label_atom_id           SG 
_struct_conn.pdbx_ptnr2_label_alt_id       ? 
_struct_conn.pdbx_ptnr2_PDB_ins_code       ? 
_struct_conn.ptnr1_auth_asym_id            A 
_struct_conn.ptnr1_auth_comp_id            CYS 
_struct_conn.ptnr1_auth_seq_id             77 
_struct_conn.ptnr2_auth_asym_id            A 
_struct_conn.ptnr2_auth_comp_id            CYS 
_struct_conn.ptnr2_auth_seq_id             77 
_struct_conn.ptnr2_symmetry                22_455 
_struct_conn.pdbx_ptnr3_label_atom_id      ? 
_struct_conn.pdbx_ptnr3_label_seq_id       ? 
_struct_conn.pdbx_ptnr3_label_comp_id      ? 
_struct_conn.pdbx_ptnr3_label_asym_id      ? 
_struct_conn.pdbx_ptnr3_label_alt_id       ? 
_struct_conn.pdbx_ptnr3_PDB_ins_code       ? 
_struct_conn.details                       ? 
_struct_conn.pdbx_dist_value               2.033 
_struct_conn.pdbx_value_order              ? 
_struct_conn.pdbx_role                     ? 
# 
_struct_conn_type.id          disulf 
_struct_conn_type.criteria    ? 
_struct_conn_type.reference   ? 
# 
_pdbx_modification_feature.ordinal                            1 
_pdbx_modification_feature.label_comp_id                      CYS 
_pdbx_modification_feature.label_asym_id                      A 
_pdbx_modification_feature.label_seq_id                       83 
_pdbx_modification_feature.label_alt_id                       ? 
_pdbx_modification_feature.modified_residue_label_comp_id     CYS 
_pdbx_modification_feature.modified_residue_label_asym_id     A 
_pdbx_modification_feature.modified_residue_label_seq_id      83 
_pdbx_modification_feature.modified_residue_label_alt_id      ? 
_pdbx_modification_feature.auth_comp_id                       CYS 
_pdbx_modification_feature.auth_asym_id                       A 
_pdbx_modification_feature.auth_seq_id                        77 
_pdbx_modification_feature.PDB_ins_code                       ? 
_pdbx_modification_feature.symmetry                           1_555 
_pdbx_modification_feature.modified_residue_auth_comp_id      CYS 
_pdbx_modification_feature.modified_residue_auth_asym_id      A 
_pdbx_modification_feature.modified_residue_auth_seq_id       77 
_pdbx_modification_feature.modified_residue_PDB_ins_code      ? 
_pdbx_modification_feature.modified_residue_symmetry          22_455 
_pdbx_modification_feature.comp_id_linking_atom               SG 
_pdbx_modification_feature.modified_residue_id_linking_atom   SG 
_pdbx_modification_feature.modified_residue_id                . 
_pdbx_modification_feature.ref_pcm_id                         . 
_pdbx_modification_feature.ref_comp_id                        . 
_pdbx_modification_feature.type                               None 
_pdbx_modification_feature.category                           'Disulfide bridge' 
# 
_struct_sheet.id               AA1 
_struct_sheet.type             ? 
_struct_sheet.number_strands   4 
_struct_sheet.details          ? 
# 
loop_
_struct_sheet_order.sheet_id 
_struct_sheet_order.range_id_1 
_struct_sheet_order.range_id_2 
_struct_sheet_order.offset 
_struct_sheet_order.sense 
AA1 1 2 ? anti-parallel 
AA1 2 3 ? anti-parallel 
AA1 3 4 ? anti-parallel 
# 
loop_
_struct_sheet_range.sheet_id 
_struct_sheet_range.id 
_struct_sheet_range.beg_label_comp_id 
_struct_sheet_range.beg_label_asym_id 
_struct_sheet_range.beg_label_seq_id 
_struct_sheet_range.pdbx_beg_PDB_ins_code 
_struct_sheet_range.end_label_comp_id 
_struct_sheet_range.end_label_asym_id 
_struct_sheet_range.end_label_seq_id 
_struct_sheet_range.pdbx_end_PDB_ins_code 
_struct_sheet_range.beg_auth_comp_id 
_struct_sheet_range.beg_auth_asym_id 
_struct_sheet_range.beg_auth_seq_id 
_struct_sheet_range.end_auth_comp_id 
_struct_sheet_range.end_auth_asym_id 
_struct_sheet_range.end_auth_seq_id 
AA1 1 GLN A 25  ? ASP A 28  ? GLN A 19  ASP A 22  
AA1 2 VAL A 33  ? PRO A 37  ? VAL A 27  PRO A 31  
AA1 3 PHE A 106 ? LEU A 111 ? PHE A 100 LEU A 105 
AA1 4 VAL A 91  ? LEU A 94  ? VAL A 85  LEU A 88  
# 
loop_
_pdbx_struct_sheet_hbond.sheet_id 
_pdbx_struct_sheet_hbond.range_id_1 
_pdbx_struct_sheet_hbond.range_id_2 
_pdbx_struct_sheet_hbond.range_1_label_atom_id 
_pdbx_struct_sheet_hbond.range_1_label_comp_id 
_pdbx_struct_sheet_hbond.range_1_label_asym_id 
_pdbx_struct_sheet_hbond.range_1_label_seq_id 
_pdbx_struct_sheet_hbond.range_1_PDB_ins_code 
_pdbx_struct_sheet_hbond.range_1_auth_atom_id 
_pdbx_struct_sheet_hbond.range_1_auth_comp_id 
_pdbx_struct_sheet_hbond.range_1_auth_asym_id 
_pdbx_struct_sheet_hbond.range_1_auth_seq_id 
_pdbx_struct_sheet_hbond.range_2_label_atom_id 
_pdbx_struct_sheet_hbond.range_2_label_comp_id 
_pdbx_struct_sheet_hbond.range_2_label_asym_id 
_pdbx_struct_sheet_hbond.range_2_label_seq_id 
_pdbx_struct_sheet_hbond.range_2_PDB_ins_code 
_pdbx_struct_sheet_hbond.range_2_auth_atom_id 
_pdbx_struct_sheet_hbond.range_2_auth_comp_id 
_pdbx_struct_sheet_hbond.range_2_auth_asym_id 
_pdbx_struct_sheet_hbond.range_2_auth_seq_id 
AA1 1 2 N LEU A 27  ? N LEU A 21  O VAL A 33  ? O VAL A 27  
AA1 2 3 N PHE A 34  ? N PHE A 28  O TYR A 109 ? O TYR A 103 
AA1 3 4 O VAL A 108 ? O VAL A 102 N LEU A 94  ? N LEU A 88  
# 
_pdbx_entry_details.entry_id                   8HCS 
_pdbx_entry_details.compound_details           ? 
_pdbx_entry_details.source_details             ? 
_pdbx_entry_details.nonpolymer_details         ? 
_pdbx_entry_details.sequence_details           ? 
_pdbx_entry_details.has_ligand_of_interest     ? 
_pdbx_entry_details.has_protein_modification   Y 
# 
_pdbx_validate_rmsd_angle.id                         1 
_pdbx_validate_rmsd_angle.PDB_model_num              1 
_pdbx_validate_rmsd_angle.auth_atom_id_1             CA 
_pdbx_validate_rmsd_angle.auth_asym_id_1             A 
_pdbx_validate_rmsd_angle.auth_comp_id_1             LEU 
_pdbx_validate_rmsd_angle.auth_seq_id_1              106 
_pdbx_validate_rmsd_angle.PDB_ins_code_1             ? 
_pdbx_validate_rmsd_angle.label_alt_id_1             ? 
_pdbx_validate_rmsd_angle.auth_atom_id_2             CB 
_pdbx_validate_rmsd_angle.auth_asym_id_2             A 
_pdbx_validate_rmsd_angle.auth_comp_id_2             LEU 
_pdbx_validate_rmsd_angle.auth_seq_id_2              106 
_pdbx_validate_rmsd_angle.PDB_ins_code_2             ? 
_pdbx_validate_rmsd_angle.label_alt_id_2             ? 
_pdbx_validate_rmsd_angle.auth_atom_id_3             CG 
_pdbx_validate_rmsd_angle.auth_asym_id_3             A 
_pdbx_validate_rmsd_angle.auth_comp_id_3             LEU 
_pdbx_validate_rmsd_angle.auth_seq_id_3              106 
_pdbx_validate_rmsd_angle.PDB_ins_code_3             ? 
_pdbx_validate_rmsd_angle.label_alt_id_3             ? 
_pdbx_validate_rmsd_angle.angle_value                130.02 
_pdbx_validate_rmsd_angle.angle_target_value         115.30 
_pdbx_validate_rmsd_angle.angle_deviation            14.72 
_pdbx_validate_rmsd_angle.angle_standard_deviation   2.30 
_pdbx_validate_rmsd_angle.linker_flag                N 
# 
_pdbx_validate_torsion.id              1 
_pdbx_validate_torsion.PDB_model_num   1 
_pdbx_validate_torsion.auth_comp_id    ASP 
_pdbx_validate_torsion.auth_asym_id    A 
_pdbx_validate_torsion.auth_seq_id     67 
_pdbx_validate_torsion.PDB_ins_code    ? 
_pdbx_validate_torsion.label_alt_id    ? 
_pdbx_validate_torsion.phi             -158.68 
_pdbx_validate_torsion.psi             75.90 
# 
loop_
_space_group_symop.id 
_space_group_symop.operation_xyz 
1  x,y,z                
2  x+3/4,-z+3/4,y+1/4   
3  x+1/4,z+3/4,-y+3/4   
4  z+1/4,y+3/4,-x+3/4   
5  -z+3/4,y+1/4,x+3/4   
6  -y+3/4,x+1/4,z+3/4   
7  y+3/4,-x+3/4,z+1/4   
8  z,x,y                
9  y,z,x                
10 -y+1/2,-z,x+1/2      
11 z+1/2,-x+1/2,-y      
12 -y,z+1/2,-x+1/2      
13 -z+1/2,-x,y+1/2      
14 -z,x+1/2,-y+1/2      
15 y+1/2,-z+1/2,-x      
16 x+1/2,-y+1/2,-z      
17 -x,y+1/2,-z+1/2      
18 -x+1/2,-y,z+1/2      
19 y+1/4,x+3/4,-z+3/4   
20 -y+1/4,-x+1/4,-z+1/4 
21 z+3/4,-y+3/4,x+1/4   
22 -z+1/4,-y+1/4,-x+1/4 
23 -x+3/4,z+1/4,y+3/4   
24 -x+1/4,-z+1/4,-y+1/4 
# 
loop_
_pdbx_unobs_or_zero_occ_residues.id 
_pdbx_unobs_or_zero_occ_residues.PDB_model_num 
_pdbx_unobs_or_zero_occ_residues.polymer_flag 
_pdbx_unobs_or_zero_occ_residues.occupancy_flag 
_pdbx_unobs_or_zero_occ_residues.auth_asym_id 
_pdbx_unobs_or_zero_occ_residues.auth_comp_id 
_pdbx_unobs_or_zero_occ_residues.auth_seq_id 
_pdbx_unobs_or_zero_occ_residues.PDB_ins_code 
_pdbx_unobs_or_zero_occ_residues.label_asym_id 
_pdbx_unobs_or_zero_occ_residues.label_comp_id 
_pdbx_unobs_or_zero_occ_residues.label_seq_id 
1  1 Y 1 A MET -5 ? A MET 1   
2  1 Y 1 A HIS -4 ? A HIS 2   
3  1 Y 1 A GLN -3 ? A GLN 3   
4  1 Y 1 A GLY -2 ? A GLY 4   
5  1 Y 1 A ARG -1 ? A ARG 5   
6  1 Y 1 A LEU 0  ? A LEU 6   
7  1 Y 1 A HIS 34 ? A HIS 40  
8  1 Y 1 A ALA 35 ? A ALA 41  
9  1 Y 1 A ALA 36 ? A ALA 42  
10 1 Y 1 A ARG 37 ? A ARG 43  
11 1 Y 1 A HIS 38 ? A HIS 44  
12 1 Y 1 A GLY 39 ? A GLY 45  
13 1 Y 1 A TRP 40 ? A TRP 46  
14 1 Y 1 A ARG 91 ? A ARG 97  
15 1 Y 1 A SER 92 ? A SER 98  
16 1 Y 1 A ILE 93 ? A ILE 99  
17 1 Y 1 A LYS 94 ? A LYS 100 
18 1 Y 1 A LYS 95 ? A LYS 101 
19 1 Y 1 A GLY 96 ? A GLY 102 
20 1 Y 1 A HIS 97 ? A HIS 103 
21 1 Y 1 A ASN 98 ? A ASN 104 
# 
loop_
_chem_comp_atom.comp_id 
_chem_comp_atom.atom_id 
_chem_comp_atom.type_symbol 
_chem_comp_atom.pdbx_aromatic_flag 
_chem_comp_atom.pdbx_stereo_config 
_chem_comp_atom.pdbx_ordinal 
ALA N    N N N 1   
ALA CA   C N S 2   
ALA C    C N N 3   
ALA O    O N N 4   
ALA CB   C N N 5   
ALA OXT  O N N 6   
ALA H    H N N 7   
ALA H2   H N N 8   
ALA HA   H N N 9   
ALA HB1  H N N 10  
ALA HB2  H N N 11  
ALA HB3  H N N 12  
ALA HXT  H N N 13  
ARG N    N N N 14  
ARG CA   C N S 15  
ARG C    C N N 16  
ARG O    O N N 17  
ARG CB   C N N 18  
ARG CG   C N N 19  
ARG CD   C N N 20  
ARG NE   N N N 21  
ARG CZ   C N N 22  
ARG NH1  N N N 23  
ARG NH2  N N N 24  
ARG OXT  O N N 25  
ARG H    H N N 26  
ARG H2   H N N 27  
ARG HA   H N N 28  
ARG HB2  H N N 29  
ARG HB3  H N N 30  
ARG HG2  H N N 31  
ARG HG3  H N N 32  
ARG HD2  H N N 33  
ARG HD3  H N N 34  
ARG HE   H N N 35  
ARG HH11 H N N 36  
ARG HH12 H N N 37  
ARG HH21 H N N 38  
ARG HH22 H N N 39  
ARG HXT  H N N 40  
ASN N    N N N 41  
ASN CA   C N S 42  
ASN C    C N N 43  
ASN O    O N N 44  
ASN CB   C N N 45  
ASN CG   C N N 46  
ASN OD1  O N N 47  
ASN ND2  N N N 48  
ASN OXT  O N N 49  
ASN H    H N N 50  
ASN H2   H N N 51  
ASN HA   H N N 52  
ASN HB2  H N N 53  
ASN HB3  H N N 54  
ASN HD21 H N N 55  
ASN HD22 H N N 56  
ASN HXT  H N N 57  
ASP N    N N N 58  
ASP CA   C N S 59  
ASP C    C N N 60  
ASP O    O N N 61  
ASP CB   C N N 62  
ASP CG   C N N 63  
ASP OD1  O N N 64  
ASP OD2  O N N 65  
ASP OXT  O N N 66  
ASP H    H N N 67  
ASP H2   H N N 68  
ASP HA   H N N 69  
ASP HB2  H N N 70  
ASP HB3  H N N 71  
ASP HD2  H N N 72  
ASP HXT  H N N 73  
CYS N    N N N 74  
CYS CA   C N R 75  
CYS C    C N N 76  
CYS O    O N N 77  
CYS CB   C N N 78  
CYS SG   S N N 79  
CYS OXT  O N N 80  
CYS H    H N N 81  
CYS H2   H N N 82  
CYS HA   H N N 83  
CYS HB2  H N N 84  
CYS HB3  H N N 85  
CYS HG   H N N 86  
CYS HXT  H N N 87  
GLN N    N N N 88  
GLN CA   C N S 89  
GLN C    C N N 90  
GLN O    O N N 91  
GLN CB   C N N 92  
GLN CG   C N N 93  
GLN CD   C N N 94  
GLN OE1  O N N 95  
GLN NE2  N N N 96  
GLN OXT  O N N 97  
GLN H    H N N 98  
GLN H2   H N N 99  
GLN HA   H N N 100 
GLN HB2  H N N 101 
GLN HB3  H N N 102 
GLN HG2  H N N 103 
GLN HG3  H N N 104 
GLN HE21 H N N 105 
GLN HE22 H N N 106 
GLN HXT  H N N 107 
GLU N    N N N 108 
GLU CA   C N S 109 
GLU C    C N N 110 
GLU O    O N N 111 
GLU CB   C N N 112 
GLU CG   C N N 113 
GLU CD   C N N 114 
GLU OE1  O N N 115 
GLU OE2  O N N 116 
GLU OXT  O N N 117 
GLU H    H N N 118 
GLU H2   H N N 119 
GLU HA   H N N 120 
GLU HB2  H N N 121 
GLU HB3  H N N 122 
GLU HG2  H N N 123 
GLU HG3  H N N 124 
GLU HE2  H N N 125 
GLU HXT  H N N 126 
GLY N    N N N 127 
GLY CA   C N N 128 
GLY C    C N N 129 
GLY O    O N N 130 
GLY OXT  O N N 131 
GLY H    H N N 132 
GLY H2   H N N 133 
GLY HA2  H N N 134 
GLY HA3  H N N 135 
GLY HXT  H N N 136 
HIS N    N N N 137 
HIS CA   C N S 138 
HIS C    C N N 139 
HIS O    O N N 140 
HIS CB   C N N 141 
HIS CG   C Y N 142 
HIS ND1  N Y N 143 
HIS CD2  C Y N 144 
HIS CE1  C Y N 145 
HIS NE2  N Y N 146 
HIS OXT  O N N 147 
HIS H    H N N 148 
HIS H2   H N N 149 
HIS HA   H N N 150 
HIS HB2  H N N 151 
HIS HB3  H N N 152 
HIS HD1  H N N 153 
HIS HD2  H N N 154 
HIS HE1  H N N 155 
HIS HE2  H N N 156 
HIS HXT  H N N 157 
HOH O    O N N 158 
HOH H1   H N N 159 
HOH H2   H N N 160 
ILE N    N N N 161 
ILE CA   C N S 162 
ILE C    C N N 163 
ILE O    O N N 164 
ILE CB   C N S 165 
ILE CG1  C N N 166 
ILE CG2  C N N 167 
ILE CD1  C N N 168 
ILE OXT  O N N 169 
ILE H    H N N 170 
ILE H2   H N N 171 
ILE HA   H N N 172 
ILE HB   H N N 173 
ILE HG12 H N N 174 
ILE HG13 H N N 175 
ILE HG21 H N N 176 
ILE HG22 H N N 177 
ILE HG23 H N N 178 
ILE HD11 H N N 179 
ILE HD12 H N N 180 
ILE HD13 H N N 181 
ILE HXT  H N N 182 
LEU N    N N N 183 
LEU CA   C N S 184 
LEU C    C N N 185 
LEU O    O N N 186 
LEU CB   C N N 187 
LEU CG   C N N 188 
LEU CD1  C N N 189 
LEU CD2  C N N 190 
LEU OXT  O N N 191 
LEU H    H N N 192 
LEU H2   H N N 193 
LEU HA   H N N 194 
LEU HB2  H N N 195 
LEU HB3  H N N 196 
LEU HG   H N N 197 
LEU HD11 H N N 198 
LEU HD12 H N N 199 
LEU HD13 H N N 200 
LEU HD21 H N N 201 
LEU HD22 H N N 202 
LEU HD23 H N N 203 
LEU HXT  H N N 204 
LYS N    N N N 205 
LYS CA   C N S 206 
LYS C    C N N 207 
LYS O    O N N 208 
LYS CB   C N N 209 
LYS CG   C N N 210 
LYS CD   C N N 211 
LYS CE   C N N 212 
LYS NZ   N N N 213 
LYS OXT  O N N 214 
LYS H    H N N 215 
LYS H2   H N N 216 
LYS HA   H N N 217 
LYS HB2  H N N 218 
LYS HB3  H N N 219 
LYS HG2  H N N 220 
LYS HG3  H N N 221 
LYS HD2  H N N 222 
LYS HD3  H N N 223 
LYS HE2  H N N 224 
LYS HE3  H N N 225 
LYS HZ1  H N N 226 
LYS HZ2  H N N 227 
LYS HZ3  H N N 228 
LYS HXT  H N N 229 
MET N    N N N 230 
MET CA   C N S 231 
MET C    C N N 232 
MET O    O N N 233 
MET CB   C N N 234 
MET CG   C N N 235 
MET SD   S N N 236 
MET CE   C N N 237 
MET OXT  O N N 238 
MET H    H N N 239 
MET H2   H N N 240 
MET HA   H N N 241 
MET HB2  H N N 242 
MET HB3  H N N 243 
MET HG2  H N N 244 
MET HG3  H N N 245 
MET HE1  H N N 246 
MET HE2  H N N 247 
MET HE3  H N N 248 
MET HXT  H N N 249 
PHE N    N N N 250 
PHE CA   C N S 251 
PHE C    C N N 252 
PHE O    O N N 253 
PHE CB   C N N 254 
PHE CG   C Y N 255 
PHE CD1  C Y N 256 
PHE CD2  C Y N 257 
PHE CE1  C Y N 258 
PHE CE2  C Y N 259 
PHE CZ   C Y N 260 
PHE OXT  O N N 261 
PHE H    H N N 262 
PHE H2   H N N 263 
PHE HA   H N N 264 
PHE HB2  H N N 265 
PHE HB3  H N N 266 
PHE HD1  H N N 267 
PHE HD2  H N N 268 
PHE HE1  H N N 269 
PHE HE2  H N N 270 
PHE HZ   H N N 271 
PHE HXT  H N N 272 
PRO N    N N N 273 
PRO CA   C N S 274 
PRO C    C N N 275 
PRO O    O N N 276 
PRO CB   C N N 277 
PRO CG   C N N 278 
PRO CD   C N N 279 
PRO OXT  O N N 280 
PRO H    H N N 281 
PRO HA   H N N 282 
PRO HB2  H N N 283 
PRO HB3  H N N 284 
PRO HG2  H N N 285 
PRO HG3  H N N 286 
PRO HD2  H N N 287 
PRO HD3  H N N 288 
PRO HXT  H N N 289 
SER N    N N N 290 
SER CA   C N S 291 
SER C    C N N 292 
SER O    O N N 293 
SER CB   C N N 294 
SER OG   O N N 295 
SER OXT  O N N 296 
SER H    H N N 297 
SER H2   H N N 298 
SER HA   H N N 299 
SER HB2  H N N 300 
SER HB3  H N N 301 
SER HG   H N N 302 
SER HXT  H N N 303 
THR N    N N N 304 
THR CA   C N S 305 
THR C    C N N 306 
THR O    O N N 307 
THR CB   C N R 308 
THR OG1  O N N 309 
THR CG2  C N N 310 
THR OXT  O N N 311 
THR H    H N N 312 
THR H2   H N N 313 
THR HA   H N N 314 
THR HB   H N N 315 
THR HG1  H N N 316 
THR HG21 H N N 317 
THR HG22 H N N 318 
THR HG23 H N N 319 
THR HXT  H N N 320 
TRP N    N N N 321 
TRP CA   C N S 322 
TRP C    C N N 323 
TRP O    O N N 324 
TRP CB   C N N 325 
TRP CG   C Y N 326 
TRP CD1  C Y N 327 
TRP CD2  C Y N 328 
TRP NE1  N Y N 329 
TRP CE2  C Y N 330 
TRP CE3  C Y N 331 
TRP CZ2  C Y N 332 
TRP CZ3  C Y N 333 
TRP CH2  C Y N 334 
TRP OXT  O N N 335 
TRP H    H N N 336 
TRP H2   H N N 337 
TRP HA   H N N 338 
TRP HB2  H N N 339 
TRP HB3  H N N 340 
TRP HD1  H N N 341 
TRP HE1  H N N 342 
TRP HE3  H N N 343 
TRP HZ2  H N N 344 
TRP HZ3  H N N 345 
TRP HH2  H N N 346 
TRP HXT  H N N 347 
TYR N    N N N 348 
TYR CA   C N S 349 
TYR C    C N N 350 
TYR O    O N N 351 
TYR CB   C N N 352 
TYR CG   C Y N 353 
TYR CD1  C Y N 354 
TYR CD2  C Y N 355 
TYR CE1  C Y N 356 
TYR CE2  C Y N 357 
TYR CZ   C Y N 358 
TYR OH   O N N 359 
TYR OXT  O N N 360 
TYR H    H N N 361 
TYR H2   H N N 362 
TYR HA   H N N 363 
TYR HB2  H N N 364 
TYR HB3  H N N 365 
TYR HD1  H N N 366 
TYR HD2  H N N 367 
TYR HE1  H N N 368 
TYR HE2  H N N 369 
TYR HH   H N N 370 
TYR HXT  H N N 371 
VAL N    N N N 372 
VAL CA   C N S 373 
VAL C    C N N 374 
VAL O    O N N 375 
VAL CB   C N N 376 
VAL CG1  C N N 377 
VAL CG2  C N N 378 
VAL OXT  O N N 379 
VAL H    H N N 380 
VAL H2   H N N 381 
VAL HA   H N N 382 
VAL HB   H N N 383 
VAL HG11 H N N 384 
VAL HG12 H N N 385 
VAL HG13 H N N 386 
VAL HG21 H N N 387 
VAL HG22 H N N 388 
VAL HG23 H N N 389 
VAL HXT  H N N 390 
# 
loop_
_chem_comp_bond.comp_id 
_chem_comp_bond.atom_id_1 
_chem_comp_bond.atom_id_2 
_chem_comp_bond.value_order 
_chem_comp_bond.pdbx_aromatic_flag 
_chem_comp_bond.pdbx_stereo_config 
_chem_comp_bond.pdbx_ordinal 
ALA N   CA   sing N N 1   
ALA N   H    sing N N 2   
ALA N   H2   sing N N 3   
ALA CA  C    sing N N 4   
ALA CA  CB   sing N N 5   
ALA CA  HA   sing N N 6   
ALA C   O    doub N N 7   
ALA C   OXT  sing N N 8   
ALA CB  HB1  sing N N 9   
ALA CB  HB2  sing N N 10  
ALA CB  HB3  sing N N 11  
ALA OXT HXT  sing N N 12  
ARG N   CA   sing N N 13  
ARG N   H    sing N N 14  
ARG N   H2   sing N N 15  
ARG CA  C    sing N N 16  
ARG CA  CB   sing N N 17  
ARG CA  HA   sing N N 18  
ARG C   O    doub N N 19  
ARG C   OXT  sing N N 20  
ARG CB  CG   sing N N 21  
ARG CB  HB2  sing N N 22  
ARG CB  HB3  sing N N 23  
ARG CG  CD   sing N N 24  
ARG CG  HG2  sing N N 25  
ARG CG  HG3  sing N N 26  
ARG CD  NE   sing N N 27  
ARG CD  HD2  sing N N 28  
ARG CD  HD3  sing N N 29  
ARG NE  CZ   sing N N 30  
ARG NE  HE   sing N N 31  
ARG CZ  NH1  sing N N 32  
ARG CZ  NH2  doub N N 33  
ARG NH1 HH11 sing N N 34  
ARG NH1 HH12 sing N N 35  
ARG NH2 HH21 sing N N 36  
ARG NH2 HH22 sing N N 37  
ARG OXT HXT  sing N N 38  
ASN N   CA   sing N N 39  
ASN N   H    sing N N 40  
ASN N   H2   sing N N 41  
ASN CA  C    sing N N 42  
ASN CA  CB   sing N N 43  
ASN CA  HA   sing N N 44  
ASN C   O    doub N N 45  
ASN C   OXT  sing N N 46  
ASN CB  CG   sing N N 47  
ASN CB  HB2  sing N N 48  
ASN CB  HB3  sing N N 49  
ASN CG  OD1  doub N N 50  
ASN CG  ND2  sing N N 51  
ASN ND2 HD21 sing N N 52  
ASN ND2 HD22 sing N N 53  
ASN OXT HXT  sing N N 54  
ASP N   CA   sing N N 55  
ASP N   H    sing N N 56  
ASP N   H2   sing N N 57  
ASP CA  C    sing N N 58  
ASP CA  CB   sing N N 59  
ASP CA  HA   sing N N 60  
ASP C   O    doub N N 61  
ASP C   OXT  sing N N 62  
ASP CB  CG   sing N N 63  
ASP CB  HB2  sing N N 64  
ASP CB  HB3  sing N N 65  
ASP CG  OD1  doub N N 66  
ASP CG  OD2  sing N N 67  
ASP OD2 HD2  sing N N 68  
ASP OXT HXT  sing N N 69  
CYS N   CA   sing N N 70  
CYS N   H    sing N N 71  
CYS N   H2   sing N N 72  
CYS CA  C    sing N N 73  
CYS CA  CB   sing N N 74  
CYS CA  HA   sing N N 75  
CYS C   O    doub N N 76  
CYS C   OXT  sing N N 77  
CYS CB  SG   sing N N 78  
CYS CB  HB2  sing N N 79  
CYS CB  HB3  sing N N 80  
CYS SG  HG   sing N N 81  
CYS OXT HXT  sing N N 82  
GLN N   CA   sing N N 83  
GLN N   H    sing N N 84  
GLN N   H2   sing N N 85  
GLN CA  C    sing N N 86  
GLN CA  CB   sing N N 87  
GLN CA  HA   sing N N 88  
GLN C   O    doub N N 89  
GLN C   OXT  sing N N 90  
GLN CB  CG   sing N N 91  
GLN CB  HB2  sing N N 92  
GLN CB  HB3  sing N N 93  
GLN CG  CD   sing N N 94  
GLN CG  HG2  sing N N 95  
GLN CG  HG3  sing N N 96  
GLN CD  OE1  doub N N 97  
GLN CD  NE2  sing N N 98  
GLN NE2 HE21 sing N N 99  
GLN NE2 HE22 sing N N 100 
GLN OXT HXT  sing N N 101 
GLU N   CA   sing N N 102 
GLU N   H    sing N N 103 
GLU N   H2   sing N N 104 
GLU CA  C    sing N N 105 
GLU CA  CB   sing N N 106 
GLU CA  HA   sing N N 107 
GLU C   O    doub N N 108 
GLU C   OXT  sing N N 109 
GLU CB  CG   sing N N 110 
GLU CB  HB2  sing N N 111 
GLU CB  HB3  sing N N 112 
GLU CG  CD   sing N N 113 
GLU CG  HG2  sing N N 114 
GLU CG  HG3  sing N N 115 
GLU CD  OE1  doub N N 116 
GLU CD  OE2  sing N N 117 
GLU OE2 HE2  sing N N 118 
GLU OXT HXT  sing N N 119 
GLY N   CA   sing N N 120 
GLY N   H    sing N N 121 
GLY N   H2   sing N N 122 
GLY CA  C    sing N N 123 
GLY CA  HA2  sing N N 124 
GLY CA  HA3  sing N N 125 
GLY C   O    doub N N 126 
GLY C   OXT  sing N N 127 
GLY OXT HXT  sing N N 128 
HIS N   CA   sing N N 129 
HIS N   H    sing N N 130 
HIS N   H2   sing N N 131 
HIS CA  C    sing N N 132 
HIS CA  CB   sing N N 133 
HIS CA  HA   sing N N 134 
HIS C   O    doub N N 135 
HIS C   OXT  sing N N 136 
HIS CB  CG   sing N N 137 
HIS CB  HB2  sing N N 138 
HIS CB  HB3  sing N N 139 
HIS CG  ND1  sing Y N 140 
HIS CG  CD2  doub Y N 141 
HIS ND1 CE1  doub Y N 142 
HIS ND1 HD1  sing N N 143 
HIS CD2 NE2  sing Y N 144 
HIS CD2 HD2  sing N N 145 
HIS CE1 NE2  sing Y N 146 
HIS CE1 HE1  sing N N 147 
HIS NE2 HE2  sing N N 148 
HIS OXT HXT  sing N N 149 
HOH O   H1   sing N N 150 
HOH O   H2   sing N N 151 
ILE N   CA   sing N N 152 
ILE N   H    sing N N 153 
ILE N   H2   sing N N 154 
ILE CA  C    sing N N 155 
ILE CA  CB   sing N N 156 
ILE CA  HA   sing N N 157 
ILE C   O    doub N N 158 
ILE C   OXT  sing N N 159 
ILE CB  CG1  sing N N 160 
ILE CB  CG2  sing N N 161 
ILE CB  HB   sing N N 162 
ILE CG1 CD1  sing N N 163 
ILE CG1 HG12 sing N N 164 
ILE CG1 HG13 sing N N 165 
ILE CG2 HG21 sing N N 166 
ILE CG2 HG22 sing N N 167 
ILE CG2 HG23 sing N N 168 
ILE CD1 HD11 sing N N 169 
ILE CD1 HD12 sing N N 170 
ILE CD1 HD13 sing N N 171 
ILE OXT HXT  sing N N 172 
LEU N   CA   sing N N 173 
LEU N   H    sing N N 174 
LEU N   H2   sing N N 175 
LEU CA  C    sing N N 176 
LEU CA  CB   sing N N 177 
LEU CA  HA   sing N N 178 
LEU C   O    doub N N 179 
LEU C   OXT  sing N N 180 
LEU CB  CG   sing N N 181 
LEU CB  HB2  sing N N 182 
LEU CB  HB3  sing N N 183 
LEU CG  CD1  sing N N 184 
LEU CG  CD2  sing N N 185 
LEU CG  HG   sing N N 186 
LEU CD1 HD11 sing N N 187 
LEU CD1 HD12 sing N N 188 
LEU CD1 HD13 sing N N 189 
LEU CD2 HD21 sing N N 190 
LEU CD2 HD22 sing N N 191 
LEU CD2 HD23 sing N N 192 
LEU OXT HXT  sing N N 193 
LYS N   CA   sing N N 194 
LYS N   H    sing N N 195 
LYS N   H2   sing N N 196 
LYS CA  C    sing N N 197 
LYS CA  CB   sing N N 198 
LYS CA  HA   sing N N 199 
LYS C   O    doub N N 200 
LYS C   OXT  sing N N 201 
LYS CB  CG   sing N N 202 
LYS CB  HB2  sing N N 203 
LYS CB  HB3  sing N N 204 
LYS CG  CD   sing N N 205 
LYS CG  HG2  sing N N 206 
LYS CG  HG3  sing N N 207 
LYS CD  CE   sing N N 208 
LYS CD  HD2  sing N N 209 
LYS CD  HD3  sing N N 210 
LYS CE  NZ   sing N N 211 
LYS CE  HE2  sing N N 212 
LYS CE  HE3  sing N N 213 
LYS NZ  HZ1  sing N N 214 
LYS NZ  HZ2  sing N N 215 
LYS NZ  HZ3  sing N N 216 
LYS OXT HXT  sing N N 217 
MET N   CA   sing N N 218 
MET N   H    sing N N 219 
MET N   H2   sing N N 220 
MET CA  C    sing N N 221 
MET CA  CB   sing N N 222 
MET CA  HA   sing N N 223 
MET C   O    doub N N 224 
MET C   OXT  sing N N 225 
MET CB  CG   sing N N 226 
MET CB  HB2  sing N N 227 
MET CB  HB3  sing N N 228 
MET CG  SD   sing N N 229 
MET CG  HG2  sing N N 230 
MET CG  HG3  sing N N 231 
MET SD  CE   sing N N 232 
MET CE  HE1  sing N N 233 
MET CE  HE2  sing N N 234 
MET CE  HE3  sing N N 235 
MET OXT HXT  sing N N 236 
PHE N   CA   sing N N 237 
PHE N   H    sing N N 238 
PHE N   H2   sing N N 239 
PHE CA  C    sing N N 240 
PHE CA  CB   sing N N 241 
PHE CA  HA   sing N N 242 
PHE C   O    doub N N 243 
PHE C   OXT  sing N N 244 
PHE CB  CG   sing N N 245 
PHE CB  HB2  sing N N 246 
PHE CB  HB3  sing N N 247 
PHE CG  CD1  doub Y N 248 
PHE CG  CD2  sing Y N 249 
PHE CD1 CE1  sing Y N 250 
PHE CD1 HD1  sing N N 251 
PHE CD2 CE2  doub Y N 252 
PHE CD2 HD2  sing N N 253 
PHE CE1 CZ   doub Y N 254 
PHE CE1 HE1  sing N N 255 
PHE CE2 CZ   sing Y N 256 
PHE CE2 HE2  sing N N 257 
PHE CZ  HZ   sing N N 258 
PHE OXT HXT  sing N N 259 
PRO N   CA   sing N N 260 
PRO N   CD   sing N N 261 
PRO N   H    sing N N 262 
PRO CA  C    sing N N 263 
PRO CA  CB   sing N N 264 
PRO CA  HA   sing N N 265 
PRO C   O    doub N N 266 
PRO C   OXT  sing N N 267 
PRO CB  CG   sing N N 268 
PRO CB  HB2  sing N N 269 
PRO CB  HB3  sing N N 270 
PRO CG  CD   sing N N 271 
PRO CG  HG2  sing N N 272 
PRO CG  HG3  sing N N 273 
PRO CD  HD2  sing N N 274 
PRO CD  HD3  sing N N 275 
PRO OXT HXT  sing N N 276 
SER N   CA   sing N N 277 
SER N   H    sing N N 278 
SER N   H2   sing N N 279 
SER CA  C    sing N N 280 
SER CA  CB   sing N N 281 
SER CA  HA   sing N N 282 
SER C   O    doub N N 283 
SER C   OXT  sing N N 284 
SER CB  OG   sing N N 285 
SER CB  HB2  sing N N 286 
SER CB  HB3  sing N N 287 
SER OG  HG   sing N N 288 
SER OXT HXT  sing N N 289 
THR N   CA   sing N N 290 
THR N   H    sing N N 291 
THR N   H2   sing N N 292 
THR CA  C    sing N N 293 
THR CA  CB   sing N N 294 
THR CA  HA   sing N N 295 
THR C   O    doub N N 296 
THR C   OXT  sing N N 297 
THR CB  OG1  sing N N 298 
THR CB  CG2  sing N N 299 
THR CB  HB   sing N N 300 
THR OG1 HG1  sing N N 301 
THR CG2 HG21 sing N N 302 
THR CG2 HG22 sing N N 303 
THR CG2 HG23 sing N N 304 
THR OXT HXT  sing N N 305 
TRP N   CA   sing N N 306 
TRP N   H    sing N N 307 
TRP N   H2   sing N N 308 
TRP CA  C    sing N N 309 
TRP CA  CB   sing N N 310 
TRP CA  HA   sing N N 311 
TRP C   O    doub N N 312 
TRP C   OXT  sing N N 313 
TRP CB  CG   sing N N 314 
TRP CB  HB2  sing N N 315 
TRP CB  HB3  sing N N 316 
TRP CG  CD1  doub Y N 317 
TRP CG  CD2  sing Y N 318 
TRP CD1 NE1  sing Y N 319 
TRP CD1 HD1  sing N N 320 
TRP CD2 CE2  doub Y N 321 
TRP CD2 CE3  sing Y N 322 
TRP NE1 CE2  sing Y N 323 
TRP NE1 HE1  sing N N 324 
TRP CE2 CZ2  sing Y N 325 
TRP CE3 CZ3  doub Y N 326 
TRP CE3 HE3  sing N N 327 
TRP CZ2 CH2  doub Y N 328 
TRP CZ2 HZ2  sing N N 329 
TRP CZ3 CH2  sing Y N 330 
TRP CZ3 HZ3  sing N N 331 
TRP CH2 HH2  sing N N 332 
TRP OXT HXT  sing N N 333 
TYR N   CA   sing N N 334 
TYR N   H    sing N N 335 
TYR N   H2   sing N N 336 
TYR CA  C    sing N N 337 
TYR CA  CB   sing N N 338 
TYR CA  HA   sing N N 339 
TYR C   O    doub N N 340 
TYR C   OXT  sing N N 341 
TYR CB  CG   sing N N 342 
TYR CB  HB2  sing N N 343 
TYR CB  HB3  sing N N 344 
TYR CG  CD1  doub Y N 345 
TYR CG  CD2  sing Y N 346 
TYR CD1 CE1  sing Y N 347 
TYR CD1 HD1  sing N N 348 
TYR CD2 CE2  doub Y N 349 
TYR CD2 HD2  sing N N 350 
TYR CE1 CZ   doub Y N 351 
TYR CE1 HE1  sing N N 352 
TYR CE2 CZ   sing Y N 353 
TYR CE2 HE2  sing N N 354 
TYR CZ  OH   sing N N 355 
TYR OH  HH   sing N N 356 
TYR OXT HXT  sing N N 357 
VAL N   CA   sing N N 358 
VAL N   H    sing N N 359 
VAL N   H2   sing N N 360 
VAL CA  C    sing N N 361 
VAL CA  CB   sing N N 362 
VAL CA  HA   sing N N 363 
VAL C   O    doub N N 364 
VAL C   OXT  sing N N 365 
VAL CB  CG1  sing N N 366 
VAL CB  CG2  sing N N 367 
VAL CB  HB   sing N N 368 
VAL CG1 HG11 sing N N 369 
VAL CG1 HG12 sing N N 370 
VAL CG1 HG13 sing N N 371 
VAL CG2 HG21 sing N N 372 
VAL CG2 HG22 sing N N 373 
VAL CG2 HG23 sing N N 374 
VAL OXT HXT  sing N N 375 
# 
_pdbx_audit_support.funding_organization   'National Natural Science Foundation of China (NSFC)' 
_pdbx_audit_support.country                China 
_pdbx_audit_support.grant_number           '31725026; 82225028; 82172287' 
_pdbx_audit_support.ordinal                1 
# 
_space_group.name_H-M_alt     'P 43 3 2' 
_space_group.name_Hall        'P 4acd 2ab 3' 
_space_group.IT_number        212 
_space_group.crystal_system   cubic 
_space_group.id               1 
# 
_atom_sites.entry_id                    8HCS 
_atom_sites.Cartn_transf_matrix[1][1]   ? 
_atom_sites.Cartn_transf_matrix[1][2]   ? 
_atom_sites.Cartn_transf_matrix[1][3]   ? 
_atom_sites.Cartn_transf_matrix[2][1]   ? 
_atom_sites.Cartn_transf_matrix[2][2]   ? 
_atom_sites.Cartn_transf_matrix[2][3]   ? 
_atom_sites.Cartn_transf_matrix[3][1]   ? 
_atom_sites.Cartn_transf_matrix[3][2]   ? 
_atom_sites.Cartn_transf_matrix[3][3]   ? 
_atom_sites.Cartn_transf_vector[1]      ? 
_atom_sites.Cartn_transf_vector[2]      ? 
_atom_sites.Cartn_transf_vector[3]      ? 
_atom_sites.fract_transf_matrix[1][1]   -0.00811063 
_atom_sites.fract_transf_matrix[1][2]   -0.00078839 
_atom_sites.fract_transf_matrix[1][3]   -0.00556716 
_atom_sites.fract_transf_matrix[2][1]   0.00529207 
_atom_sites.fract_transf_matrix[2][2]   0.00223102 
_atom_sites.fract_transf_matrix[2][3]   -0.00802581 
_atom_sites.fract_transf_matrix[3][1]   0.00189968 
_atom_sites.fract_transf_matrix[3][2]   -0.00958113 
_atom_sites.fract_transf_matrix[3][3]   -0.00141076 
_atom_sites.fract_transf_vector[1]      0.551889 
_atom_sites.fract_transf_vector[2]      0.301448 
_atom_sites.fract_transf_vector[3]      0.648034 
_atom_sites.solution_primary            ? 
_atom_sites.solution_secondary          ? 
_atom_sites.solution_hydrogens          ? 
_atom_sites.special_details             ? 
# 
loop_
_atom_type.symbol 
_atom_type.scat_dispersion_real 
_atom_type.scat_dispersion_imag 
_atom_type.scat_Cromer_Mann_a1 
_atom_type.scat_Cromer_Mann_a2 
_atom_type.scat_Cromer_Mann_a3 
_atom_type.scat_Cromer_Mann_a4 
_atom_type.scat_Cromer_Mann_b1 
_atom_type.scat_Cromer_Mann_b2 
_atom_type.scat_Cromer_Mann_b3 
_atom_type.scat_Cromer_Mann_b4 
_atom_type.scat_Cromer_Mann_c 
_atom_type.scat_source 
_atom_type.scat_dispersion_source 
C ? ? 3.54356 2.42580 ? ? 25.62398 1.50364  ? ? 0.0 
;2-Gaussian fit: Grosse-Kunstleve RW, Sauter NK, Adams PD: Newsletter of the IUCr Commission on Crystallographic Computing 2004, 3, 22-31.
;
? 
N ? ? 4.01032 2.96436 ? ? 19.97189 1.75589  ? ? 0.0 
;2-Gaussian fit: Grosse-Kunstleve RW, Sauter NK, Adams PD: Newsletter of the IUCr Commission on Crystallographic Computing 2004, 3, 22-31.
;
? 
O ? ? 4.49882 3.47563 ? ? 15.80542 1.70748  ? ? 0.0 
;2-Gaussian fit: Grosse-Kunstleve RW, Sauter NK, Adams PD: Newsletter of the IUCr Commission on Crystallographic Computing 2004, 3, 22-31.
;
? 
S ? ? 9.55732 6.39887 ? ? 1.23737  29.19336 ? ? 0.0 
;2-Gaussian fit: Grosse-Kunstleve RW, Sauter NK, Adams PD: Newsletter of the IUCr Commission on Crystallographic Computing 2004, 3, 22-31.
;
? 
# 
loop_
_atom_site.group_PDB 
_atom_site.id 
_atom_site.type_symbol 
_atom_site.label_atom_id 
_atom_site.label_alt_id 
_atom_site.label_comp_id 
_atom_site.label_asym_id 
_atom_site.label_entity_id 
_atom_site.label_seq_id 
_atom_site.pdbx_PDB_ins_code 
_atom_site.Cartn_x 
_atom_site.Cartn_y 
_atom_site.Cartn_z 
_atom_site.occupancy 
_atom_site.B_iso_or_equiv 
_atom_site.pdbx_formal_charge 
_atom_site.auth_seq_id 
_atom_site.auth_comp_id 
_atom_site.auth_asym_id 
_atom_site.auth_atom_id 
_atom_site.pdbx_PDB_model_num 
ATOM   1   N N   . ARG A 1 7   ? -1.95071  -12.15231 -4.43620  1.000 101.85392 ? 1   ARG A N   1 
ATOM   2   C CA  . ARG A 1 7   ? -2.94760  -11.83632 -3.41665  1.000 94.11369  ? 1   ARG A CA  1 
ATOM   3   C C   . ARG A 1 7   ? -3.02260  -10.32174 -3.14038  1.000 86.35972  ? 1   ARG A C   1 
ATOM   4   O O   . ARG A 1 7   ? -4.01594  -9.83289  -2.58711  1.000 80.66653  ? 1   ARG A O   1 
ATOM   5   C CB  . ARG A 1 7   ? -2.63156  -12.61760 -2.14261  1.000 97.79476  ? 1   ARG A CB  1 
ATOM   6   C CG  . ARG A 1 7   ? -1.17389  -12.52396 -1.66902  1.000 91.20419  ? 1   ARG A CG  1 
ATOM   7   C CD  . ARG A 1 7   ? -1.04113  -13.30908 -0.36105  1.000 92.75033  ? 1   ARG A CD  1 
ATOM   8   N NE  . ARG A 1 7   ? 0.27743   -13.89835 -0.15676  1.000 102.59706 ? 1   ARG A NE  1 
ATOM   9   C CZ  . ARG A 1 7   ? 0.52554   -15.19758 -0.03635  1.000 111.51414 ? 1   ARG A CZ  1 
ATOM   10  N NH1 . ARG A 1 7   ? -0.41715  -16.10649 -0.24486  1.000 111.62349 ? 1   ARG A NH1 1 
ATOM   11  N NH2 . ARG A 1 7   ? 1.75427   -15.59599 0.29220   1.000 109.75018 ? 1   ARG A NH2 1 
ATOM   12  N N   . LEU A 1 8   ? -1.97350  -9.59129  -3.55921  1.000 81.76787  ? 2   LEU A N   1 
ATOM   13  C CA  . LEU A 1 8   ? -1.88482  -8.15642  -3.28888  1.000 79.94227  ? 2   LEU A CA  1 
ATOM   14  C C   . LEU A 1 8   ? -2.92533  -7.35749  -4.06303  1.000 85.22795  ? 2   LEU A C   1 
ATOM   15  O O   . LEU A 1 8   ? -3.49158  -6.40221  -3.52123  1.000 81.27780  ? 2   LEU A O   1 
ATOM   16  C CB  . LEU A 1 8   ? -0.48730  -7.62673  -3.61523  1.000 81.27961  ? 2   LEU A CB  1 
ATOM   17  C CG  . LEU A 1 8   ? -0.31703  -6.09444  -3.55746  1.000 73.66015  ? 2   LEU A CG  1 
ATOM   18  C CD1 . LEU A 1 8   ? -0.73858  -5.47440  -2.24186  1.000 71.01528  ? 2   LEU A CD1 1 
ATOM   19  C CD2 . LEU A 1 8   ? 1.06899   -5.69332  -3.93097  1.000 70.77767  ? 2   LEU A CD2 1 
ATOM   20  N N   . ARG A 1 9   ? -3.17867  -7.70334  -5.33639  1.000 89.38131  ? 3   ARG A N   1 
ATOM   21  C CA  . ARG A 1 9   ? -4.15914  -6.92983  -6.09873  1.000 86.94710  ? 3   ARG A CA  1 
ATOM   22  C C   . ARG A 1 9   ? -5.56655  -6.98301  -5.50028  1.000 81.86091  ? 3   ARG A C   1 
ATOM   23  O O   . ARG A 1 9   ? -6.14634  -5.91041  -5.27479  1.000 85.36806  ? 3   ARG A O   1 
ATOM   24  C CB  . ARG A 1 9   ? -4.16560  -7.34317  -7.57659  1.000 87.82133  ? 3   ARG A CB  1 
ATOM   25  C CG  . ARG A 1 9   ? -4.91580  -6.28867  -8.39094  1.000 88.42645  ? 3   ARG A CG  1 
ATOM   26  C CD  . ARG A 1 9   ? -5.48581  -6.75891  -9.69846  1.000 98.62376  ? 3   ARG A CD  1 
ATOM   27  N NE  . ARG A 1 9   ? -6.63918  -5.94158  -10.06339 1.000 102.44706 ? 3   ARG A NE  1 
ATOM   28  C CZ  . ARG A 1 9   ? -7.12100  -5.82573  -11.29514 1.000 108.28534 ? 3   ARG A CZ  1 
ATOM   29  N NH1 . ARG A 1 9   ? -6.57883  -6.47506  -12.31731 1.000 104.53426 ? 3   ARG A NH1 1 
ATOM   30  N NH2 . ARG A 1 9   ? -8.16600  -5.03043  -11.50870 1.000 109.22356 ? 3   ARG A NH2 1 
ATOM   31  N N   . PRO A 1 10  ? -6.17074  -8.14671  -5.22298  1.000 80.00937  ? 4   PRO A N   1 
ATOM   32  C CA  . PRO A 1 10  ? -7.47924  -8.11901  -4.53341  1.000 82.70364  ? 4   PRO A CA  1 
ATOM   33  C C   . PRO A 1 10  ? -7.48167  -7.30465  -3.25393  1.000 88.98773  ? 4   PRO A C   1 
ATOM   34  O O   . PRO A 1 10  ? -8.41808  -6.52045  -3.04814  1.000 89.74587  ? 4   PRO A O   1 
ATOM   35  C CB  . PRO A 1 10  ? -7.77218  -9.59981  -4.25655  1.000 81.99016  ? 4   PRO A CB  1 
ATOM   36  C CG  . PRO A 1 10  ? -6.45043  -10.32709 -4.47843  1.000 89.54817  ? 4   PRO A CG  1 
ATOM   37  C CD  . PRO A 1 10  ? -5.74705  -9.52355  -5.53189  1.000 84.61158  ? 4   PRO A CD  1 
ATOM   38  N N   . TRP A 1 11  ? -6.44897  -7.45398  -2.40583  1.000 89.82885  ? 5   TRP A N   1 
ATOM   39  C CA  . TRP A 1 11  ? -6.38345  -6.73954  -1.12652  1.000 87.94249  ? 5   TRP A CA  1 
ATOM   40  C C   . TRP A 1 11  ? -6.27384  -5.23628  -1.33372  1.000 87.15009  ? 5   TRP A C   1 
ATOM   41  O O   . TRP A 1 11  ? -6.99382  -4.45414  -0.70297  1.000 89.24113  ? 5   TRP A O   1 
ATOM   42  C CB  . TRP A 1 11  ? -5.19017  -7.24500  -0.30468  1.000 87.42506  ? 5   TRP A CB  1 
ATOM   43  C CG  . TRP A 1 11  ? -5.01387  -6.56593  1.04001   1.000 86.91339  ? 5   TRP A CG  1 
ATOM   44  C CD1 . TRP A 1 11  ? -5.64567  -6.88880  2.20940   1.000 87.78887  ? 5   TRP A CD1 1 
ATOM   45  C CD2 . TRP A 1 11  ? -4.13949  -5.46928  1.35160   1.000 89.13106  ? 5   TRP A CD2 1 
ATOM   46  N NE1 . TRP A 1 11  ? -5.22980  -6.06295  3.22856   1.000 84.77538  ? 5   TRP A NE1 1 
ATOM   47  C CE2 . TRP A 1 11  ? -4.30627  -5.18160  2.73292   1.000 88.20598  ? 5   TRP A CE2 1 
ATOM   48  C CE3 . TRP A 1 11  ? -3.23263  -4.70843  0.60647   1.000 81.54252  ? 5   TRP A CE3 1 
ATOM   49  C CZ2 . TRP A 1 11  ? -3.60513  -4.16106  3.37747   1.000 84.77833  ? 5   TRP A CZ2 1 
ATOM   50  C CZ3 . TRP A 1 11  ? -2.54540  -3.69944  1.24272   1.000 85.46165  ? 5   TRP A CZ3 1 
ATOM   51  C CH2 . TRP A 1 11  ? -2.73667  -3.42943  2.61934   1.000 85.79434  ? 5   TRP A CH2 1 
ATOM   52  N N   . LEU A 1 12  ? -5.35329  -4.81799  -2.20341  1.000 84.60706  ? 6   LEU A N   1 
ATOM   53  C CA  . LEU A 1 12  ? -5.13409  -3.40027  -2.45062  1.000 83.43761  ? 6   LEU A CA  1 
ATOM   54  C C   . LEU A 1 12  ? -6.40752  -2.72644  -2.94824  1.000 87.97410  ? 6   LEU A C   1 
ATOM   55  O O   . LEU A 1 12  ? -6.71719  -1.59614  -2.55172  1.000 88.36977  ? 6   LEU A O   1 
ATOM   56  C CB  . LEU A 1 12  ? -3.98756  -3.24748  -3.44765  1.000 83.73544  ? 6   LEU A CB  1 
ATOM   57  C CG  . LEU A 1 12  ? -3.27552  -1.92547  -3.70481  1.000 88.04022  ? 6   LEU A CG  1 
ATOM   58  C CD1 . LEU A 1 12  ? -2.48008  -1.53631  -2.48780  1.000 85.03019  ? 6   LEU A CD1 1 
ATOM   59  C CD2 . LEU A 1 12  ? -2.33480  -2.12700  -4.88787  1.000 79.68482  ? 6   LEU A CD2 1 
ATOM   60  N N   . GLU A 1 13  ? -7.18581  -3.42269  -3.78407  1.000 94.65391  ? 7   GLU A N   1 
ATOM   61  C CA  . GLU A 1 13  ? -8.42303  -2.84106  -4.30587  1.000 95.04292  ? 7   GLU A CA  1 
ATOM   62  C C   . GLU A 1 13  ? -9.36739  -2.46508  -3.16569  1.000 93.90812  ? 7   GLU A C   1 
ATOM   63  O O   . GLU A 1 13  ? -9.85368  -1.32712  -3.10241  1.000 96.26982  ? 7   GLU A O   1 
ATOM   64  C CB  . GLU A 1 13  ? -9.09087  -3.80779  -5.29818  1.000 101.13023 ? 7   GLU A CB  1 
ATOM   65  C CG  . GLU A 1 13  ? -9.86568  -3.12207  -6.47420  1.000 109.73356 ? 7   GLU A CG  1 
ATOM   66  C CD  . GLU A 1 13  ? -9.73249  -3.82847  -7.85415  1.000 113.09339 ? 7   GLU A CD  1 
ATOM   67  O OE1 . GLU A 1 13  ? -8.95821  -4.81251  -7.98139  1.000 110.35764 ? 7   GLU A OE1 1 
ATOM   68  O OE2 . GLU A 1 13  ? -10.41019 -3.38435  -8.82177  1.000 111.06509 ? 7   GLU A OE2 1 
ATOM   69  N N   . GLU A 1 14  ? -9.59163  -3.38854  -2.21695  1.000 90.61558  ? 8   GLU A N   1 
ATOM   70  C CA  . GLU A 1 14  ? -10.47386 -3.07098  -1.09430  1.000 93.03615  ? 8   GLU A CA  1 
ATOM   71  C C   . GLU A 1 14  ? -9.88271  -2.00410  -0.18481  1.000 96.79205  ? 8   GLU A C   1 
ATOM   72  O O   . GLU A 1 14  ? -10.63176 -1.23412  0.42895   1.000 93.98547  ? 8   GLU A O   1 
ATOM   73  C CB  . GLU A 1 14  ? -10.78889 -4.31053  -0.26245  1.000 94.92766  ? 8   GLU A CB  1 
ATOM   74  C CG  . GLU A 1 14  ? -10.61327 -5.62797  -0.96968  1.000 98.41395  ? 8   GLU A CG  1 
ATOM   75  C CD  . GLU A 1 14  ? -11.03002 -6.78727  -0.08415  1.000 112.71279 ? 8   GLU A CD  1 
ATOM   76  O OE1 . GLU A 1 14  ? -11.12446 -6.57192  1.14806   1.000 113.29785 ? 8   GLU A OE1 1 
ATOM   77  O OE2 . GLU A 1 14  ? -11.28543 -7.89739  -0.62007  1.000 118.49448 ? 8   GLU A OE2 1 
ATOM   78  N N   . GLN A 1 15  ? -8.55450  -1.94335  -0.07544  1.000 93.20100  ? 9   GLN A N   1 
ATOM   79  C CA  . GLN A 1 15  ? -7.94540  -0.93615  0.78356   1.000 92.79255  ? 9   GLN A CA  1 
ATOM   80  C C   . GLN A 1 15  ? -8.21171  0.47659   0.26188   1.000 92.20990  ? 9   GLN A C   1 
ATOM   81  O O   . GLN A 1 15  ? -8.65816  1.34466   1.02087   1.000 92.24795  ? 9   GLN A O   1 
ATOM   82  C CB  . GLN A 1 15  ? -6.44634  -1.20464  0.92888   1.000 92.14799  ? 9   GLN A CB  1 
ATOM   83  C CG  . GLN A 1 15  ? -6.10185  -2.60422  1.42393   1.000 91.67002  ? 9   GLN A CG  1 
ATOM   84  C CD  . GLN A 1 15  ? -6.97517  -3.07479  2.59249   1.000 91.58423  ? 9   GLN A CD  1 
ATOM   85  O OE1 . GLN A 1 15  ? -7.23126  -2.33007  3.54876   1.000 86.24167  ? 9   GLN A OE1 1 
ATOM   86  N NE2 . GLN A 1 15  ? -7.44292  -4.32200  2.50776   1.000 87.34933  ? 9   GLN A NE2 1 
ATOM   87  N N   . ILE A 1 16  ? -7.94500  0.72962   -1.03352  1.000 91.28911  ? 10  ILE A N   1 
ATOM   88  C CA  . ILE A 1 16  ? -8.29732  2.02580   -1.62999  1.000 96.80406  ? 10  ILE A CA  1 
ATOM   89  C C   . ILE A 1 16  ? -9.75211  2.34170   -1.36702  1.000 99.74115  ? 10  ILE A C   1 
ATOM   90  O O   . ILE A 1 16  ? -10.12046 3.48927   -1.07529  1.000 95.51706  ? 10  ILE A O   1 
ATOM   91  C CB  . ILE A 1 16  ? -8.03953  2.04445   -3.14601  1.000 92.26659  ? 10  ILE A CB  1 
ATOM   92  C CG1 . ILE A 1 16  ? -6.65427  1.50516   -3.48942  1.000 88.33888  ? 10  ILE A CG1 1 
ATOM   93  C CG2 . ILE A 1 16  ? -8.30242  3.44556   -3.68988  1.000 82.49344  ? 10  ILE A CG2 1 
ATOM   94  C CD1 . ILE A 1 16  ? -6.56278  1.03758   -4.92075  1.000 87.29294  ? 10  ILE A CD1 1 
ATOM   95  N N   . GLN A 1 17  ? -10.59762 1.31456   -1.47801  1.000 100.62857 ? 11  GLN A N   1 
ATOM   96  C CA  . GLN A 1 17  ? -12.03564 1.47421   -1.31870  1.000 104.11909 ? 11  GLN A CA  1 
ATOM   97  C C   . GLN A 1 17  ? -12.41106 1.84641   0.11365   1.000 105.07417 ? 11  GLN A C   1 
ATOM   98  O O   . GLN A 1 17  ? -13.19693 2.77406   0.32830   1.000 109.89582 ? 11  GLN A O   1 
ATOM   99  C CB  . GLN A 1 17  ? -12.73749 0.18881   -1.75184  1.000 104.60272 ? 11  GLN A CB  1 
ATOM   100 C CG  . GLN A 1 17  ? -14.14981 0.39388   -2.24315  1.000 108.19630 ? 11  GLN A CG  1 
ATOM   101 C CD  . GLN A 1 17  ? -14.24488 1.40203   -3.36791  1.000 113.74960 ? 11  GLN A CD  1 
ATOM   102 O OE1 . GLN A 1 17  ? -15.26671 2.07653   -3.52184  1.000 122.35168 ? 11  GLN A OE1 1 
ATOM   103 N NE2 . GLN A 1 17  ? -13.19833 1.48262   -4.18971  1.000 114.43081 ? 11  GLN A NE2 1 
ATOM   104 N N   . SER A 1 18  ? -11.85995 1.13147   1.10760   1.000 108.43307 ? 12  SER A N   1 
ATOM   105 C CA  . SER A 1 18  ? -12.11835 1.43534   2.52012   1.000 109.52149 ? 12  SER A CA  1 
ATOM   106 C C   . SER A 1 18  ? -11.97106 2.92832   2.86023   1.000 114.11230 ? 12  SER A C   1 
ATOM   107 O O   . SER A 1 18  ? -12.71137 3.44475   3.71119   1.000 108.44167 ? 12  SER A O   1 
ATOM   108 C CB  . SER A 1 18  ? -11.19127 0.58054   3.40482   1.000 109.29223 ? 12  SER A CB  1 
ATOM   109 O OG  . SER A 1 18  ? -10.03525 1.28753   3.85314   1.000 107.80283 ? 12  SER A OG  1 
ATOM   110 N N   . GLY A 1 19  ? -11.03304 3.63826   2.21522   1.000 114.98199 ? 13  GLY A N   1 
ATOM   111 C CA  . GLY A 1 19  ? -10.76561 5.02484   2.55225   1.000 113.39132 ? 13  GLY A CA  1 
ATOM   112 C C   . GLY A 1 19  ? -10.21156 5.24455   3.94113   1.000 114.86078 ? 13  GLY A C   1 
ATOM   113 O O   . GLY A 1 19  ? -10.00624 6.39943   4.33505   1.000 115.38979 ? 13  GLY A O   1 
ATOM   114 N N   . ARG A 1 20  ? -9.96860  4.17230   4.69332   1.000 111.23836 ? 14  ARG A N   1 
ATOM   115 C CA  . ARG A 1 20  ? -9.37330  4.22095   6.01685   1.000 108.68365 ? 14  ARG A CA  1 
ATOM   116 C C   . ARG A 1 20  ? -7.86903  4.44948   5.97108   1.000 105.31543 ? 14  ARG A C   1 
ATOM   117 O O   . ARG A 1 20  ? -7.20701  4.31569   7.00283   1.000 107.25806 ? 14  ARG A O   1 
ATOM   118 C CB  . ARG A 1 20  ? -9.68654  2.92514   6.77454   1.000 109.29496 ? 14  ARG A CB  1 
ATOM   119 C CG  . ARG A 1 20  ? -10.89958 3.01170   7.71360   1.000 116.31087 ? 14  ARG A CG  1 
ATOM   120 C CD  . ARG A 1 20  ? -11.06373 1.72917   8.53015   1.000 120.79583 ? 14  ARG A CD  1 
ATOM   121 N NE  . ARG A 1 20  ? -10.35923 0.61893   7.89792   1.000 123.90553 ? 14  ARG A NE  1 
ATOM   122 C CZ  . ARG A 1 20  ? -10.92196 -0.27817  7.09782   1.000 122.94187 ? 14  ARG A CZ  1 
ATOM   123 N NH1 . ARG A 1 20  ? -12.23234 -0.28753  6.87846   1.000 118.30195 ? 14  ARG A NH1 1 
ATOM   124 N NH2 . ARG A 1 20  ? -10.14996 -1.18558  6.49836   1.000 113.44555 ? 14  ARG A NH2 1 
ATOM   125 N N   . TYR A 1 21  ? -7.31750  4.76776   4.80667   1.000 101.74970 ? 15  TYR A N   1 
ATOM   126 C CA  . TYR A 1 21  ? -5.90950  5.13063   4.67778   1.000 90.40442  ? 15  TYR A CA  1 
ATOM   127 C C   . TYR A 1 21  ? -5.84589  6.50732   4.06143   1.000 91.61383  ? 15  TYR A C   1 
ATOM   128 O O   . TYR A 1 21  ? -6.13646  6.66254   2.86059   1.000 91.59450  ? 15  TYR A O   1 
ATOM   129 C CB  . TYR A 1 21  ? -5.13509  4.13706   3.82329   1.000 88.65263  ? 15  TYR A CB  1 
ATOM   130 C CG  . TYR A 1 21  ? -5.29790  2.70465   4.24132   1.000 86.15260  ? 15  TYR A CG  1 
ATOM   131 C CD1 . TYR A 1 21  ? -6.34220  1.94475   3.76009   1.000 86.54734  ? 15  TYR A CD1 1 
ATOM   132 C CD2 . TYR A 1 21  ? -4.39398  2.11035   5.10137   1.000 90.94068  ? 15  TYR A CD2 1 
ATOM   133 C CE1 . TYR A 1 21  ? -6.49595  0.64571   4.12189   1.000 89.64734  ? 15  TYR A CE1 1 
ATOM   134 C CE2 . TYR A 1 21  ? -4.52889  0.79318   5.47278   1.000 89.96790  ? 15  TYR A CE2 1 
ATOM   135 C CZ  . TYR A 1 21  ? -5.58332  0.06341   4.97501   1.000 91.17757  ? 15  TYR A CZ  1 
ATOM   136 O OH  . TYR A 1 21  ? -5.72425  -1.25160  5.34349   1.000 91.72289  ? 15  TYR A OH  1 
ATOM   137 N N   . PRO A 1 22  ? -5.50580  7.52780   4.83371   1.000 97.62339  ? 16  PRO A N   1 
ATOM   138 C CA  . PRO A 1 22  ? -5.39907  8.87387   4.26352   1.000 90.14311  ? 16  PRO A CA  1 
ATOM   139 C C   . PRO A 1 22  ? -4.35226  8.90804   3.16079   1.000 91.85323  ? 16  PRO A C   1 
ATOM   140 O O   . PRO A 1 22  ? -3.27548  8.31353   3.27828   1.000 99.05143  ? 16  PRO A O   1 
ATOM   141 C CB  . PRO A 1 22  ? -5.00122  9.74522   5.45741   1.000 87.35366  ? 16  PRO A CB  1 
ATOM   142 C CG  . PRO A 1 22  ? -4.79082  8.81925   6.61542   1.000 88.97082  ? 16  PRO A CG  1 
ATOM   143 C CD  . PRO A 1 22  ? -5.23490  7.46143   6.28029   1.000 86.33753  ? 16  PRO A CD  1 
ATOM   144 N N   . GLY A 1 23  ? -4.68776  9.61279   2.08038   1.000 90.10200  ? 17  GLY A N   1 
ATOM   145 C CA  . GLY A 1 23  ? -3.88382  9.64767   0.88634   1.000 88.69900  ? 17  GLY A CA  1 
ATOM   146 C C   . GLY A 1 23  ? -4.15153  8.52063   -0.08000  1.000 91.38264  ? 17  GLY A C   1 
ATOM   147 O O   . GLY A 1 23  ? -3.81663  8.64470   -1.26413  1.000 94.43792  ? 17  GLY A O   1 
ATOM   148 N N   . VAL A 1 24  ? -4.74982  7.42785   0.38497   1.000 89.02693  ? 18  VAL A N   1 
ATOM   149 C CA  . VAL A 1 24  ? -4.97505  6.24067   -0.42698  1.000 87.91158  ? 18  VAL A CA  1 
ATOM   150 C C   . VAL A 1 24  ? -6.40056  6.34496   -0.95527  1.000 89.33209  ? 18  VAL A C   1 
ATOM   151 O O   . VAL A 1 24  ? -7.37003  6.02522   -0.25629  1.000 92.91237  ? 18  VAL A O   1 
ATOM   152 C CB  . VAL A 1 24  ? -4.73567  4.96114   0.37367   1.000 84.01922  ? 18  VAL A CB  1 
ATOM   153 C CG1 . VAL A 1 24  ? -5.02340  3.76409   -0.46314  1.000 82.98092  ? 18  VAL A CG1 1 
ATOM   154 C CG2 . VAL A 1 24  ? -3.29498  4.92324   0.86807   1.000 81.22593  ? 18  VAL A CG2 1 
ATOM   155 N N   . GLN A 1 25  ? -6.51941  6.81449   -2.19728  1.000 88.57304  ? 19  GLN A N   1 
ATOM   156 C CA  . GLN A 1 25  ? -7.79310  7.18572   -2.78969  1.000 85.32243  ? 19  GLN A CA  1 
ATOM   157 C C   . GLN A 1 25  ? -7.67608  7.10774   -4.29879  1.000 86.74405  ? 19  GLN A C   1 
ATOM   158 O O   . GLN A 1 25  ? -6.57853  7.18483   -4.86155  1.000 88.20410  ? 19  GLN A O   1 
ATOM   159 C CB  . GLN A 1 25  ? -8.18708  8.59975   -2.39805  1.000 84.63151  ? 19  GLN A CB  1 
ATOM   160 C CG  . GLN A 1 25  ? -7.04697  9.56066   -2.59901  1.000 90.30668  ? 19  GLN A CG  1 
ATOM   161 C CD  . GLN A 1 25  ? -7.27513  10.87549  -1.87878  1.000 98.83610  ? 19  GLN A CD  1 
ATOM   162 O OE1 . GLN A 1 25  ? -6.32828  11.58809  -1.51969  1.000 101.81684 ? 19  GLN A OE1 1 
ATOM   163 N NE2 . GLN A 1 25  ? -8.53772  11.20435  -1.66089  1.000 97.62039  ? 19  GLN A NE2 1 
ATOM   164 N N   . TRP A 1 26  ? -8.83590  7.00984   -4.94407  1.000 85.99646  ? 20  TRP A N   1 
ATOM   165 C CA  . TRP A 1 26  ? -8.90936  7.05176   -6.39833  1.000 79.94047  ? 20  TRP A CA  1 
ATOM   166 C C   . TRP A 1 26  ? -8.62071  8.45213   -6.92802  1.000 85.51944  ? 20  TRP A C   1 
ATOM   167 O O   . TRP A 1 26  ? -9.10192  9.45663   -6.38340  1.000 89.58996  ? 20  TRP A O   1 
ATOM   168 C CB  . TRP A 1 26  ? -10.28739 6.62796   -6.84849  1.000 80.13318  ? 20  TRP A CB  1 
ATOM   169 C CG  . TRP A 1 26  ? -10.61293 5.22535   -6.49637  1.000 84.04011  ? 20  TRP A CG  1 
ATOM   170 C CD1 . TRP A 1 26  ? -11.53971 4.79458   -5.57585  1.000 79.29757  ? 20  TRP A CD1 1 
ATOM   171 C CD2 . TRP A 1 26  ? -10.04190 4.04747   -7.07610  1.000 84.18593  ? 20  TRP A CD2 1 
ATOM   172 N NE1 . TRP A 1 26  ? -11.56265 3.41962   -5.54218  1.000 83.98948  ? 20  TRP A NE1 1 
ATOM   173 C CE2 . TRP A 1 26  ? -10.65686 2.93505   -6.45434  1.000 84.12695  ? 20  TRP A CE2 1 
ATOM   174 C CE3 . TRP A 1 26  ? -9.06113  3.82411   -8.04588  1.000 81.46730  ? 20  TRP A CE3 1 
ATOM   175 C CZ2 . TRP A 1 26  ? -10.31976 1.62164   -6.77614  1.000 77.63245  ? 20  TRP A CZ2 1 
ATOM   176 C CZ3 . TRP A 1 26  ? -8.73116  2.51941   -8.35761  1.000 85.54984  ? 20  TRP A CZ3 1 
ATOM   177 C CH2 . TRP A 1 26  ? -9.35578  1.43590   -7.72530  1.000 79.24451  ? 20  TRP A CH2 1 
ATOM   178 N N   . LEU A 1 27  ? -7.82848  8.50931   -8.00353  1.000 81.90825  ? 21  LEU A N   1 
ATOM   179 C CA  . LEU A 1 27  ? -7.60012  9.72963   -8.77174  1.000 84.86855  ? 21  LEU A CA  1 
ATOM   180 C C   . LEU A 1 27  ? -8.47214  9.80140   -10.00739 1.000 84.69459  ? 21  LEU A C   1 
ATOM   181 O O   . LEU A 1 27  ? -8.76600  10.89585  -10.49134 1.000 86.35738  ? 21  LEU A O   1 
ATOM   182 C CB  . LEU A 1 27  ? -6.13683  9.83073   -9.21706  1.000 82.51622  ? 21  LEU A CB  1 
ATOM   183 C CG  . LEU A 1 27  ? -5.12492  10.14035  -8.11797  1.000 86.70269  ? 21  LEU A CG  1 
ATOM   184 C CD1 . LEU A 1 27  ? -3.87145  10.68521  -8.72596  1.000 87.41114  ? 21  LEU A CD1 1 
ATOM   185 C CD2 . LEU A 1 27  ? -5.70339  11.10370  -7.08921  1.000 85.33219  ? 21  LEU A CD2 1 
ATOM   186 N N   . ASP A 1 28  ? -8.85108  8.64427   -10.53328 1.000 85.28121  ? 22  ASP A N   1 
ATOM   187 C CA  . ASP A 1 28  ? -9.77621  8.46815   -11.65097 1.000 87.05672  ? 22  ASP A CA  1 
ATOM   188 C C   . ASP A 1 28  ? -10.31048 7.06404   -11.42143 1.000 85.06956  ? 22  ASP A C   1 
ATOM   189 O O   . ASP A 1 28  ? -9.68569  6.07773   -11.83222 1.000 83.33118  ? 22  ASP A O   1 
ATOM   190 C CB  . ASP A 1 28  ? -9.10385  8.60831   -13.01540 1.000 88.12418  ? 22  ASP A CB  1 
ATOM   191 C CG  . ASP A 1 28  ? -10.04885 8.32659   -14.21324 1.000 88.07841  ? 22  ASP A CG  1 
ATOM   192 O OD1 . ASP A 1 28  ? -11.24857 7.97018   -14.03488 1.000 85.02917  ? 22  ASP A OD1 1 
ATOM   193 O OD2 . ASP A 1 28  ? -9.54641  8.46119   -15.35933 1.000 84.86117  ? 22  ASP A OD2 1 
ATOM   194 N N   . GLN A 1 29  ? -11.43285 6.97551   -10.70933 1.000 82.56769  ? 23  GLN A N   1 
ATOM   195 C CA  . GLN A 1 29  ? -11.96582 5.65236   -10.42731 1.000 89.00314  ? 23  GLN A CA  1 
ATOM   196 C C   . GLN A 1 29  ? -12.37953 4.93394   -11.70481 1.000 93.47329  ? 23  GLN A C   1 
ATOM   197 O O   . GLN A 1 29  ? -12.23755 3.71127   -11.80786 1.000 94.72447  ? 23  GLN A O   1 
ATOM   198 C CB  . GLN A 1 29  ? -13.12286 5.74073   -9.44884  1.000 82.59643  ? 23  GLN A CB  1 
ATOM   199 C CG  . GLN A 1 29  ? -13.48763 4.37259   -8.94742  1.000 87.82039  ? 23  GLN A CG  1 
ATOM   200 C CD  . GLN A 1 29  ? -14.56386 4.40818   -7.90425  1.000 87.66395  ? 23  GLN A CD  1 
ATOM   201 O OE1 . GLN A 1 29  ? -14.94062 5.47649   -7.43931  1.000 97.13819  ? 23  GLN A OE1 1 
ATOM   202 N NE2 . GLN A 1 29  ? -15.04502 3.23899   -7.50224  1.000 94.28953  ? 23  GLN A NE2 1 
ATOM   203 N N   . SER A 1 30  ? -12.88049 5.68106   -12.69077 1.000 98.46600  ? 24  SER A N   1 
ATOM   204 C CA  . SER A 1 30  ? -13.27042 5.08242   -13.96004 1.000 91.88912  ? 24  SER A CA  1 
ATOM   205 C C   . SER A 1 30  ? -12.09981 4.33042   -14.58527 1.000 91.25170  ? 24  SER A C   1 
ATOM   206 O O   . SER A 1 30  ? -12.27638 3.24566   -15.14222 1.000 96.48747  ? 24  SER A O   1 
ATOM   207 C CB  . SER A 1 30  ? -13.78082 6.18259   -14.88632 1.000 95.05591  ? 24  SER A CB  1 
ATOM   208 O OG  . SER A 1 30  ? -14.69957 7.01066   -14.17640 1.000 100.95614 ? 24  SER A OG  1 
ATOM   209 N N   . ALA A 1 31  ? -10.88871 4.87764   -14.46613 1.000 91.63905  ? 25  ALA A N   1 
ATOM   210 C CA  . ALA A 1 31  ? -9.66461  4.30921   -15.02624 1.000 86.20172  ? 25  ALA A CA  1 
ATOM   211 C C   . ALA A 1 31  ? -8.93034  3.37833   -14.05511 1.000 97.09981  ? 25  ALA A C   1 
ATOM   212 O O   . ALA A 1 31  ? -7.89464  2.78882   -14.42203 1.000 87.94744  ? 25  ALA A O   1 
ATOM   213 C CB  . ALA A 1 31  ? -8.72932  5.44308   -15.45568 1.000 82.99865  ? 25  ALA A CB  1 
ATOM   214 N N   . ARG A 1 32  ? -9.44922  3.23053   -12.82978 1.000 95.87834  ? 26  ARG A N   1 
ATOM   215 C CA  . ARG A 1 32  ? -8.78547  2.49301   -11.75470 1.000 90.51762  ? 26  ARG A CA  1 
ATOM   216 C C   . ARG A 1 32  ? -7.37139  3.02282   -11.48376 1.000 89.02625  ? 26  ARG A C   1 
ATOM   217 O O   . ARG A 1 32  ? -6.44921  2.27173   -11.15972 1.000 83.97045  ? 26  ARG A O   1 
ATOM   218 C CB  . ARG A 1 32  ? -8.80062  0.99019   -12.03230 1.000 94.36839  ? 26  ARG A CB  1 
ATOM   219 C CG  . ARG A 1 32  ? -10.21469 0.41342   -12.04143 1.000 91.53805  ? 26  ARG A CG  1 
ATOM   220 C CD  . ARG A 1 32  ? -10.23515 -1.05125  -11.56184 1.000 105.67442 ? 26  ARG A CD  1 
ATOM   221 N NE  . ARG A 1 32  ? -10.00436 -2.00145  -12.64712 1.000 111.71069 ? 26  ARG A NE  1 
ATOM   222 C CZ  . ARG A 1 32  ? -10.88546 -2.91245  -13.04298 1.000 118.64777 ? 26  ARG A CZ  1 
ATOM   223 N NH1 . ARG A 1 32  ? -12.06585 -3.03818  -12.45083 1.000 124.62359 ? 26  ARG A NH1 1 
ATOM   224 N NH2 . ARG A 1 32  ? -10.58606 -3.70116  -14.07236 1.000 115.47185 ? 26  ARG A NH2 1 
ATOM   225 N N   . VAL A 1 33  ? -7.22385  4.34271   -11.58562 1.000 93.26924  ? 27  VAL A N   1 
ATOM   226 C CA  . VAL A 1 33  ? -5.99531  5.06023   -11.27137 1.000 84.99790  ? 27  VAL A CA  1 
ATOM   227 C C   . VAL A 1 33  ? -6.09494  5.59666   -9.85074  1.000 82.54565  ? 27  VAL A C   1 
ATOM   228 O O   . VAL A 1 33  ? -7.01481  6.35710   -9.52811  1.000 83.26303  ? 27  VAL A O   1 
ATOM   229 C CB  . VAL A 1 33  ? -5.75455  6.19316   -12.27216 1.000 77.01988  ? 27  VAL A CB  1 
ATOM   230 C CG1 . VAL A 1 33  ? -4.78050  7.16400   -11.70276 1.000 78.92048  ? 27  VAL A CG1 1 
ATOM   231 C CG2 . VAL A 1 33  ? -5.24615  5.60839   -13.56832 1.000 81.18659  ? 27  VAL A CG2 1 
ATOM   232 N N   . PHE A 1 34  ? -5.13624  5.21200   -9.00721  1.000 88.25015  ? 28  PHE A N   1 
ATOM   233 C CA  . PHE A 1 34  ? -5.15060  5.51578   -7.58169  1.000 81.64859  ? 28  PHE A CA  1 
ATOM   234 C C   . PHE A 1 34  ? -3.76852  5.98561   -7.14284  1.000 82.22370  ? 28  PHE A C   1 
ATOM   235 O O   . PHE A 1 34  ? -2.80230  6.01886   -7.91505  1.000 83.70977  ? 28  PHE A O   1 
ATOM   236 C CB  . PHE A 1 34  ? -5.58388  4.30254   -6.75789  1.000 75.02546  ? 28  PHE A CB  1 
ATOM   237 C CG  . PHE A 1 34  ? -4.58837  3.17184   -6.79111  1.000 82.63783  ? 28  PHE A CG  1 
ATOM   238 C CD1 . PHE A 1 34  ? -4.45889  2.36675   -7.91947  1.000 83.41147  ? 28  PHE A CD1 1 
ATOM   239 C CD2 . PHE A 1 34  ? -3.73582  2.94572   -5.71546  1.000 80.89720  ? 28  PHE A CD2 1 
ATOM   240 C CE1 . PHE A 1 34  ? -3.52955  1.32096   -7.95957  1.000 85.97892  ? 28  PHE A CE1 1 
ATOM   241 C CE2 . PHE A 1 34  ? -2.80004  1.91632   -5.75563  1.000 85.02362  ? 28  PHE A CE2 1 
ATOM   242 C CZ  . PHE A 1 34  ? -2.69843  1.09294   -6.88233  1.000 83.44261  ? 28  PHE A CZ  1 
ATOM   243 N N   . GLN A 1 35  ? -3.66715  6.30087   -5.86498  1.000 84.73251  ? 29  GLN A N   1 
ATOM   244 C CA  . GLN A 1 35  ? -2.55700  7.10320   -5.39201  1.000 82.83079  ? 29  GLN A CA  1 
ATOM   245 C C   . GLN A 1 35  ? -2.15563  6.59868   -4.01574  1.000 87.55781  ? 29  GLN A C   1 
ATOM   246 O O   . GLN A 1 35  ? -3.00982  6.33414   -3.16939  1.000 87.31875  ? 29  GLN A O   1 
ATOM   247 C CB  . GLN A 1 35  ? -3.00633  8.55961   -5.36948  1.000 86.30068  ? 29  GLN A CB  1 
ATOM   248 C CG  . GLN A 1 35  ? -2.03972  9.57674   -4.93468  1.000 88.95631  ? 29  GLN A CG  1 
ATOM   249 C CD  . GLN A 1 35  ? -2.78381  10.76423  -4.38622  1.000 91.56264  ? 29  GLN A CD  1 
ATOM   250 O OE1 . GLN A 1 35  ? -3.86592  10.60468  -3.82063  1.000 88.76251  ? 29  GLN A OE1 1 
ATOM   251 N NE2 . GLN A 1 35  ? -2.21639  11.95806  -4.53562  1.000 91.20693  ? 29  GLN A NE2 1 
ATOM   252 N N   . ILE A 1 36  ? -0.84491  6.43652   -3.81625  1.000 88.03082  ? 30  ILE A N   1 
ATOM   253 C CA  . ILE A 1 36  ? -0.28551  5.94241   -2.55813  1.000 88.70110  ? 30  ILE A CA  1 
ATOM   254 C C   . ILE A 1 36  ? 0.60770   7.02549   -2.00032  1.000 87.02319  ? 30  ILE A C   1 
ATOM   255 O O   . ILE A 1 36  ? 1.48480   7.52945   -2.69772  1.000 88.24798  ? 30  ILE A O   1 
ATOM   256 C CB  . ILE A 1 36  ? 0.51801   4.63612   -2.75834  1.000 86.38810  ? 30  ILE A CB  1 
ATOM   257 C CG1 . ILE A 1 36  ? -0.39126  3.49995   -3.18326  1.000 89.29833  ? 30  ILE A CG1 1 
ATOM   258 C CG2 . ILE A 1 36  ? 1.22956   4.23699   -1.49330  1.000 80.84911  ? 30  ILE A CG2 1 
ATOM   259 C CD1 . ILE A 1 36  ? 0.30740   2.14357   -3.07290  1.000 93.54597  ? 30  ILE A CD1 1 
ATOM   260 N N   . PRO A 1 37  ? 0.42307   7.44053   -0.71825  1.000 86.39398  ? 31  PRO A N   1 
ATOM   261 C CA  . PRO A 1 37  ? 1.39539   8.33099   -0.06921  1.000 85.07220  ? 31  PRO A CA  1 
ATOM   262 C C   . PRO A 1 37  ? 2.71115   7.63675   0.24854   1.000 90.35566  ? 31  PRO A C   1 
ATOM   263 O O   . PRO A 1 37  ? 2.78330   6.76242   1.11739   1.000 96.22218  ? 31  PRO A O   1 
ATOM   264 C CB  . PRO A 1 37  ? 0.67152   8.75983   1.21012   1.000 84.96140  ? 31  PRO A CB  1 
ATOM   265 C CG  . PRO A 1 37  ? -0.27877  7.65464   1.49118   1.000 82.36494  ? 31  PRO A CG  1 
ATOM   266 C CD  . PRO A 1 37  ? -0.71411  7.13077   0.16442   1.000 87.84610  ? 31  PRO A CD  1 
ATOM   267 N N   . TRP A 1 38  ? 3.76489   8.02619   -0.44935  1.000 91.70822  ? 32  TRP A N   1 
ATOM   268 C CA  . TRP A 1 38  ? 5.09321   7.43228   -0.30031  1.000 98.44056  ? 32  TRP A CA  1 
ATOM   269 C C   . TRP A 1 38  ? 5.93983   8.41712   0.50559   1.000 107.41665 ? 32  TRP A C   1 
ATOM   270 O O   . TRP A 1 38  ? 6.45178   9.39924   -0.03941  1.000 111.46095 ? 32  TRP A O   1 
ATOM   271 C CB  . TRP A 1 38  ? 5.68827   7.14889   -1.67552  1.000 96.48286  ? 32  TRP A CB  1 
ATOM   272 C CG  . TRP A 1 38  ? 6.42827   5.86924   -1.79141  1.000 99.62992  ? 32  TRP A CG  1 
ATOM   273 C CD1 . TRP A 1 38  ? 7.78184   5.69105   -1.70674  1.000 105.63815 ? 32  TRP A CD1 1 
ATOM   274 C CD2 . TRP A 1 38  ? 5.86777   4.57510   -2.02799  1.000 99.58779  ? 32  TRP A CD2 1 
ATOM   275 N NE1 . TRP A 1 38  ? 8.09714   4.36247   -1.88162  1.000 111.73507 ? 32  TRP A NE1 1 
ATOM   276 C CE2 . TRP A 1 38  ? 6.93619   3.65599   -2.07209  1.000 105.75241 ? 32  TRP A CE2 1 
ATOM   277 C CE3 . TRP A 1 38  ? 4.57084   4.10178   -2.20254  1.000 98.87601  ? 32  TRP A CE3 1 
ATOM   278 C CZ2 . TRP A 1 38  ? 6.73782   2.29012   -2.28091  1.000 95.23470  ? 32  TRP A CZ2 1 
ATOM   279 C CZ3 . TRP A 1 38  ? 4.38150   2.74566   -2.40603  1.000 97.40433  ? 32  TRP A CZ3 1 
ATOM   280 C CH2 . TRP A 1 38  ? 5.45604   1.85936   -2.44206  1.000 88.50318  ? 32  TRP A CH2 1 
ATOM   281 N N   . LYS A 1 39  ? 6.08034   8.17723   1.80693   1.000 104.23613 ? 33  LYS A N   1 
ATOM   282 C CA  . LYS A 1 39  ? 6.61664   9.24422   2.64905   1.000 109.14056 ? 33  LYS A CA  1 
ATOM   283 C C   . LYS A 1 39  ? 7.90156   8.84964   3.36443   1.000 119.02264 ? 33  LYS A C   1 
ATOM   284 O O   . LYS A 1 39  ? 8.85655   9.63152   3.41631   1.000 120.40771 ? 33  LYS A O   1 
ATOM   285 C CB  . LYS A 1 39  ? 5.55114   9.69142   3.65904   1.000 110.42480 ? 33  LYS A CB  1 
ATOM   286 C CG  . LYS A 1 39  ? 6.04162   10.59557  4.78591   1.000 112.94334 ? 33  LYS A CG  1 
ATOM   287 C CD  . LYS A 1 39  ? 6.54424   11.96897  4.28659   1.000 115.35725 ? 33  LYS A CD  1 
ATOM   288 C CE  . LYS A 1 39  ? 5.74744   12.55753  3.09476   1.000 117.16280 ? 33  LYS A CE  1 
ATOM   289 N NZ  . LYS A 1 39  ? 4.25449   12.64656  3.25514   1.000 115.81853 ? 33  LYS A NZ  1 
ATOM   290 N N   . ASN A 1 47  ? 13.52432  6.13072   12.36641  1.000 102.40220 ? 41  ASN A N   1 
ATOM   291 C CA  . ASN A 1 47  ? 12.63862  5.11897   11.79066  1.000 107.25667 ? 41  ASN A CA  1 
ATOM   292 C C   . ASN A 1 47  ? 11.39741  4.87766   12.64281  1.000 108.53030 ? 41  ASN A C   1 
ATOM   293 O O   . ASN A 1 47  ? 11.23650  3.80606   13.23312  1.000 104.82862 ? 41  ASN A O   1 
ATOM   294 C CB  . ASN A 1 47  ? 13.37237  3.77811   11.59844  1.000 117.42387 ? 41  ASN A CB  1 
ATOM   295 C CG  . ASN A 1 47  ? 12.45893  2.67239   10.99287  1.000 114.44311 ? 41  ASN A CG  1 
ATOM   296 O OD1 . ASN A 1 47  ? 12.25533  2.61591   9.77740   1.000 110.67569 ? 41  ASN A OD1 1 
ATOM   297 N ND2 . ASN A 1 47  ? 11.89584  1.81559   11.85182  1.000 103.94112 ? 41  ASN A ND2 1 
ATOM   298 N N   . ILE A 1 48  ? 10.50684  5.86462   12.70875  1.000 111.85733 ? 42  ILE A N   1 
ATOM   299 C CA  . ILE A 1 48  ? 9.26024   5.71647   13.45608  1.000 109.34301 ? 42  ILE A CA  1 
ATOM   300 C C   . ILE A 1 48  ? 8.11645   6.23498   12.58855  1.000 105.96639 ? 42  ILE A C   1 
ATOM   301 O O   . ILE A 1 48  ? 8.17280   7.36307   12.08458  1.000 107.83705 ? 42  ILE A O   1 
ATOM   302 C CB  . ILE A 1 48  ? 9.29287   6.43167   14.83056  1.000 106.82340 ? 42  ILE A CB  1 
ATOM   303 C CG1 . ILE A 1 48  ? 10.50779  5.97244   15.66095  1.000 104.12227 ? 42  ILE A CG1 1 
ATOM   304 C CG2 . ILE A 1 48  ? 7.96537   6.21135   15.61909  1.000 100.26919 ? 42  ILE A CG2 1 
ATOM   305 C CD1 . ILE A 1 48  ? 10.50489  6.43037   17.11396  1.000 99.77737  ? 42  ILE A CD1 1 
ATOM   306 N N   . ASP A 1 49  ? 7.10974   5.38942   12.36997  1.000 105.69554 ? 43  ASP A N   1 
ATOM   307 C CA  . ASP A 1 49  ? 5.80753   5.76259   11.82732  1.000 104.51721 ? 43  ASP A CA  1 
ATOM   308 C C   . ASP A 1 49  ? 4.77922   5.16716   12.77287  1.000 100.75248 ? 43  ASP A C   1 
ATOM   309 O O   . ASP A 1 49  ? 4.73706   3.94458   12.93370  1.000 105.64723 ? 43  ASP A O   1 
ATOM   310 C CB  . ASP A 1 49  ? 5.61345   5.21901   10.40190  1.000 101.47458 ? 43  ASP A CB  1 
ATOM   311 C CG  . ASP A 1 49  ? 4.58028   6.00414   9.58548   1.000 107.19511 ? 43  ASP A CG  1 
ATOM   312 O OD1 . ASP A 1 49  ? 3.59919   6.54772   10.16499  1.000 104.08675 ? 43  ASP A OD1 1 
ATOM   313 O OD2 . ASP A 1 49  ? 4.75001   6.04431   8.34299   1.000 105.98179 ? 43  ASP A OD2 1 
ATOM   314 N N   . LYS A 1 50  ? 3.98723   6.01338   13.43352  1.000 98.64095  ? 44  LYS A N   1 
ATOM   315 C CA  . LYS A 1 50  ? 2.95981   5.50198   14.33896  1.000 100.04864 ? 44  LYS A CA  1 
ATOM   316 C C   . LYS A 1 50  ? 1.69055   5.05342   13.62109  1.000 99.15169  ? 44  LYS A C   1 
ATOM   317 O O   . LYS A 1 50  ? 0.93430   4.24461   14.17832  1.000 95.06911  ? 44  LYS A O   1 
ATOM   318 C CB  . LYS A 1 50  ? 2.59799   6.56047   15.39370  1.000 96.88324  ? 44  LYS A CB  1 
ATOM   319 C CG  . LYS A 1 50  ? 2.21116   7.90407   14.79906  1.000 102.93567 ? 44  LYS A CG  1 
ATOM   320 C CD  . LYS A 1 50  ? 1.98732   8.93141   15.86845  1.000 102.83469 ? 44  LYS A CD  1 
ATOM   321 C CE  . LYS A 1 50  ? 2.32768   10.31475  15.33121  1.000 112.84005 ? 44  LYS A CE  1 
ATOM   322 N NZ  . LYS A 1 50  ? 3.35728   10.97446  16.21095  1.000 109.29214 ? 44  LYS A NZ  1 
ATOM   323 N N   . ASP A 1 51  ? 1.45689   5.53492   12.39859  1.000 105.01161 ? 45  ASP A N   1 
ATOM   324 C CA  . ASP A 1 51  ? 0.14282   5.44546   11.77741  1.000 98.03316  ? 45  ASP A CA  1 
ATOM   325 C C   . ASP A 1 51  ? -0.11021  4.05183   11.20566  1.000 99.14189  ? 45  ASP A C   1 
ATOM   326 O O   . ASP A 1 51  ? 0.81713   3.26864   10.94404  1.000 96.69989  ? 45  ASP A O   1 
ATOM   327 C CB  . ASP A 1 51  ? 0.00731   6.49583   10.68133  1.000 99.84393  ? 45  ASP A CB  1 
ATOM   328 C CG  . ASP A 1 51  ? -0.18868  7.89241   11.23818  1.000 104.54467 ? 45  ASP A CG  1 
ATOM   329 O OD1 . ASP A 1 51  ? 0.20879   8.85040   10.54330  1.000 109.79152 ? 45  ASP A OD1 1 
ATOM   330 O OD2 . ASP A 1 51  ? -0.71295  8.03111   12.36970  1.000 105.25648 ? 45  ASP A OD2 1 
ATOM   331 N N   . ALA A 1 52  ? -1.40094  3.73857   11.03730  1.000 99.81052  ? 46  ALA A N   1 
ATOM   332 C CA  . ALA A 1 52  ? -1.82494  2.46993   10.44086  1.000 94.82511  ? 46  ALA A CA  1 
ATOM   333 C C   . ALA A 1 52  ? -1.83678  2.66236   8.92812   1.000 93.81759  ? 46  ALA A C   1 
ATOM   334 O O   . ALA A 1 52  ? -2.87063  2.89840   8.29796   1.000 100.45988 ? 46  ALA A O   1 
ATOM   335 C CB  . ALA A 1 52  ? -3.17829  2.02965   10.98564  1.000 93.08957  ? 46  ALA A CB  1 
ATOM   336 N N   . THR A 1 53  ? -0.64041  2.58858   8.34868   1.000 90.96772  ? 47  THR A N   1 
ATOM   337 C CA  . THR A 1 53  ? -0.44968  2.80123   6.92655   1.000 90.09370  ? 47  THR A CA  1 
ATOM   338 C C   . THR A 1 53  ? -0.78034  1.52533   6.14832   1.000 90.82759  ? 47  THR A C   1 
ATOM   339 O O   . THR A 1 53  ? -1.06191  0.45805   6.71114   1.000 85.45680  ? 47  THR A O   1 
ATOM   340 C CB  . THR A 1 53  ? 0.98715   3.22813   6.63060   1.000 81.60706  ? 47  THR A CB  1 
ATOM   341 O OG1 . THR A 1 53  ? 1.87641   2.16290   6.99238   1.000 81.05358  ? 47  THR A OG1 1 
ATOM   342 C CG2 . THR A 1 53  ? 1.33908   4.47216   7.41259   1.000 79.94698  ? 47  THR A CG2 1 
ATOM   343 N N   . LEU A 1 54  ? -0.74896  1.64980   4.82139   1.000 84.63664  ? 48  LEU A N   1 
ATOM   344 C CA  . LEU A 1 54  ? -0.93434  0.48824   3.97215   1.000 77.34615  ? 48  LEU A CA  1 
ATOM   345 C C   . LEU A 1 54  ? 0.16635   -0.51938  4.20712   1.000 77.43871  ? 48  LEU A C   1 
ATOM   346 O O   . LEU A 1 54  ? -0.07804  -1.72782  4.19382   1.000 81.10501  ? 48  LEU A O   1 
ATOM   347 C CB  . LEU A 1 54  ? -0.91407  0.90854   2.51319   1.000 84.56660  ? 48  LEU A CB  1 
ATOM   348 C CG  . LEU A 1 54  ? -2.16838  1.12688   1.69926   1.000 79.49253  ? 48  LEU A CG  1 
ATOM   349 C CD1 . LEU A 1 54  ? -1.66487  1.19334   0.26758   1.000 77.29962  ? 48  LEU A CD1 1 
ATOM   350 C CD2 . LEU A 1 54  ? -3.19997  0.04005   1.93392   1.000 81.25221  ? 48  LEU A CD2 1 
ATOM   351 N N   . PHE A 1 55  ? 1.39646   -0.02959  4.39103   1.000 80.97796  ? 49  PHE A N   1 
ATOM   352 C CA  . PHE A 1 55  ? 2.55826   -0.89668  4.55203   1.000 74.06766  ? 49  PHE A CA  1 
ATOM   353 C C   . PHE A 1 55  ? 2.42961   -1.73033  5.81715   1.000 71.82797  ? 49  PHE A C   1 
ATOM   354 O O   . PHE A 1 55  ? 2.67935   -2.94256  5.81645   1.000 67.04390  ? 49  PHE A O   1 
ATOM   355 C CB  . PHE A 1 55  ? 3.81671   -0.04450  4.61515   1.000 69.07670  ? 49  PHE A CB  1 
ATOM   356 C CG  . PHE A 1 55  ? 3.90191   0.98909   3.55078   1.000 78.38782  ? 49  PHE A CG  1 
ATOM   357 C CD1 . PHE A 1 55  ? 4.29438   2.28769   3.85878   1.000 79.72046  ? 49  PHE A CD1 1 
ATOM   358 C CD2 . PHE A 1 55  ? 3.60483   0.67796   2.22575   1.000 83.61821  ? 49  PHE A CD2 1 
ATOM   359 C CE1 . PHE A 1 55  ? 4.38659   3.25822   2.85362   1.000 92.26591  ? 49  PHE A CE1 1 
ATOM   360 C CE2 . PHE A 1 55  ? 3.70502   1.64937   1.21396   1.000 83.06438  ? 49  PHE A CE2 1 
ATOM   361 C CZ  . PHE A 1 55  ? 4.10203   2.94026   1.52789   1.000 89.47866  ? 49  PHE A CZ  1 
ATOM   362 N N   . ARG A 1 56  ? 2.06204   -1.07766  6.91969   1.000 78.85936  ? 50  ARG A N   1 
ATOM   363 C CA  . ARG A 1 56  ? 1.83797   -1.79351  8.16730   1.000 81.88349  ? 50  ARG A CA  1 
ATOM   364 C C   . ARG A 1 56  ? 0.76969   -2.86099  7.98473   1.000 78.12308  ? 50  ARG A C   1 
ATOM   365 O O   . ARG A 1 56  ? 1.00578   -4.04059  8.25643   1.000 76.46408  ? 50  ARG A O   1 
ATOM   366 C CB  . ARG A 1 56  ? 1.44620   -0.81740  9.28462   1.000 73.47551  ? 50  ARG A CB  1 
ATOM   367 C CG  . ARG A 1 56  ? 1.09267   -1.53641  10.58618  1.000 78.63415  ? 50  ARG A CG  1 
ATOM   368 C CD  . ARG A 1 56  ? 0.57819   -0.59029  11.65139  1.000 84.84169  ? 50  ARG A CD  1 
ATOM   369 N NE  . ARG A 1 56  ? -0.85350  -0.75979  11.84772  1.000 88.51208  ? 50  ARG A NE  1 
ATOM   370 C CZ  . ARG A 1 56  ? -1.39721  -1.43556  12.84746  1.000 88.35937  ? 50  ARG A CZ  1 
ATOM   371 N NH1 . ARG A 1 56  ? -0.64958  -2.02782  13.76615  1.000 87.14887  ? 50  ARG A NH1 1 
ATOM   372 N NH2 . ARG A 1 56  ? -2.72412  -1.52999  12.92006  1.000 90.00665  ? 50  ARG A NH2 1 
ATOM   373 N N   . ASN A 1 57  ? -0.41525  -2.46027  7.50795   1.000 76.63891  ? 51  ASN A N   1 
ATOM   374 C CA  . ASN A 1 57  ? -1.53163  -3.39504  7.43496   1.000 80.35558  ? 51  ASN A CA  1 
ATOM   375 C C   . ASN A 1 57  ? -1.25476  -4.51667  6.44381   1.000 77.86038  ? 51  ASN A C   1 
ATOM   376 O O   . ASN A 1 57  ? -1.73826  -5.63566  6.61721   1.000 75.26807  ? 51  ASN A O   1 
ATOM   377 C CB  . ASN A 1 57  ? -2.80990  -2.64422  7.07504   1.000 80.70100  ? 51  ASN A CB  1 
ATOM   378 C CG  . ASN A 1 57  ? -3.35228  -1.82271  8.25384   1.000 88.52007  ? 51  ASN A CG  1 
ATOM   379 O OD1 . ASN A 1 57  ? -2.70610  -1.70198  9.30606   1.000 87.68250  ? 51  ASN A OD1 1 
ATOM   380 N ND2 . ASN A 1 57  ? -4.54080  -1.25826  8.08142   1.000 91.07181  ? 51  ASN A ND2 1 
ATOM   381 N N   . TRP A 1 58  ? -0.46842  -4.23584  5.41279   1.000 78.21583  ? 52  TRP A N   1 
ATOM   382 C CA  . TRP A 1 58  ? -0.02625  -5.28069  4.50750   1.000 74.08680  ? 52  TRP A CA  1 
ATOM   383 C C   . TRP A 1 58  ? 0.89626   -6.26413  5.20906   1.000 76.35082  ? 52  TRP A C   1 
ATOM   384 O O   . TRP A 1 58  ? 0.83828   -7.46595  4.94966   1.000 80.48476  ? 52  TRP A O   1 
ATOM   385 C CB  . TRP A 1 58  ? 0.68964   -4.66218  3.30799   1.000 77.54904  ? 52  TRP A CB  1 
ATOM   386 C CG  . TRP A 1 58  ? 1.27984   -5.68956  2.37569   1.000 82.61645  ? 52  TRP A CG  1 
ATOM   387 C CD1 . TRP A 1 58  ? 2.60941   -5.87218  2.06563   1.000 76.85280  ? 52  TRP A CD1 1 
ATOM   388 C CD2 . TRP A 1 58  ? 0.55442   -6.67910  1.63327   1.000 77.81833  ? 52  TRP A CD2 1 
ATOM   389 N NE1 . TRP A 1 58  ? 2.74779   -6.91763  1.17361   1.000 71.90299  ? 52  TRP A NE1 1 
ATOM   390 C CE2 . TRP A 1 58  ? 1.49962   -7.42033  0.88541   1.000 77.47749  ? 52  TRP A CE2 1 
ATOM   391 C CE3 . TRP A 1 58  ? -0.80229  -7.00047  1.51846   1.000 79.50608  ? 52  TRP A CE3 1 
ATOM   392 C CZ2 . TRP A 1 58  ? 1.12006   -8.46049  0.03043   1.000 72.32500  ? 52  TRP A CZ2 1 
ATOM   393 C CZ3 . TRP A 1 58  ? -1.17524  -8.04432  0.67162   1.000 80.42019  ? 52  TRP A CZ3 1 
ATOM   394 C CH2 . TRP A 1 58  ? -0.21727  -8.75751  -0.05561  1.000 73.44419  ? 52  TRP A CH2 1 
ATOM   395 N N   . ALA A 1 59  ? 1.78958   -5.77076  6.06489   1.000 83.46888  ? 53  ALA A N   1 
ATOM   396 C CA  . ALA A 1 59  ? 2.64779   -6.66891  6.83221   1.000 79.92861  ? 53  ALA A CA  1 
ATOM   397 C C   . ALA A 1 59  ? 1.82712   -7.48730  7.81611   1.000 79.11268  ? 53  ALA A C   1 
ATOM   398 O O   . ALA A 1 59  ? 2.06822   -8.68268  8.00012   1.000 80.92913  ? 53  ALA A O   1 
ATOM   399 C CB  . ALA A 1 59  ? 3.71559   -5.87186  7.57025   1.000 74.07487  ? 53  ALA A CB  1 
ATOM   400 N N   . ILE A 1 60  ? 0.84295   -6.85938  8.44872   1.000 78.89086  ? 54  ILE A N   1 
ATOM   401 C CA  . ILE A 1 60  ? -0.07483  -7.59531  9.30789   1.000 80.76570  ? 54  ILE A CA  1 
ATOM   402 C C   . ILE A 1 60  ? -0.74641  -8.71304  8.51816   1.000 86.98467  ? 54  ILE A C   1 
ATOM   403 O O   . ILE A 1 60  ? -0.69148  -9.88863  8.89815   1.000 90.99608  ? 54  ILE A O   1 
ATOM   404 C CB  . ILE A 1 60  ? -1.11581  -6.63956  9.91065   1.000 79.48120  ? 54  ILE A CB  1 
ATOM   405 C CG1 . ILE A 1 60  ? -0.54413  -5.93874  11.14107  1.000 83.85712  ? 54  ILE A CG1 1 
ATOM   406 C CG2 . ILE A 1 60  ? -2.33143  -7.42919  10.31208  1.000 80.54637  ? 54  ILE A CG2 1 
ATOM   407 C CD1 . ILE A 1 60  ? -1.22689  -4.63265  11.47836  1.000 81.14901  ? 54  ILE A CD1 1 
ATOM   408 N N   . HIS A 1 61  ? -1.34415  -8.35817  7.37314   1.000 87.12109  ? 55  HIS A N   1 
ATOM   409 C CA  . HIS A 1 61  ? -2.11820  -9.30040  6.57368   1.000 82.85311  ? 55  HIS A CA  1 
ATOM   410 C C   . HIS A 1 61  ? -1.24387  -10.42149 6.01314   1.000 84.86439  ? 55  HIS A C   1 
ATOM   411 O O   . HIS A 1 61  ? -1.64377  -11.59163 6.02903   1.000 84.48819  ? 55  HIS A O   1 
ATOM   412 C CB  . HIS A 1 61  ? -2.82992  -8.52307  5.46785   1.000 86.71752  ? 55  HIS A CB  1 
ATOM   413 C CG  . HIS A 1 61  ? -3.54781  -9.37123  4.46046   1.000 89.92632  ? 55  HIS A CG  1 
ATOM   414 N ND1 . HIS A 1 61  ? -4.91698  -9.32873  4.30352   1.000 89.47556  ? 55  HIS A ND1 1 
ATOM   415 C CD2 . HIS A 1 61  ? -3.08810  -10.22750 3.51656   1.000 88.04890  ? 55  HIS A CD2 1 
ATOM   416 C CE1 . HIS A 1 61  ? -5.27097  -10.14322 3.32703   1.000 87.36288  ? 55  HIS A CE1 1 
ATOM   417 N NE2 . HIS A 1 61  ? -4.18129  -10.70827 2.83988   1.000 90.38344  ? 55  HIS A NE2 1 
ATOM   418 N N   . THR A 1 62  ? -0.04210  -10.10220 5.52753   1.000 85.24821  ? 56  THR A N   1 
ATOM   419 C CA  . THR A 1 62  ? 0.82376   -11.17483 5.03985   1.000 87.65664  ? 56  THR A CA  1 
ATOM   420 C C   . THR A 1 62  ? 1.45735   -11.96221 6.19286   1.000 88.61261  ? 56  THR A C   1 
ATOM   421 O O   . THR A 1 62  ? 2.32998   -12.81335 5.95303   1.000 82.22190  ? 56  THR A O   1 
ATOM   422 C CB  . THR A 1 62  ? 1.93290   -10.63590 4.11952   1.000 86.39554  ? 56  THR A CB  1 
ATOM   423 O OG1 . THR A 1 62  ? 2.83659   -11.70217 3.81379   1.000 102.93437 ? 56  THR A OG1 1 
ATOM   424 C CG2 . THR A 1 62  ? 2.76826   -9.59719  4.83707   1.000 84.25771  ? 56  THR A CG2 1 
ATOM   425 N N   . GLY A 1 63  ? 1.03790   -11.67333 7.43080   1.000 90.17165  ? 57  GLY A N   1 
ATOM   426 C CA  . GLY A 1 63  ? 1.51667   -12.34453 8.62465   1.000 87.48271  ? 57  GLY A CA  1 
ATOM   427 C C   . GLY A 1 63  ? 2.92605   -11.99852 9.05070   1.000 89.98417  ? 57  GLY A C   1 
ATOM   428 O O   . GLY A 1 63  ? 3.52438   -12.73913 9.83033   1.000 90.36886  ? 57  GLY A O   1 
ATOM   429 N N   . ARG A 1 64  ? 3.48530   -10.89702 8.56370   1.000 92.71345  ? 58  ARG A N   1 
ATOM   430 C CA  . ARG A 1 64  ? 4.87724   -10.58687 8.82545   1.000 88.64479  ? 58  ARG A CA  1 
ATOM   431 C C   . ARG A 1 64  ? 5.04660   -9.56106  9.95522   1.000 88.15863  ? 58  ARG A C   1 
ATOM   432 O O   . ARG A 1 64  ? 6.18064   -9.22839  10.31277  1.000 89.58520  ? 58  ARG A O   1 
ATOM   433 C CB  . ARG A 1 64  ? 5.52932   -10.14621 7.51154   1.000 92.46488  ? 58  ARG A CB  1 
ATOM   434 C CG  . ARG A 1 64  ? 7.02559   -10.08281 7.54017   1.000 111.93918 ? 58  ARG A CG  1 
ATOM   435 C CD  . ARG A 1 64  ? 7.65005   -10.99775 6.49644   1.000 117.19444 ? 58  ARG A CD  1 
ATOM   436 N NE  . ARG A 1 64  ? 7.46788   -12.39986 6.86450   1.000 127.63737 ? 58  ARG A NE  1 
ATOM   437 C CZ  . ARG A 1 64  ? 8.30939   -13.11023 7.61235   1.000 134.19430 ? 58  ARG A CZ  1 
ATOM   438 N NH1 . ARG A 1 64  ? 9.38545   -12.56428 8.16122   1.000 133.10317 ? 58  ARG A NH1 1 
ATOM   439 N NH2 . ARG A 1 64  ? 8.05635   -14.39991 7.82813   1.000 139.86460 ? 58  ARG A NH2 1 
ATOM   440 N N   . TYR A 1 65  ? 3.94545   -9.11470  10.57604  1.000 82.77504  ? 59  TYR A N   1 
ATOM   441 C CA  . TYR A 1 65  ? 3.95058   -8.21119  11.72599  1.000 81.75471  ? 59  TYR A CA  1 
ATOM   442 C C   . TYR A 1 65  ? 2.80493   -8.60153  12.64617  1.000 82.94567  ? 59  TYR A C   1 
ATOM   443 O O   . TYR A 1 65  ? 1.64914   -8.65135  12.22146  1.000 80.88592  ? 59  TYR A O   1 
ATOM   444 C CB  . TYR A 1 65  ? 3.80562   -6.73770  11.30448  1.000 77.69823  ? 59  TYR A CB  1 
ATOM   445 C CG  . TYR A 1 65  ? 3.53641   -5.74373  12.43210  1.000 81.88262  ? 59  TYR A CG  1 
ATOM   446 C CD1 . TYR A 1 65  ? 4.37616   -5.66997  13.54982  1.000 86.39737  ? 59  TYR A CD1 1 
ATOM   447 C CD2 . TYR A 1 65  ? 2.44810   -4.87590  12.37901  1.000 80.46452  ? 59  TYR A CD2 1 
ATOM   448 C CE1 . TYR A 1 65  ? 4.14706   -4.77076  14.56927  1.000 80.34948  ? 59  TYR A CE1 1 
ATOM   449 C CE2 . TYR A 1 65  ? 2.20793   -3.95844  13.41358  1.000 85.51529  ? 59  TYR A CE2 1 
ATOM   450 C CZ  . TYR A 1 65  ? 3.06867   -3.91648  14.50062  1.000 83.98107  ? 59  TYR A CZ  1 
ATOM   451 O OH  . TYR A 1 65  ? 2.85276   -3.02406  15.53210  1.000 86.83966  ? 59  TYR A OH  1 
ATOM   452 N N   . LYS A 1 66  ? 3.11966   -8.86966  13.90836  1.000 84.88555  ? 60  LYS A N   1 
ATOM   453 C CA  . LYS A 1 66  ? 2.10958   -9.29009  14.86998  1.000 87.26150  ? 60  LYS A CA  1 
ATOM   454 C C   . LYS A 1 66  ? 1.94164   -8.15720  15.87017  1.000 90.43751  ? 60  LYS A C   1 
ATOM   455 O O   . LYS A 1 66  ? 2.67551   -8.08640  16.86525  1.000 95.36782  ? 60  LYS A O   1 
ATOM   456 C CB  . LYS A 1 66  ? 2.53527   -10.58718 15.55934  1.000 93.58919  ? 60  LYS A CB  1 
ATOM   457 C CG  . LYS A 1 66  ? 2.19934   -11.86937 14.78365  1.000 92.98694  ? 60  LYS A CG  1 
ATOM   458 C CD  . LYS A 1 66  ? 2.82143   -13.08501 15.47399  1.000 93.76446  ? 60  LYS A CD  1 
ATOM   459 C CE  . LYS A 1 66  ? 1.74861   -13.91045 16.18982  1.000 107.21289 ? 60  LYS A CE  1 
ATOM   460 N NZ  . LYS A 1 66  ? 2.27321   -15.17611 16.78185  1.000 115.70356 ? 60  LYS A NZ  1 
ATOM   461 N N   . PRO A 1 67  ? 0.99068   -7.25109  15.66046  1.000 87.92142  ? 61  PRO A N   1 
ATOM   462 C CA  . PRO A 1 67  ? 0.97057   -6.00856  16.44438  1.000 91.29769  ? 61  PRO A CA  1 
ATOM   463 C C   . PRO A 1 67  ? 0.97607   -6.28348  17.93994  1.000 93.92934  ? 61  PRO A C   1 
ATOM   464 O O   . PRO A 1 67  ? 0.44647   -7.28911  18.41255  1.000 93.72964  ? 61  PRO A O   1 
ATOM   465 C CB  . PRO A 1 67  ? -0.31709  -5.30845  16.00050  1.000 80.47425  ? 61  PRO A CB  1 
ATOM   466 C CG  . PRO A 1 67  ? -0.94967  -6.17246  15.00460  1.000 88.73327  ? 61  PRO A CG  1 
ATOM   467 C CD  . PRO A 1 67  ? -0.19003  -7.42423  14.80605  1.000 84.73032  ? 61  PRO A CD  1 
ATOM   468 N N   . GLY A 1 68  ? 1.64125   -5.40677  18.68190  1.000 95.85756  ? 62  GLY A N   1 
ATOM   469 C CA  . GLY A 1 68  ? 1.70859   -5.54203  20.11909  1.000 104.11981 ? 62  GLY A CA  1 
ATOM   470 C C   . GLY A 1 68  ? 2.64221   -6.61585  20.65646  1.000 102.42336 ? 62  GLY A C   1 
ATOM   471 O O   . GLY A 1 68  ? 3.04876   -6.53495  21.82382  1.000 105.46109 ? 62  GLY A O   1 
ATOM   472 N N   . ILE A 1 69  ? 3.01290   -7.61637  19.87028  1.000 93.77095  ? 63  ILE A N   1 
ATOM   473 C CA  . ILE A 1 69  ? 3.92216   -8.63088  20.37598  1.000 97.53141  ? 63  ILE A CA  1 
ATOM   474 C C   . ILE A 1 69  ? 5.30941   -8.57408  19.73850  1.000 98.34382  ? 63  ILE A C   1 
ATOM   475 O O   . ILE A 1 69  ? 6.27852   -8.98952  20.39001  1.000 105.34736 ? 63  ILE A O   1 
ATOM   476 C CB  . ILE A 1 69  ? 3.32106   -10.05580 20.27623  1.000 97.48675  ? 63  ILE A CB  1 
ATOM   477 C CG1 . ILE A 1 69  ? 3.69478   -10.75046 18.97947  1.000 97.04679  ? 63  ILE A CG1 1 
ATOM   478 C CG2 . ILE A 1 69  ? 1.80494   -10.05822 20.46976  1.000 91.85689  ? 63  ILE A CG2 1 
ATOM   479 C CD1 . ILE A 1 69  ? 3.31214   -12.20775 19.00472  1.000 108.17581 ? 63  ILE A CD1 1 
ATOM   480 N N   . ASP A 1 70  ? 5.46008   -8.04705  18.52176  1.000 96.12343  ? 64  ASP A N   1 
ATOM   481 C CA  . ASP A 1 70  ? 6.80140   -7.74820  18.03367  1.000 97.84267  ? 64  ASP A CA  1 
ATOM   482 C C   . ASP A 1 70  ? 6.86036   -6.29214  17.58590  1.000 93.85247  ? 64  ASP A C   1 
ATOM   483 O O   . ASP A 1 70  ? 5.83611   -5.65260  17.32508  1.000 91.14671  ? 64  ASP A O   1 
ATOM   484 C CB  . ASP A 1 70  ? 7.29562   -8.72759  16.92707  1.000 99.92732  ? 64  ASP A CB  1 
ATOM   485 C CG  . ASP A 1 70  ? 6.18890   -9.19772  15.97897  1.000 101.70718 ? 64  ASP A CG  1 
ATOM   486 O OD1 . ASP A 1 70  ? 6.49614   -9.91419  15.00155  1.000 95.50865  ? 64  ASP A OD1 1 
ATOM   487 O OD2 . ASP A 1 70  ? 5.01342   -8.85382  16.20215  1.000 100.37558 ? 64  ASP A OD2 1 
ATOM   488 N N   . LYS A 1 71  ? 8.09356   -5.76879  17.54568  1.000 89.95115  ? 65  LYS A N   1 
ATOM   489 C CA  . LYS A 1 71  ? 8.31349   -4.32873  17.58477  1.000 85.85702  ? 65  LYS A CA  1 
ATOM   490 C C   . LYS A 1 71  ? 8.07247   -3.70996  16.21825  1.000 88.62530  ? 65  LYS A C   1 
ATOM   491 O O   . LYS A 1 71  ? 8.63855   -4.18248  15.22365  1.000 90.67798  ? 65  LYS A O   1 
ATOM   492 C CB  . LYS A 1 71  ? 9.73042   -4.00772  18.03267  1.000 89.52756  ? 65  LYS A CB  1 
ATOM   493 C CG  . LYS A 1 71  ? 10.35875  -5.03902  18.95139  1.000 101.84959 ? 65  LYS A CG  1 
ATOM   494 C CD  . LYS A 1 71  ? 11.38918  -4.35199  19.85398  1.000 107.11537 ? 65  LYS A CD  1 
ATOM   495 C CE  . LYS A 1 71  ? 12.05235  -5.28120  20.84874  1.000 106.46513 ? 65  LYS A CE  1 
ATOM   496 N NZ  . LYS A 1 71  ? 13.18244  -4.54476  21.47831  1.000 107.00754 ? 65  LYS A NZ  1 
ATOM   497 N N   . PRO A 1 72  ? 7.27572   -2.64277  16.13521  1.000 85.84694  ? 66  PRO A N   1 
ATOM   498 C CA  . PRO A 1 72  ? 6.95260   -2.06047  14.82521  1.000 83.70716  ? 66  PRO A CA  1 
ATOM   499 C C   . PRO A 1 72  ? 8.22305   -1.69196  14.08787  1.000 82.24008  ? 66  PRO A C   1 
ATOM   500 O O   . PRO A 1 72  ? 9.24750   -1.42651  14.71689  1.000 79.81070  ? 66  PRO A O   1 
ATOM   501 C CB  . PRO A 1 72  ? 6.11619   -0.83069  15.18203  1.000 78.35435  ? 66  PRO A CB  1 
ATOM   502 C CG  . PRO A 1 72  ? 5.44355   -1.23911  16.48293  1.000 78.82352  ? 66  PRO A CG  1 
ATOM   503 C CD  . PRO A 1 72  ? 6.47247   -2.05954  17.22400  1.000 86.44891  ? 66  PRO A CD  1 
ATOM   504 N N   . ASP A 1 73  ? 8.15459   -1.72211  12.71680  1.000 80.69770  ? 67  ASP A N   1 
ATOM   505 C CA  . ASP A 1 73  ? 9.32342   -1.54227  11.84345  1.000 78.28611  ? 67  ASP A CA  1 
ATOM   506 C C   . ASP A 1 73  ? 8.93639   -1.10309  10.42483  1.000 80.65422  ? 67  ASP A C   1 
ATOM   507 O O   . ASP A 1 73  ? 9.00223   -1.88710  9.45640   1.000 72.99693  ? 67  ASP A O   1 
ATOM   508 C CB  . ASP A 1 73  ? 10.13657  -2.83832  11.81408  1.000 74.37317  ? 67  ASP A CB  1 
ATOM   509 C CG  . ASP A 1 73  ? 11.38012  -2.74009  10.94555  1.000 81.10289  ? 67  ASP A CG  1 
ATOM   510 O OD1 . ASP A 1 73  ? 11.77080  -1.61725  10.52315  1.000 84.59193  ? 67  ASP A OD1 1 
ATOM   511 O OD2 . ASP A 1 73  ? 11.98125  -3.80444  10.70292  1.000 82.73387  ? 67  ASP A OD2 1 
ATOM   512 N N   . PRO A 1 74  ? 8.57376   0.16950   10.25398  1.000 84.23930  ? 68  PRO A N   1 
ATOM   513 C CA  . PRO A 1 74  ? 8.03413   0.59552   8.95805   1.000 78.66568  ? 68  PRO A CA  1 
ATOM   514 C C   . PRO A 1 74  ? 9.04966   0.56645   7.83875   1.000 77.44706  ? 68  PRO A C   1 
ATOM   515 O O   . PRO A 1 74  ? 8.64692   0.45697   6.67411   1.000 80.49261  ? 68  PRO A O   1 
ATOM   516 C CB  . PRO A 1 74  ? 7.55148   2.02297   9.23717   1.000 77.16224  ? 68  PRO A CB  1 
ATOM   517 C CG  . PRO A 1 74  ? 7.46358   2.11949   10.73540  1.000 76.19910  ? 68  PRO A CG  1 
ATOM   518 C CD  . PRO A 1 74  ? 8.57295   1.27303   11.22799  1.000 81.60379  ? 68  PRO A CD  1 
ATOM   519 N N   . LYS A 1 75  ? 10.34536  0.68712   8.12867   1.000 74.47108  ? 69  LYS A N   1 
ATOM   520 C CA  . LYS A 1 75  ? 11.30838  0.60167   7.04075   1.000 78.22337  ? 69  LYS A CA  1 
ATOM   521 C C   . LYS A 1 75  ? 11.11956  -0.69412  6.25884   1.000 79.16784  ? 69  LYS A C   1 
ATOM   522 O O   . LYS A 1 75  ? 11.10650  -0.69602  5.02570   1.000 78.61173  ? 69  LYS A O   1 
ATOM   523 C CB  . LYS A 1 75  ? 12.73685  0.70819   7.56689   1.000 82.37701  ? 69  LYS A CB  1 
ATOM   524 C CG  . LYS A 1 75  ? 13.77720  0.58761   6.46628   1.000 85.01083  ? 69  LYS A CG  1 
ATOM   525 C CD  . LYS A 1 75  ? 14.96114  -0.29732  6.85388   1.000 89.44884  ? 69  LYS A CD  1 
ATOM   526 C CE  . LYS A 1 75  ? 15.91705  -0.48197  5.67192   1.000 95.14830  ? 69  LYS A CE  1 
ATOM   527 N NZ  . LYS A 1 75  ? 17.13749  0.38998   5.78052   1.000 108.12416 ? 69  LYS A NZ  1 
ATOM   528 N N   . THR A 1 76  ? 10.93560  -1.80257  6.96856   1.000 78.23941  ? 70  THR A N   1 
ATOM   529 C CA  . THR A 1 76  ? 10.78934  -3.09093  6.31314   1.000 79.00458  ? 70  THR A CA  1 
ATOM   530 C C   . THR A 1 76  ? 9.39538   -3.26735  5.72739   1.000 77.40278  ? 70  THR A C   1 
ATOM   531 O O   . THR A 1 76  ? 9.24792   -3.84104  4.64810   1.000 77.03654  ? 70  THR A O   1 
ATOM   532 C CB  . THR A 1 76  ? 11.13209  -4.19138  7.31239   1.000 77.79046  ? 70  THR A CB  1 
ATOM   533 O OG1 . THR A 1 76  ? 12.23835  -3.73404  8.10284   1.000 87.04349  ? 70  THR A OG1 1 
ATOM   534 C CG2 . THR A 1 76  ? 11.52578  -5.47195  6.61166   1.000 75.35889  ? 70  THR A CG2 1 
ATOM   535 N N   . TRP A 1 77  ? 8.36873   -2.77499  6.41580   1.000 77.08840  ? 71  TRP A N   1 
ATOM   536 C CA  . TRP A 1 77  ? 7.02452   -2.74237  5.84733   1.000 77.39749  ? 71  TRP A CA  1 
ATOM   537 C C   . TRP A 1 77  ? 7.00577   -2.07867  4.46855   1.000 78.36041  ? 71  TRP A C   1 
ATOM   538 O O   . TRP A 1 77  ? 6.42919   -2.61620  3.50973   1.000 78.22612  ? 71  TRP A O   1 
ATOM   539 C CB  . TRP A 1 77  ? 6.08205   -1.99912  6.79423   1.000 71.70188  ? 71  TRP A CB  1 
ATOM   540 C CG  . TRP A 1 77  ? 5.96299   -2.65702  8.07426   1.000 74.87585  ? 71  TRP A CG  1 
ATOM   541 C CD1 . TRP A 1 77  ? 6.34579   -3.92382  8.36516   1.000 75.85355  ? 71  TRP A CD1 1 
ATOM   542 C CD2 . TRP A 1 77  ? 5.41803   -2.10964  9.27585   1.000 76.03390  ? 71  TRP A CD2 1 
ATOM   543 N NE1 . TRP A 1 77  ? 6.08102   -4.20492  9.68045   1.000 75.95549  ? 71  TRP A NE1 1 
ATOM   544 C CE2 . TRP A 1 77  ? 5.50942   -3.10560  10.26359  1.000 74.66055  ? 71  TRP A CE2 1 
ATOM   545 C CE3 . TRP A 1 77  ? 4.87926   -0.87025  9.61815   1.000 77.85409  ? 71  TRP A CE3 1 
ATOM   546 C CZ2 . TRP A 1 77  ? 5.06599   -2.90859  11.57039  1.000 74.94363  ? 71  TRP A CZ2 1 
ATOM   547 C CZ3 . TRP A 1 77  ? 4.44690   -0.67134  10.92111  1.000 73.85160  ? 71  TRP A CZ3 1 
ATOM   548 C CH2 . TRP A 1 77  ? 4.52753   -1.69319  11.87542  1.000 75.83378  ? 71  TRP A CH2 1 
ATOM   549 N N   . LYS A 1 78  ? 7.58841   -0.87827  4.37143   1.000 75.65250  ? 72  LYS A N   1 
ATOM   550 C CA  . LYS A 1 78  ? 7.59154   -0.14261  3.11139   1.000 74.71910  ? 72  LYS A CA  1 
ATOM   551 C C   . LYS A 1 78  ? 8.43229   -0.86509  2.06329   1.000 74.49795  ? 72  LYS A C   1 
ATOM   552 O O   . LYS A 1 78  ? 8.02402   -0.97828  0.90102   1.000 78.48982  ? 72  LYS A O   1 
ATOM   553 C CB  . LYS A 1 78  ? 8.10226   1.28887   3.33602   1.000 80.66200  ? 72  LYS A CB  1 
ATOM   554 C CG  . LYS A 1 78  ? 7.76330   2.28513   2.21602   1.000 89.62571  ? 72  LYS A CG  1 
ATOM   555 C CD  . LYS A 1 78  ? 8.39048   3.66698   2.43717   1.000 93.47616  ? 72  LYS A CD  1 
ATOM   556 C CE  . LYS A 1 78  ? 7.36540   4.74668   2.80746   1.000 103.45304 ? 72  LYS A CE  1 
ATOM   557 N NZ  . LYS A 1 78  ? 7.01832   4.76238   4.27285   1.000 107.66985 ? 72  LYS A NZ  1 
ATOM   558 N N   . ALA A 1 79  ? 9.59420   -1.38536  2.46053   1.000 76.03476  ? 73  ALA A N   1 
ATOM   559 C CA  . ALA A 1 79  ? 10.45298  -2.09661  1.52305   1.000 69.91991  ? 73  ALA A CA  1 
ATOM   560 C C   . ALA A 1 79  ? 9.74076   -3.30383  0.93414   1.000 75.24571  ? 73  ALA A C   1 
ATOM   561 O O   . ALA A 1 79  ? 9.80315   -3.54243  -0.28206  1.000 73.78876  ? 73  ALA A O   1 
ATOM   562 C CB  . ALA A 1 79  ? 11.73841  -2.52311  2.22308   1.000 67.52245  ? 73  ALA A CB  1 
ATOM   563 N N   . ASN A 1 80  ? 9.04439   -4.06816  1.78765   1.000 75.45902  ? 74  ASN A N   1 
ATOM   564 C CA  . ASN A 1 80  ? 8.42451   -5.31833  1.37115   1.000 73.24733  ? 74  ASN A CA  1 
ATOM   565 C C   . ASN A 1 80  ? 7.17841   -5.07043  0.54428   1.000 78.06545  ? 74  ASN A C   1 
ATOM   566 O O   . ASN A 1 80  ? 6.91911   -5.79479  -0.42413  1.000 76.18090  ? 74  ASN A O   1 
ATOM   567 C CB  . ASN A 1 80  ? 8.08929   -6.16013  2.59117   1.000 75.05837  ? 74  ASN A CB  1 
ATOM   568 C CG  . ASN A 1 80  ? 9.33393   -6.77135  3.21295   1.000 81.01187  ? 74  ASN A CG  1 
ATOM   569 O OD1 . ASN A 1 80  ? 10.31666  -7.02426  2.51062   1.000 77.62369  ? 74  ASN A OD1 1 
ATOM   570 N ND2 . ASN A 1 80  ? 9.30593   -6.99597  4.53679   1.000 80.53020  ? 74  ASN A ND2 1 
ATOM   571 N N   . PHE A 1 81  ? 6.40235   -4.05095  0.91509   1.000 77.66757  ? 75  PHE A N   1 
ATOM   572 C CA  . PHE A 1 81  ? 5.30102   -3.61391  0.07572   1.000 70.72352  ? 75  PHE A CA  1 
ATOM   573 C C   . PHE A 1 81  ? 5.78604   -3.16526  -1.30393  1.000 78.71348  ? 75  PHE A C   1 
ATOM   574 O O   . PHE A 1 81  ? 5.15809   -3.47837  -2.32949  1.000 77.41475  ? 75  PHE A O   1 
ATOM   575 C CB  . PHE A 1 81  ? 4.55638   -2.49422  0.76959   1.000 71.21654  ? 75  PHE A CB  1 
ATOM   576 C CG  . PHE A 1 81  ? 3.30873   -2.08290  0.05396   1.000 82.46338  ? 75  PHE A CG  1 
ATOM   577 C CD1 . PHE A 1 81  ? 2.12582   -2.77337  0.25903   1.000 80.49799  ? 75  PHE A CD1 1 
ATOM   578 C CD2 . PHE A 1 81  ? 3.31482   -1.01992  -0.83584  1.000 79.79948  ? 75  PHE A CD2 1 
ATOM   579 C CE1 . PHE A 1 81  ? 0.98584   -2.39317  -0.39988  1.000 81.86294  ? 75  PHE A CE1 1 
ATOM   580 C CE2 . PHE A 1 81  ? 2.17614   -0.63686  -1.47860  1.000 77.28782  ? 75  PHE A CE2 1 
ATOM   581 C CZ  . PHE A 1 81  ? 1.01275   -1.31330  -1.26256  1.000 79.85781  ? 75  PHE A CZ  1 
ATOM   582 N N   . ARG A 1 82  ? 6.89744   -2.42503  -1.35883  1.000 75.90900  ? 76  ARG A N   1 
ATOM   583 C CA  . ARG A 1 82  ? 7.42888   -2.04487  -2.66294  1.000 74.07031  ? 76  ARG A CA  1 
ATOM   584 C C   . ARG A 1 82  ? 7.80700   -3.26016  -3.49492  1.000 76.69518  ? 76  ARG A C   1 
ATOM   585 O O   . ARG A 1 82  ? 7.75307   -3.20509  -4.72146  1.000 79.49396  ? 76  ARG A O   1 
ATOM   586 C CB  . ARG A 1 82  ? 8.63366   -1.12817  -2.50570  1.000 73.26473  ? 76  ARG A CB  1 
ATOM   587 C CG  . ARG A 1 82  ? 8.94418   -0.34136  -3.74177  1.000 80.26643  ? 76  ARG A CG  1 
ATOM   588 C CD  . ARG A 1 82  ? 10.28960  0.31834   -3.66222  1.000 76.93866  ? 76  ARG A CD  1 
ATOM   589 N NE  . ARG A 1 82  ? 11.34437  -0.49008  -4.26258  1.000 83.79792  ? 76  ARG A NE  1 
ATOM   590 C CZ  . ARG A 1 82  ? 11.99191  -0.17469  -5.37934  1.000 89.12290  ? 76  ARG A CZ  1 
ATOM   591 N NH1 . ARG A 1 82  ? 11.64470  0.87820   -6.11723  1.000 98.24441  ? 76  ARG A NH1 1 
ATOM   592 N NH2 . ARG A 1 82  ? 13.01846  -0.92696  -5.76269  1.000 82.39235  ? 76  ARG A NH2 1 
ATOM   593 N N   . CYS A 1 83  ? 8.18881   -4.36718  -2.86215  1.000 79.79199  ? 77  CYS A N   1 
ATOM   594 C CA  . CYS A 1 83  ? 8.56987   -5.54235  -3.64073  1.000 81.61928  ? 77  CYS A CA  1 
ATOM   595 C C   . CYS A 1 83  ? 7.33565   -6.21382  -4.20995  1.000 77.92278  ? 77  CYS A C   1 
ATOM   596 O O   . CYS A 1 83  ? 7.30090   -6.55554  -5.39816  1.000 78.18004  ? 77  CYS A O   1 
ATOM   597 C CB  . CYS A 1 83  ? 9.36195   -6.53355  -2.78541  1.000 80.11454  ? 77  CYS A CB  1 
ATOM   598 S SG  . CYS A 1 83  ? 10.98612  -5.92644  -2.32267  1.000 101.49786 ? 77  CYS A SG  1 
ATOM   599 N N   . ALA A 1 84  ? 6.31089   -6.40178  -3.36151  1.000 70.89142  ? 78  ALA A N   1 
ATOM   600 C CA  . ALA A 1 84  ? 5.05664   -7.01883  -3.78267  1.000 69.06501  ? 78  ALA A CA  1 
ATOM   601 C C   . ALA A 1 84  ? 4.39338   -6.20697  -4.88799  1.000 81.32601  ? 78  ALA A C   1 
ATOM   602 O O   . ALA A 1 84  ? 4.04961   -6.74570  -5.94652  1.000 81.43448  ? 78  ALA A O   1 
ATOM   603 C CB  . ALA A 1 84  ? 4.11217   -7.16484  -2.58941  1.000 59.57180  ? 78  ALA A CB  1 
ATOM   604 N N   . LEU A 1 85  ? 4.22802   -4.89849  -4.66508  1.000 80.09975  ? 79  LEU A N   1 
ATOM   605 C CA  . LEU A 1 85  ? 3.52162   -4.06124  -5.62448  1.000 77.51505  ? 79  LEU A CA  1 
ATOM   606 C C   . LEU A 1 85  ? 4.28043   -3.93571  -6.93896  1.000 78.39209  ? 79  LEU A C   1 
ATOM   607 O O   . LEU A 1 85  ? 3.67108   -3.95926  -8.01268  1.000 82.31843  ? 79  LEU A O   1 
ATOM   608 C CB  . LEU A 1 85  ? 3.27031   -2.69407  -5.00616  1.000 81.65286  ? 79  LEU A CB  1 
ATOM   609 C CG  . LEU A 1 85  ? 2.78370   -1.57163  -5.90091  1.000 83.00099  ? 79  LEU A CG  1 
ATOM   610 C CD1 . LEU A 1 85  ? 1.27767   -1.68870  -6.11156  1.000 78.94195  ? 79  LEU A CD1 1 
ATOM   611 C CD2 . LEU A 1 85  ? 3.15064   -0.24772  -5.25224  1.000 80.59426  ? 79  LEU A CD2 1 
ATOM   612 N N   . ASN A 1 86  ? 5.60929   -3.80095  -6.87881  1.000 78.19367  ? 80  ASN A N   1 
ATOM   613 C CA  . ASN A 1 86  ? 6.40281   -3.61807  -8.09286  1.000 81.89817  ? 80  ASN A CA  1 
ATOM   614 C C   . ASN A 1 86  ? 6.43740   -4.87341  -8.95275  1.000 80.81920  ? 80  ASN A C   1 
ATOM   615 O O   . ASN A 1 86  ? 6.74505   -4.78807  -10.14398 1.000 83.96565  ? 80  ASN A O   1 
ATOM   616 C CB  . ASN A 1 86  ? 7.82284   -3.20021  -7.72825  1.000 78.79077  ? 80  ASN A CB  1 
ATOM   617 C CG  . ASN A 1 86  ? 7.97653   -1.69032  -7.61001  1.000 87.04260  ? 80  ASN A CG  1 
ATOM   618 O OD1 . ASN A 1 86  ? 9.06018   -1.19420  -7.27327  1.000 92.17247  ? 80  ASN A OD1 1 
ATOM   619 N ND2 . ASN A 1 86  ? 6.88946   -0.94383  -7.89438  1.000 90.66175  ? 80  ASN A ND2 1 
ATOM   620 N N   . SER A 1 87  ? 6.12156   -6.02857  -8.37730  1.000 81.73117  ? 81  SER A N   1 
ATOM   621 C CA  . SER A 1 87  ? 6.18106   -7.29445  -9.08300  1.000 82.69978  ? 81  SER A CA  1 
ATOM   622 C C   . SER A 1 87  ? 4.81190   -7.74580  -9.55947  1.000 83.38210  ? 81  SER A C   1 
ATOM   623 O O   . SER A 1 87  ? 4.71515   -8.72751  -10.30403 1.000 91.98968  ? 81  SER A O   1 
ATOM   624 C CB  . SER A 1 87  ? 6.79785   -8.37228  -8.18757  1.000 84.70520  ? 81  SER A CB  1 
ATOM   625 O OG  . SER A 1 87  ? 5.84019   -8.85238  -7.26138  1.000 89.92007  ? 81  SER A OG  1 
ATOM   626 N N   . LEU A 1 88  ? 3.75545   -7.06543  -9.13669  1.000 83.93774  ? 82  LEU A N   1 
ATOM   627 C CA  . LEU A 1 88  ? 2.46854   -7.23342  -9.78744  1.000 85.50997  ? 82  LEU A CA  1 
ATOM   628 C C   . LEU A 1 88  ? 2.60060   -6.89015  -11.27185 1.000 89.28064  ? 82  LEU A C   1 
ATOM   629 O O   . LEU A 1 88  ? 3.10653   -5.82151  -11.64870 1.000 85.26242  ? 82  LEU A O   1 
ATOM   630 C CB  . LEU A 1 88  ? 1.41768   -6.35241  -9.10603  1.000 84.69027  ? 82  LEU A CB  1 
ATOM   631 C CG  . LEU A 1 88  ? 0.83447   -6.87374  -7.79490  1.000 86.86144  ? 82  LEU A CG  1 
ATOM   632 C CD1 . LEU A 1 88  ? -0.56456  -6.31274  -7.50638  1.000 88.49580  ? 82  LEU A CD1 1 
ATOM   633 C CD2 . LEU A 1 88  ? 0.79795   -8.38190  -7.81853  1.000 84.40649  ? 82  LEU A CD2 1 
ATOM   634 N N   . THR A 1 89  ? 2.17481   -7.82636  -12.11690 1.000 94.27083  ? 83  THR A N   1 
ATOM   635 C CA  . THR A 1 89  ? 2.11336   -7.55074  -13.54588 1.000 97.46789  ? 83  THR A CA  1 
ATOM   636 C C   . THR A 1 89  ? 0.89754   -6.70756  -13.89241 1.000 92.26962  ? 83  THR A C   1 
ATOM   637 O O   . THR A 1 89  ? 0.97359   -5.87629  -14.80346 1.000 89.19866  ? 83  THR A O   1 
ATOM   638 C CB  . THR A 1 89  ? 2.07862   -8.85340  -14.35541 1.000 97.19328  ? 83  THR A CB  1 
ATOM   639 O OG1 . THR A 1 89  ? 0.72141   -9.28024  -14.51835 1.000 103.53825 ? 83  THR A OG1 1 
ATOM   640 C CG2 . THR A 1 89  ? 2.84654   -9.95892  -13.64372 1.000 94.56488  ? 83  THR A CG2 1 
ATOM   641 N N   . ASP A 1 90  ? -0.21554  -6.89660  -13.16797 1.000 90.80066  ? 84  ASP A N   1 
ATOM   642 C CA  . ASP A 1 90  ? -1.48274  -6.22241  -13.44566 1.000 96.07503  ? 84  ASP A CA  1 
ATOM   643 C C   . ASP A 1 90  ? -1.60344  -4.84565  -12.79326 1.000 92.43257  ? 84  ASP A C   1 
ATOM   644 O O   . ASP A 1 90  ? -2.69390  -4.26955  -12.81898 1.000 92.65418  ? 84  ASP A O   1 
ATOM   645 C CB  . ASP A 1 90  ? -2.66187  -7.10710  -13.01263 1.000 94.78560  ? 84  ASP A CB  1 
ATOM   646 C CG  . ASP A 1 90  ? -2.48042  -7.69054  -11.62823 1.000 102.35384 ? 84  ASP A CG  1 
ATOM   647 O OD1 . ASP A 1 90  ? -1.42935  -7.41353  -10.99288 1.000 99.01883  ? 84  ASP A OD1 1 
ATOM   648 O OD2 . ASP A 1 90  ? -3.38820  -8.43255  -11.18181 1.000 111.63575 ? 84  ASP A OD2 1 
ATOM   649 N N   . VAL A 1 91  ? -0.53585  -4.31215  -12.20012 1.000 92.72320  ? 85  VAL A N   1 
ATOM   650 C CA  . VAL A 1 91  ? -0.51130  -2.94387  -11.70213 1.000 89.65150  ? 85  VAL A CA  1 
ATOM   651 C C   . VAL A 1 91  ? 0.68200   -2.23796  -12.31371 1.000 89.86010  ? 85  VAL A C   1 
ATOM   652 O O   . VAL A 1 91  ? 1.81142   -2.73492  -12.23287 1.000 92.75385  ? 85  VAL A O   1 
ATOM   653 C CB  . VAL A 1 91  ? -0.44973  -2.86340  -10.16763 1.000 86.90691  ? 85  VAL A CB  1 
ATOM   654 C CG1 . VAL A 1 91  ? -0.41509  -1.39795  -9.73787  1.000 87.02042  ? 85  VAL A CG1 1 
ATOM   655 C CG2 . VAL A 1 91  ? -1.65120  -3.55490  -9.54640  1.000 79.04295  ? 85  VAL A CG2 1 
ATOM   656 N N   . LYS A 1 92  ? 0.41986   -1.08540  -12.92327 1.000 89.46164  ? 86  LYS A N   1 
ATOM   657 C CA  . LYS A 1 92  ? 1.40884   -0.24963  -13.58117 1.000 90.30846  ? 86  LYS A CA  1 
ATOM   658 C C   . LYS A 1 92  ? 1.47761   1.10415   -12.88206 1.000 91.90935  ? 86  LYS A C   1 
ATOM   659 O O   . LYS A 1 92  ? 0.44698   1.66300   -12.48250 1.000 87.87114  ? 86  LYS A O   1 
ATOM   660 C CB  . LYS A 1 92  ? 1.05296   -0.05776  -15.06244 1.000 92.01417  ? 86  LYS A CB  1 
ATOM   661 C CG  . LYS A 1 92  ? 1.57759   1.24045   -15.69776 1.000 93.99184  ? 86  LYS A CG  1 
ATOM   662 C CD  . LYS A 1 92  ? 1.22876   1.32774   -17.18766 1.000 99.52687  ? 86  LYS A CD  1 
ATOM   663 C CE  . LYS A 1 92  ? -0.25142  1.64969   -17.43376 1.000 96.25793  ? 86  LYS A CE  1 
ATOM   664 N NZ  . LYS A 1 92  ? -0.57002  1.64141   -18.89322 1.000 93.81029  ? 86  LYS A NZ  1 
ATOM   665 N N   . GLU A 1 93  ? 2.69686   1.62442   -12.73557 1.000 87.71134  ? 87  GLU A N   1 
ATOM   666 C CA  . GLU A 1 93  ? 2.91696   2.95201   -12.18968 1.000 88.63815  ? 87  GLU A CA  1 
ATOM   667 C C   . GLU A 1 93  ? 2.89586   3.97685   -13.32081 1.000 95.69841  ? 87  GLU A C   1 
ATOM   668 O O   . GLU A 1 93  ? 3.55433   3.78538   -14.34773 1.000 98.77942  ? 87  GLU A O   1 
ATOM   669 C CB  . GLU A 1 93  ? 4.24724   3.00283   -11.43098 1.000 90.04723  ? 87  GLU A CB  1 
ATOM   670 C CG  . GLU A 1 93  ? 4.78190   4.42262   -11.21905 1.000 97.59893  ? 87  GLU A CG  1 
ATOM   671 C CD  . GLU A 1 93  ? 5.59139   4.60783   -9.94116  1.000 99.32984  ? 87  GLU A CD  1 
ATOM   672 O OE1 . GLU A 1 93  ? 6.22519   3.63392   -9.47119  1.000 103.99432 ? 87  GLU A OE1 1 
ATOM   673 O OE2 . GLU A 1 93  ? 5.62837   5.74817   -9.42715  1.000 101.04739 ? 87  GLU A OE2 1 
ATOM   674 N N   . LEU A 1 94  ? 2.12185   5.05127   -13.13668 1.000 95.66142  ? 88  LEU A N   1 
ATOM   675 C CA  . LEU A 1 94  ? 2.17542   6.22730   -14.00406 1.000 95.04069  ? 88  LEU A CA  1 
ATOM   676 C C   . LEU A 1 94  ? 3.29114   7.14235   -13.51885 1.000 101.89556 ? 88  LEU A C   1 
ATOM   677 O O   . LEU A 1 94  ? 3.31608   7.51827   -12.33988 1.000 109.37135 ? 88  LEU A O   1 
ATOM   678 C CB  . LEU A 1 94  ? 0.85391   7.00323   -13.98334 1.000 93.25486  ? 88  LEU A CB  1 
ATOM   679 C CG  . LEU A 1 94  ? -0.45424  6.45944   -14.57122 1.000 100.28750 ? 88  LEU A CG  1 
ATOM   680 C CD1 . LEU A 1 94  ? -0.87470  5.13542   -13.93519 1.000 94.66307  ? 88  LEU A CD1 1 
ATOM   681 C CD2 . LEU A 1 94  ? -1.58515  7.49701   -14.45862 1.000 97.99585  ? 88  LEU A CD2 1 
ATOM   682 N N   . GLN A 1 95  ? 4.19845   7.52383   -14.41283 1.000 102.40242 ? 89  GLN A N   1 
ATOM   683 C CA  . GLN A 1 95  ? 5.29280   8.39165   -14.00266 1.000 114.46685 ? 89  GLN A CA  1 
ATOM   684 C C   . GLN A 1 95  ? 5.38650   9.61692   -14.89927 1.000 121.25561 ? 89  GLN A C   1 
ATOM   685 O O   . GLN A 1 95  ? 5.16804   9.53872   -16.11542 1.000 118.18686 ? 89  GLN A O   1 
ATOM   686 C CB  . GLN A 1 95  ? 6.63713   7.63333   -13.96359 1.000 120.37786 ? 89  GLN A CB  1 
ATOM   687 C CG  . GLN A 1 95  ? 6.85032   6.85193   -12.64865 1.000 113.55164 ? 89  GLN A CG  1 
ATOM   688 C CD  . GLN A 1 95  ? 8.03827   5.89933   -12.69019 1.000 117.68754 ? 89  GLN A CD  1 
ATOM   689 O OE1 . GLN A 1 95  ? 8.56259   5.60192   -13.76128 1.000 122.30472 ? 89  GLN A OE1 1 
ATOM   690 N NE2 . GLN A 1 95  ? 8.45433   5.40012   -11.52101 1.000 118.21524 ? 89  GLN A NE2 1 
ATOM   691 N N   . ASP A 1 96  ? 5.71998   10.74353  -14.25120 1.000 119.53132 ? 90  ASP A N   1 
ATOM   692 C CA  . ASP A 1 96  ? 5.78526   12.10375  -14.80704 1.000 120.96596 ? 90  ASP A CA  1 
ATOM   693 C C   . ASP A 1 96  ? 6.09084   12.20939  -16.30191 1.000 130.16146 ? 90  ASP A C   1 
ATOM   694 O O   . ASP A 1 96  ? 6.03948   13.29815  -16.87967 1.000 134.52806 ? 90  ASP A O   1 
ATOM   695 C CB  . ASP A 1 96  ? 6.83812   12.90489  -14.03395 1.000 125.39339 ? 90  ASP A CB  1 
ATOM   696 C CG  . ASP A 1 96  ? 6.33634   13.36521  -12.67963 1.000 128.75211 ? 90  ASP A CG  1 
ATOM   697 O OD1 . ASP A 1 96  ? 5.17902   13.04138  -12.34541 1.000 128.82165 ? 90  ASP A OD1 1 
ATOM   698 O OD2 . ASP A 1 96  ? 7.08649   14.05589  -11.95711 1.000 134.76321 ? 90  ASP A OD2 1 
ATOM   699 N N   . ALA A 1 105 ? 6.28855   12.78875  -3.24059  1.000 102.97673 ? 99  ALA A N   1 
ATOM   700 C CA  . ALA A 1 105 ? 5.71467   12.26501  -1.99565  1.000 101.86359 ? 99  ALA A CA  1 
ATOM   701 C C   . ALA A 1 105 ? 4.45705   11.42726  -2.23334  1.000 102.24086 ? 99  ALA A C   1 
ATOM   702 O O   . ALA A 1 105 ? 3.77001   11.05923  -1.26463  1.000 102.18336 ? 99  ALA A O   1 
ATOM   703 C CB  . ALA A 1 105 ? 5.39368   13.40725  -1.02195  1.000 106.32399 ? 99  ALA A CB  1 
ATOM   704 N N   . PHE A 1 106 ? 4.15171   11.14957  -3.50879  1.000 94.51825  ? 100 PHE A N   1 
ATOM   705 C CA  . PHE A 1 106 ? 3.03138   10.29752  -3.90127  1.000 90.71769  ? 100 PHE A CA  1 
ATOM   706 C C   . PHE A 1 106 ? 3.39612   9.51022   -5.15772  1.000 95.09460  ? 100 PHE A C   1 
ATOM   707 O O   . PHE A 1 106 ? 4.11030   10.00061  -6.03792  1.000 96.11470  ? 100 PHE A O   1 
ATOM   708 C CB  . PHE A 1 106 ? 1.71662   11.06260  -4.21841  1.000 95.65652  ? 100 PHE A CB  1 
ATOM   709 C CG  . PHE A 1 106 ? 0.98832   11.63706  -3.01299  1.000 97.82336  ? 100 PHE A CG  1 
ATOM   710 C CD1 . PHE A 1 106 ? 1.31770   12.89638  -2.50080  1.000 94.42656  ? 100 PHE A CD1 1 
ATOM   711 C CD2 . PHE A 1 106 ? -0.03126  10.90969  -2.39387  1.000 95.03968  ? 100 PHE A CD2 1 
ATOM   712 C CE1 . PHE A 1 106 ? 0.64151   13.41852  -1.40481  1.000 91.18552  ? 100 PHE A CE1 1 
ATOM   713 C CE2 . PHE A 1 106 ? -0.71496  11.42268  -1.27886  1.000 94.88192  ? 100 PHE A CE2 1 
ATOM   714 C CZ  . PHE A 1 106 ? -0.37548  12.67667  -0.78541  1.000 94.97300  ? 100 PHE A CZ  1 
ATOM   715 N N   . ARG A 1 107 ? 2.86662   8.29346   -5.25543  1.000 96.26417  ? 101 ARG A N   1 
ATOM   716 C CA  . ARG A 1 107 ? 2.97262   7.47760   -6.45778  1.000 93.08799  ? 101 ARG A CA  1 
ATOM   717 C C   . ARG A 1 107 ? 1.57734   7.28151   -7.04282  1.000 83.72219  ? 101 ARG A C   1 
ATOM   718 O O   . ARG A 1 107 ? 0.60927   7.07346   -6.30512  1.000 84.61599  ? 101 ARG A O   1 
ATOM   719 C CB  . ARG A 1 107 ? 3.60077   6.11501   -6.14137  1.000 98.30188  ? 101 ARG A CB  1 
ATOM   720 C CG  . ARG A 1 107 ? 4.94433   6.10125   -5.41458  1.000 94.92418  ? 101 ARG A CG  1 
ATOM   721 C CD  . ARG A 1 107 ? 6.10983   6.32046   -6.37667  1.000 106.08599 ? 101 ARG A CD  1 
ATOM   722 N NE  . ARG A 1 107 ? 7.32815   5.64120   -5.93103  1.000 110.20161 ? 101 ARG A NE  1 
ATOM   723 C CZ  . ARG A 1 107 ? 8.41102   6.25429   -5.46560  1.000 112.92410 ? 101 ARG A CZ  1 
ATOM   724 N NH1 . ARG A 1 107 ? 8.47230   7.57577   -5.36828  1.000 114.98836 ? 101 ARG A NH1 1 
ATOM   725 N NH2 . ARG A 1 107 ? 9.45670   5.52430   -5.08120  1.000 112.74587 ? 101 ARG A NH2 1 
ATOM   726 N N   . VAL A 1 108 ? 1.46838   7.35048   -8.36386  1.000 82.23198  ? 102 VAL A N   1 
ATOM   727 C CA  . VAL A 1 108 ? 0.20135   7.15071   -9.05984  1.000 81.79368  ? 102 VAL A CA  1 
ATOM   728 C C   . VAL A 1 108 ? 0.26215   5.84479   -9.82625  1.000 85.06636  ? 102 VAL A C   1 
ATOM   729 O O   . VAL A 1 108 ? 1.13150   5.66393   -10.68791 1.000 84.85063  ? 102 VAL A O   1 
ATOM   730 C CB  . VAL A 1 108 ? -0.11846  8.31304   -10.00013 1.000 87.39030  ? 102 VAL A CB  1 
ATOM   731 C CG1 . VAL A 1 108 ? -1.57467  8.26888   -10.38876 1.000 86.44844  ? 102 VAL A CG1 1 
ATOM   732 C CG2 . VAL A 1 108 ? 0.18918   9.61599   -9.29116  1.000 85.14438  ? 102 VAL A CG2 1 
ATOM   733 N N   . TYR A 1 109 ? -0.66702  4.94083   -9.51795  1.000 83.85374  ? 103 TYR A N   1 
ATOM   734 C CA  . TYR A 1 109 ? -0.73840  3.62833   -10.14615 1.000 89.80011  ? 103 TYR A CA  1 
ATOM   735 C C   . TYR A 1 109 ? -2.08351  3.44789   -10.84888 1.000 87.42309  ? 103 TYR A C   1 
ATOM   736 O O   . TYR A 1 109 ? -3.08346  4.07774   -10.49775 1.000 80.92902  ? 103 TYR A O   1 
ATOM   737 C CB  . TYR A 1 109 ? -0.53182  2.49310   -9.11603  1.000 86.67807  ? 103 TYR A CB  1 
ATOM   738 C CG  . TYR A 1 109 ? 0.73353   2.61896   -8.27550  1.000 89.89483  ? 103 TYR A CG  1 
ATOM   739 C CD1 . TYR A 1 109 ? 1.94843   2.09010   -8.71233  1.000 86.95490  ? 103 TYR A CD1 1 
ATOM   740 C CD2 . TYR A 1 109 ? 0.71135   3.26669   -7.05069  1.000 88.37588  ? 103 TYR A CD2 1 
ATOM   741 C CE1 . TYR A 1 109 ? 3.09398   2.21060   -7.96402  1.000 82.02183  ? 103 TYR A CE1 1 
ATOM   742 C CE2 . TYR A 1 109 ? 1.85440   3.38643   -6.29177  1.000 90.50049  ? 103 TYR A CE2 1 
ATOM   743 C CZ  . TYR A 1 109 ? 3.05424   2.86381   -6.75563  1.000 89.63017  ? 103 TYR A CZ  1 
ATOM   744 O OH  . TYR A 1 109 ? 4.20955   2.98940   -5.98799  1.000 93.82151  ? 103 TYR A OH  1 
ATOM   745 N N   . ALA A 1 110 ? -2.09623  2.57480   -11.85637 1.000 85.00293  ? 104 ALA A N   1 
ATOM   746 C CA  . ALA A 1 110 ? -3.32183  2.15811   -12.52685 1.000 85.30343  ? 104 ALA A CA  1 
ATOM   747 C C   . ALA A 1 110 ? -3.48192  0.64425   -12.43437 1.000 88.97082  ? 104 ALA A C   1 
ATOM   748 O O   . ALA A 1 110 ? -2.54747  -0.10745  -12.73245 1.000 92.88159  ? 104 ALA A O   1 
ATOM   749 C CB  . ALA A 1 110 ? -3.33444  2.59065   -13.99238 1.000 86.85423  ? 104 ALA A CB  1 
ATOM   750 N N   . LEU A 1 111 ? -4.67011  0.20312   -12.02810 1.000 89.66509  ? 105 LEU A N   1 
ATOM   751 C CA  . LEU A 1 111 ? -5.01347  -1.21316  -12.01787 1.000 94.67216  ? 105 LEU A CA  1 
ATOM   752 C C   . LEU A 1 111 ? -5.29859  -1.70052  -13.43403 1.000 96.64311  ? 105 LEU A C   1 
ATOM   753 O O   . LEU A 1 111 ? -6.02409  -1.05671  -14.19121 1.000 100.76906 ? 105 LEU A O   1 
ATOM   754 C CB  . LEU A 1 111 ? -6.24358  -1.44694  -11.14178 1.000 92.94018  ? 105 LEU A CB  1 
ATOM   755 C CG  . LEU A 1 111 ? -6.08367  -1.14936  -9.65281  1.000 93.73306  ? 105 LEU A CG  1 
ATOM   756 C CD1 . LEU A 1 111 ? -7.30137  -1.66386  -8.89583  1.000 99.31342  ? 105 LEU A CD1 1 
ATOM   757 C CD2 . LEU A 1 111 ? -4.82201  -1.78978  -9.12869  1.000 84.75786  ? 105 LEU A CD2 1 
ATOM   758 N N   . LEU A 1 112 ? -4.73869  -2.84414  -13.79317 1.000 97.50565  ? 106 LEU A N   1 
ATOM   759 C CA  . LEU A 1 112 ? -5.02743  -3.40282  -15.10786 1.000 95.33879  ? 106 LEU A CA  1 
ATOM   760 C C   . LEU A 1 112 ? -5.00991  -4.93988  -15.09913 1.000 102.29038 ? 106 LEU A C   1 
ATOM   761 O O   . LEU A 1 112 ? -5.93399  -5.58207  -14.56998 1.000 100.67257 ? 106 LEU A O   1 
ATOM   762 C CB  . LEU A 1 112 ? -4.05395  -2.82678  -16.15394 1.000 89.14681  ? 106 LEU A CB  1 
ATOM   763 C CG  . LEU A 1 112 ? -2.55641  -3.04526  -16.32295 1.000 87.67518  ? 106 LEU A CG  1 
ATOM   764 C CD1 . LEU A 1 112 ? -2.15584  -2.25430  -17.52497 1.000 98.38623  ? 106 LEU A CD1 1 
ATOM   765 C CD2 . LEU A 1 112 ? -1.75559  -2.53985  -15.16800 1.000 97.50778  ? 106 LEU A CD2 1 
HETATM 766 O O   . HOH B 2 .   ? 12.04675  3.32299   -6.78930  1.000 62.86028  ? 201 HOH A O   1 
# 
